data_6VKK
#
_entry.id   6VKK
#
_cell.length_a   104.267
_cell.length_b   107.902
_cell.length_c   142.845
_cell.angle_alpha   90.000
_cell.angle_beta   90.000
_cell.angle_gamma   90.000
#
_symmetry.space_group_name_H-M   'P 21 21 21'
#
loop_
_entity.id
_entity.type
_entity.pdbx_description
1 polymer 'Poly [ADP-ribose] polymerase 1'
2 non-polymer Rucaparib
3 non-polymer GLYCEROL
4 non-polymer 'SULFATE ION'
5 water water
#
_entity_poly.entity_id   1
_entity_poly.type   'polypeptide(L)'
_entity_poly.pdbx_seq_one_letter_code
;MGSSHHHHHHSSGLVPRGSHMTKSKLPKPVQDLIKMIFDVESMKKAMVEYEIDLQKMPLGKLSKRQIQAAYSILSEVQQA
VSQGSSDSQILDLSNRFYTLIPHDFGMKKPPLLNNADSVQAKAEMLDNLLDIEVAYSLLRGGSDDSSKDPIDVNYEKLKT
DIKVVDRDSEEAEIIRKYVKNTHATTHNAYDLEVIDIFKIEREGECQRYKPFKQLHNRRLLWHGSRTTNFAGILSQGLRI
APPEAPVTGYMFGKGIYFADMVSKSANYCHTSQGDPIGLILLGEVALGNMYELKHASHISKLPKGKHSVKGLGKTTPDPS
ANISLDGVDVPLGTGISSGVNDTSLLYNEYIVYDIAQVNLKYLLKLKFNFKT
;
_entity_poly.pdbx_strand_id   A,D,C,B
#
# COMPACT_ATOMS: atom_id res chain seq x y z
N LYS A 23 0.99 52.07 -30.14
CA LYS A 23 2.13 51.71 -31.03
C LYS A 23 2.30 50.18 -31.07
N SER A 24 2.13 49.52 -29.91
CA SER A 24 2.20 48.03 -29.74
C SER A 24 1.32 47.35 -30.79
N LYS A 25 1.92 46.50 -31.63
CA LYS A 25 1.23 45.75 -32.71
C LYS A 25 0.84 44.35 -32.24
N LEU A 26 1.13 44.01 -30.97
CA LEU A 26 0.77 42.70 -30.36
C LEU A 26 -0.75 42.59 -30.26
N PRO A 27 -1.33 41.39 -30.49
CA PRO A 27 -2.78 41.20 -30.30
C PRO A 27 -3.22 41.54 -28.87
N LYS A 28 -4.46 42.03 -28.71
CA LYS A 28 -5.00 42.51 -27.41
C LYS A 28 -4.82 41.44 -26.34
N PRO A 29 -5.24 40.17 -26.56
CA PRO A 29 -5.09 39.11 -25.54
C PRO A 29 -3.65 38.94 -25.03
N VAL A 30 -2.66 39.12 -25.91
CA VAL A 30 -1.21 39.00 -25.57
C VAL A 30 -0.81 40.22 -24.71
N GLN A 31 -1.30 41.41 -25.05
CA GLN A 31 -1.05 42.65 -24.26
C GLN A 31 -1.61 42.46 -22.85
N ASP A 32 -2.85 41.95 -22.75
CA ASP A 32 -3.54 41.67 -21.46
C ASP A 32 -2.72 40.66 -20.65
N LEU A 33 -2.16 39.64 -21.31
CA LEU A 33 -1.30 38.60 -20.66
C LEU A 33 -0.04 39.27 -20.07
N ILE A 34 0.62 40.14 -20.83
CA ILE A 34 1.86 40.85 -20.41
C ILE A 34 1.56 41.72 -19.18
N LYS A 35 0.46 42.49 -19.20
CA LYS A 35 0.03 43.34 -18.06
C LYS A 35 -0.20 42.46 -16.82
N MET A 36 -0.88 41.33 -17.00
CA MET A 36 -1.22 40.35 -15.93
C MET A 36 0.05 39.80 -15.26
N ILE A 37 1.08 39.47 -16.03
CA ILE A 37 2.33 38.77 -15.57
C ILE A 37 3.31 39.77 -14.93
N PHE A 38 3.29 41.03 -15.37
CA PHE A 38 4.20 42.09 -14.87
C PHE A 38 3.44 43.06 -13.96
N ASP A 39 2.35 42.60 -13.34
CA ASP A 39 1.46 43.42 -12.47
C ASP A 39 2.15 43.61 -11.12
N VAL A 40 2.71 44.80 -10.88
CA VAL A 40 3.48 45.12 -9.64
C VAL A 40 2.54 45.08 -8.44
N GLU A 41 1.29 45.50 -8.62
CA GLU A 41 0.26 45.54 -7.53
C GLU A 41 -0.03 44.12 -7.04
N SER A 42 -0.10 43.13 -7.94
CA SER A 42 -0.27 41.69 -7.62
C SER A 42 0.91 41.20 -6.78
N MET A 43 2.14 41.63 -7.13
CA MET A 43 3.39 41.28 -6.42
C MET A 43 3.32 41.79 -4.98
N LYS A 44 2.96 43.06 -4.78
CA LYS A 44 2.90 43.71 -3.45
C LYS A 44 1.79 43.08 -2.62
N LYS A 45 0.64 42.79 -3.24
CA LYS A 45 -0.53 42.14 -2.58
C LYS A 45 -0.11 40.77 -2.05
N ALA A 46 0.60 39.98 -2.86
CA ALA A 46 1.13 38.66 -2.47
C ALA A 46 2.00 38.83 -1.21
N MET A 47 2.92 39.80 -1.22
CA MET A 47 3.90 40.02 -0.12
C MET A 47 3.16 40.45 1.15
N VAL A 48 2.13 41.30 1.03
CA VAL A 48 1.29 41.73 2.17
C VAL A 48 0.58 40.49 2.77
N GLU A 49 0.01 39.64 1.91
CA GLU A 49 -0.69 38.39 2.34
C GLU A 49 0.27 37.50 3.13
N TYR A 50 1.52 37.39 2.69
CA TYR A 50 2.60 36.61 3.35
C TYR A 50 3.05 37.30 4.65
N GLU A 51 2.63 38.54 4.89
CA GLU A 51 2.99 39.37 6.06
C GLU A 51 4.49 39.70 6.02
N ILE A 52 5.05 39.85 4.82
CA ILE A 52 6.46 40.30 4.60
C ILE A 52 6.53 41.80 4.92
N ASP A 53 7.62 42.23 5.55
CA ASP A 53 7.88 43.68 5.79
C ASP A 53 8.41 44.29 4.50
N LEU A 54 7.54 44.99 3.75
CA LEU A 54 7.83 45.59 2.41
C LEU A 54 8.86 46.72 2.54
N GLN A 55 9.04 47.33 3.72
CA GLN A 55 10.03 48.41 3.94
C GLN A 55 11.42 47.78 4.16
N LYS A 56 11.48 46.69 4.93
CA LYS A 56 12.76 46.02 5.31
C LYS A 56 13.23 45.11 4.17
N MET A 57 12.30 44.48 3.45
CA MET A 57 12.61 43.72 2.21
C MET A 57 11.72 44.19 1.06
N PRO A 58 12.03 45.34 0.42
CA PRO A 58 11.35 45.72 -0.81
C PRO A 58 11.69 44.75 -1.96
N LEU A 59 10.90 44.78 -3.03
CA LEU A 59 10.99 43.88 -4.21
C LEU A 59 12.41 43.94 -4.78
N GLY A 60 12.98 45.14 -4.85
CA GLY A 60 14.31 45.40 -5.47
C GLY A 60 15.47 44.90 -4.62
N LYS A 61 15.23 44.55 -3.35
CA LYS A 61 16.28 44.12 -2.39
C LYS A 61 16.27 42.60 -2.20
N LEU A 62 15.28 41.88 -2.75
CA LEU A 62 15.26 40.39 -2.78
C LEU A 62 16.57 39.90 -3.40
N SER A 63 17.26 38.96 -2.74
CA SER A 63 18.62 38.48 -3.11
C SER A 63 18.66 36.95 -3.02
N LYS A 64 19.29 36.30 -4.00
CA LYS A 64 19.36 34.82 -4.11
C LYS A 64 20.05 34.24 -2.87
N ARG A 65 21.15 34.87 -2.43
CA ARG A 65 22.02 34.37 -1.32
C ARG A 65 21.24 34.39 0.00
N GLN A 66 20.40 35.41 0.24
CA GLN A 66 19.63 35.54 1.50
C GLN A 66 18.50 34.49 1.50
N ILE A 67 17.85 34.28 0.34
CA ILE A 67 16.74 33.30 0.17
C ILE A 67 17.33 31.89 0.30
N GLN A 68 18.50 31.65 -0.28
CA GLN A 68 19.26 30.38 -0.15
C GLN A 68 19.50 30.08 1.33
N ALA A 69 20.01 31.05 2.08
CA ALA A 69 20.29 30.95 3.54
C ALA A 69 18.99 30.68 4.31
N ALA A 70 17.88 31.30 3.88
CA ALA A 70 16.54 31.12 4.49
C ALA A 70 16.06 29.67 4.29
N TYR A 71 16.24 29.11 3.09
CA TYR A 71 15.88 27.71 2.76
C TYR A 71 16.62 26.76 3.73
N SER A 72 17.93 26.95 3.89
CA SER A 72 18.81 26.14 4.77
C SER A 72 18.29 26.15 6.20
N ILE A 73 17.91 27.33 6.71
CA ILE A 73 17.34 27.48 8.08
C ILE A 73 16.02 26.69 8.17
N LEU A 74 15.15 26.76 7.16
CA LEU A 74 13.85 26.04 7.13
C LEU A 74 14.11 24.52 7.17
N SER A 75 15.18 24.05 6.51
CA SER A 75 15.61 22.62 6.52
C SER A 75 16.02 22.22 7.95
N GLU A 76 16.76 23.08 8.64
CA GLU A 76 17.16 22.87 10.07
C GLU A 76 15.91 22.83 10.95
N VAL A 77 14.93 23.69 10.70
CA VAL A 77 13.65 23.75 11.46
C VAL A 77 12.91 22.41 11.26
N GLN A 78 12.76 21.99 9.99
CA GLN A 78 12.09 20.73 9.61
C GLN A 78 12.76 19.57 10.35
N GLN A 79 14.09 19.54 10.37
CA GLN A 79 14.90 18.48 11.03
C GLN A 79 14.69 18.54 12.56
N ALA A 80 14.71 19.75 13.14
CA ALA A 80 14.50 19.99 14.59
C ALA A 80 13.11 19.50 15.02
N VAL A 81 12.08 19.78 14.23
CA VAL A 81 10.65 19.45 14.57
C VAL A 81 10.45 17.93 14.55
N SER A 82 10.85 17.24 13.48
CA SER A 82 10.66 15.77 13.31
C SER A 82 11.55 15.00 14.31
N GLN A 83 12.70 15.59 14.68
CA GLN A 83 13.66 15.00 15.66
C GLN A 83 13.16 15.20 17.10
N GLY A 84 12.18 16.09 17.30
CA GLY A 84 11.62 16.40 18.63
C GLY A 84 12.59 17.20 19.48
N SER A 85 13.27 18.17 18.86
CA SER A 85 14.27 19.06 19.50
C SER A 85 13.58 19.95 20.56
N SER A 86 14.36 20.55 21.45
CA SER A 86 13.89 21.46 22.54
C SER A 86 13.20 22.69 21.91
N ASP A 87 12.33 23.35 22.68
CA ASP A 87 11.61 24.58 22.25
C ASP A 87 12.61 25.71 22.05
N SER A 88 13.70 25.71 22.83
CA SER A 88 14.80 26.71 22.78
C SER A 88 15.45 26.73 21.39
N GLN A 89 15.84 25.55 20.87
CA GLN A 89 16.57 25.41 19.59
C GLN A 89 15.60 25.68 18.43
N ILE A 90 14.32 25.32 18.58
CA ILE A 90 13.24 25.61 17.58
C ILE A 90 13.01 27.13 17.54
N LEU A 91 12.85 27.76 18.70
CA LEU A 91 12.67 29.23 18.83
C LEU A 91 13.87 29.95 18.20
N ASP A 92 15.09 29.51 18.50
CA ASP A 92 16.36 30.06 17.95
C ASP A 92 16.29 30.05 16.42
N LEU A 93 16.02 28.89 15.82
CA LEU A 93 15.98 28.70 14.35
C LEU A 93 14.85 29.55 13.76
N SER A 94 13.70 29.57 14.42
CA SER A 94 12.48 30.34 14.01
C SER A 94 12.83 31.84 13.96
N ASN A 95 13.56 32.34 14.96
CA ASN A 95 14.02 33.76 15.05
C ASN A 95 15.07 34.04 13.97
N ARG A 96 15.94 33.08 13.67
CA ARG A 96 17.00 33.20 12.64
C ARG A 96 16.33 33.36 11.27
N PHE A 97 15.28 32.59 10.99
CA PHE A 97 14.50 32.68 9.73
C PHE A 97 13.93 34.10 9.57
N TYR A 98 13.27 34.61 10.61
CA TYR A 98 12.59 35.94 10.61
C TYR A 98 13.61 37.08 10.53
N THR A 99 14.86 36.83 10.97
CA THR A 99 15.99 37.79 10.81
C THR A 99 16.38 37.86 9.33
N LEU A 100 16.52 36.73 8.65
CA LEU A 100 16.86 36.65 7.20
C LEU A 100 15.72 37.24 6.35
N ILE A 101 14.46 36.92 6.69
CA ILE A 101 13.26 37.29 5.89
C ILE A 101 12.33 38.10 6.80
N PRO A 102 12.51 39.43 6.89
CA PRO A 102 11.71 40.26 7.79
C PRO A 102 10.21 40.20 7.46
N HIS A 103 9.42 39.97 8.53
CA HIS A 103 7.95 39.89 8.52
C HIS A 103 7.40 41.04 9.37
N ASP A 104 6.14 41.41 9.14
CA ASP A 104 5.39 42.43 9.92
C ASP A 104 4.03 41.84 10.28
N PHE A 105 3.88 41.39 11.52
CA PHE A 105 2.67 40.69 12.02
C PHE A 105 1.75 41.70 12.71
N GLY A 106 2.16 42.98 12.72
CA GLY A 106 1.42 44.09 13.37
C GLY A 106 1.30 43.87 14.86
N MET A 107 0.07 43.73 15.35
CA MET A 107 -0.25 43.56 16.80
C MET A 107 0.13 42.14 17.24
N LYS A 108 -0.11 41.15 16.36
CA LYS A 108 0.16 39.71 16.60
C LYS A 108 1.68 39.48 16.66
N LYS A 109 2.11 38.54 17.51
CA LYS A 109 3.53 38.11 17.67
C LYS A 109 3.87 37.11 16.56
N PRO A 110 5.17 36.94 16.22
CA PRO A 110 5.57 36.12 15.07
C PRO A 110 5.27 34.64 15.27
N PRO A 111 4.48 34.00 14.36
CA PRO A 111 4.15 32.58 14.48
C PRO A 111 5.39 31.68 14.57
N LEU A 112 5.45 30.84 15.61
CA LEU A 112 6.55 29.88 15.85
C LEU A 112 6.54 28.79 14.75
N LEU A 113 7.68 28.60 14.08
CA LEU A 113 7.87 27.55 13.03
C LEU A 113 8.23 26.23 13.72
N ASN A 114 7.22 25.49 14.18
CA ASN A 114 7.40 24.28 15.03
C ASN A 114 6.58 23.10 14.51
N ASN A 115 6.16 23.12 13.24
CA ASN A 115 5.48 21.97 12.57
C ASN A 115 5.85 21.96 11.08
N ALA A 116 5.64 20.81 10.44
CA ALA A 116 6.00 20.54 9.03
C ALA A 116 5.19 21.45 8.10
N ASP A 117 3.90 21.64 8.37
CA ASP A 117 2.97 22.45 7.52
C ASP A 117 3.46 23.91 7.48
N SER A 118 3.82 24.49 8.64
CA SER A 118 4.36 25.86 8.76
C SER A 118 5.69 25.97 7.99
N VAL A 119 6.57 24.98 8.09
CA VAL A 119 7.88 24.95 7.37
C VAL A 119 7.60 24.91 5.85
N GLN A 120 6.67 24.06 5.42
CA GLN A 120 6.33 23.91 3.98
C GLN A 120 5.73 25.22 3.44
N ALA A 121 4.85 25.86 4.20
CA ALA A 121 4.20 27.15 3.84
C ALA A 121 5.28 28.22 3.63
N LYS A 122 6.31 28.28 4.47
CA LYS A 122 7.41 29.28 4.36
C LYS A 122 8.32 28.93 3.17
N ALA A 123 8.54 27.64 2.89
CA ALA A 123 9.37 27.18 1.75
C ALA A 123 8.67 27.60 0.45
N GLU A 124 7.36 27.38 0.36
CA GLU A 124 6.53 27.72 -0.82
C GLU A 124 6.46 29.24 -0.97
N MET A 125 6.42 30.00 0.12
CA MET A 125 6.52 31.49 0.08
C MET A 125 7.84 31.88 -0.58
N LEU A 126 8.97 31.29 -0.16
CA LEU A 126 10.32 31.59 -0.73
C LEU A 126 10.33 31.27 -2.23
N ASP A 127 9.77 30.13 -2.64
CA ASP A 127 9.66 29.71 -4.05
C ASP A 127 8.98 30.85 -4.85
N ASN A 128 7.87 31.38 -4.33
CA ASN A 128 7.04 32.42 -4.98
C ASN A 128 7.82 33.75 -4.97
N LEU A 129 8.49 34.08 -3.88
CA LEU A 129 9.29 35.33 -3.73
C LEU A 129 10.40 35.39 -4.77
N LEU A 130 11.08 34.27 -5.00
CA LEU A 130 12.20 34.18 -5.97
C LEU A 130 11.70 34.55 -7.38
N ASP A 131 10.53 34.03 -7.77
CA ASP A 131 9.94 34.29 -9.11
C ASP A 131 9.42 35.74 -9.17
N ILE A 132 8.91 36.28 -8.06
CA ILE A 132 8.49 37.71 -7.96
C ILE A 132 9.71 38.60 -8.15
N GLU A 133 10.85 38.24 -7.54
CA GLU A 133 12.15 38.98 -7.68
C GLU A 133 12.57 38.97 -9.15
N VAL A 134 12.47 37.82 -9.82
CA VAL A 134 12.81 37.67 -11.28
C VAL A 134 11.93 38.63 -12.08
N ALA A 135 10.61 38.66 -11.81
CA ALA A 135 9.62 39.49 -12.53
C ALA A 135 9.96 40.97 -12.37
N TYR A 136 10.23 41.40 -11.13
CA TYR A 136 10.52 42.80 -10.77
C TYR A 136 11.86 43.25 -11.36
N SER A 137 12.88 42.38 -11.32
CA SER A 137 14.25 42.66 -11.85
C SER A 137 14.19 42.85 -13.37
N LEU A 138 13.47 41.97 -14.08
CA LEU A 138 13.18 42.10 -15.54
C LEU A 138 12.53 43.46 -15.81
N LEU A 139 11.45 43.76 -15.07
CA LEU A 139 10.56 44.93 -15.29
C LEU A 139 11.37 46.24 -15.16
N ARG A 140 12.37 46.29 -14.28
CA ARG A 140 13.17 47.51 -13.99
C ARG A 140 14.56 47.41 -14.62
N GLY A 141 14.84 46.34 -15.37
CA GLY A 141 16.14 46.10 -16.04
C GLY A 141 16.36 47.06 -17.18
N SER A 147 10.54 55.28 -26.67
CA SER A 147 10.63 54.99 -28.13
C SER A 147 9.69 53.84 -28.50
N LYS A 148 9.83 52.69 -27.82
CA LYS A 148 8.95 51.49 -27.97
C LYS A 148 7.92 51.46 -26.83
N ASP A 149 6.75 50.89 -27.10
CA ASP A 149 5.64 50.72 -26.12
C ASP A 149 6.14 49.86 -24.97
N PRO A 150 5.98 50.29 -23.69
CA PRO A 150 6.36 49.49 -22.54
C PRO A 150 5.91 48.02 -22.60
N ILE A 151 4.73 47.74 -23.19
CA ILE A 151 4.16 46.37 -23.33
C ILE A 151 5.09 45.54 -24.23
N ASP A 152 5.52 46.11 -25.36
CA ASP A 152 6.43 45.47 -26.35
C ASP A 152 7.79 45.22 -25.70
N VAL A 153 8.29 46.20 -24.92
CA VAL A 153 9.61 46.12 -24.22
C VAL A 153 9.60 44.92 -23.27
N ASN A 154 8.54 44.79 -22.46
CA ASN A 154 8.40 43.75 -21.41
C ASN A 154 8.15 42.39 -22.07
N TYR A 155 7.41 42.36 -23.18
CA TYR A 155 7.19 41.14 -24.01
C TYR A 155 8.55 40.53 -24.39
N GLU A 156 9.47 41.34 -24.90
CA GLU A 156 10.80 40.90 -25.39
C GLU A 156 11.63 40.30 -24.24
N LYS A 157 11.46 40.82 -23.02
CA LYS A 157 12.20 40.37 -21.81
C LYS A 157 11.80 38.94 -21.42
N LEU A 158 10.63 38.44 -21.84
CA LEU A 158 10.18 37.05 -21.56
C LEU A 158 10.93 36.05 -22.45
N LYS A 159 11.58 36.53 -23.51
CA LYS A 159 12.36 35.70 -24.48
C LYS A 159 11.50 34.49 -24.88
N THR A 160 10.23 34.74 -25.18
CA THR A 160 9.20 33.72 -25.52
C THR A 160 8.32 34.27 -26.65
N ASP A 161 8.18 33.50 -27.74
CA ASP A 161 7.19 33.78 -28.80
C ASP A 161 5.81 33.39 -28.26
N ILE A 162 4.85 34.31 -28.25
CA ILE A 162 3.46 34.09 -27.75
C ILE A 162 2.48 34.42 -28.88
N LYS A 163 1.74 33.42 -29.37
CA LYS A 163 0.70 33.57 -30.43
C LYS A 163 -0.64 33.13 -29.86
N VAL A 164 -1.73 33.80 -30.26
CA VAL A 164 -3.13 33.45 -29.91
C VAL A 164 -3.55 32.26 -30.77
N VAL A 165 -4.08 31.21 -30.15
CA VAL A 165 -4.71 30.05 -30.86
C VAL A 165 -6.17 30.45 -31.15
N ASP A 166 -6.58 30.38 -32.40
CA ASP A 166 -7.94 30.76 -32.86
C ASP A 166 -8.97 29.86 -32.18
N ARG A 167 -10.01 30.45 -31.61
CA ARG A 167 -11.14 29.76 -30.91
C ARG A 167 -11.78 28.70 -31.82
N ASP A 168 -11.85 28.94 -33.14
CA ASP A 168 -12.58 28.06 -34.09
C ASP A 168 -11.68 26.93 -34.61
N SER A 169 -10.37 26.95 -34.28
CA SER A 169 -9.38 25.96 -34.74
C SER A 169 -9.63 24.61 -34.08
N GLU A 170 -9.25 23.52 -34.74
CA GLU A 170 -9.30 22.13 -34.18
C GLU A 170 -8.36 22.08 -32.96
N GLU A 171 -7.29 22.88 -32.98
CA GLU A 171 -6.28 23.01 -31.90
C GLU A 171 -7.00 23.44 -30.60
N ALA A 172 -7.79 24.51 -30.67
CA ALA A 172 -8.58 25.07 -29.54
C ALA A 172 -9.63 24.04 -29.06
N GLU A 173 -10.29 23.35 -29.99
CA GLU A 173 -11.33 22.33 -29.69
C GLU A 173 -10.71 21.22 -28.84
N ILE A 174 -9.53 20.74 -29.21
CA ILE A 174 -8.81 19.64 -28.49
C ILE A 174 -8.49 20.10 -27.06
N ILE A 175 -7.97 21.31 -26.92
CA ILE A 175 -7.55 21.89 -25.61
C ILE A 175 -8.79 22.13 -24.73
N ARG A 176 -9.86 22.70 -25.27
CA ARG A 176 -11.13 22.93 -24.52
C ARG A 176 -11.68 21.58 -24.04
N LYS A 177 -11.60 20.54 -24.87
CA LYS A 177 -12.09 19.16 -24.55
C LYS A 177 -11.25 18.57 -23.40
N TYR A 178 -9.93 18.80 -23.43
CA TYR A 178 -8.98 18.35 -22.38
C TYR A 178 -9.39 18.99 -21.04
N VAL A 179 -9.68 20.29 -21.04
CA VAL A 179 -10.16 21.06 -19.86
C VAL A 179 -11.51 20.48 -19.38
N LYS A 180 -12.48 20.32 -20.28
CA LYS A 180 -13.85 19.87 -19.95
C LYS A 180 -13.83 18.44 -19.40
N ASN A 181 -13.08 17.53 -20.03
CA ASN A 181 -13.15 16.08 -19.74
C ASN A 181 -12.40 15.72 -18.45
N THR A 182 -11.33 16.44 -18.10
CA THR A 182 -10.38 16.02 -17.04
C THR A 182 -10.54 16.88 -15.78
N HIS A 183 -11.69 17.53 -15.60
CA HIS A 183 -12.07 18.19 -14.32
C HIS A 183 -12.49 17.09 -13.35
N ALA A 184 -11.76 16.92 -12.24
CA ALA A 184 -11.99 15.84 -11.24
C ALA A 184 -13.33 16.06 -10.52
N THR A 185 -14.03 14.97 -10.19
CA THR A 185 -15.36 14.96 -9.52
C THR A 185 -15.23 15.56 -8.11
N THR A 186 -14.08 15.39 -7.45
CA THR A 186 -13.82 15.80 -6.05
C THR A 186 -13.33 17.25 -5.96
N HIS A 187 -13.04 17.90 -7.09
CA HIS A 187 -12.65 19.34 -7.17
C HIS A 187 -13.87 20.16 -7.60
N ASN A 188 -14.87 20.25 -6.73
CA ASN A 188 -16.21 20.80 -7.05
C ASN A 188 -16.36 22.21 -6.47
N ALA A 189 -15.26 22.86 -6.08
CA ALA A 189 -15.25 24.23 -5.49
C ALA A 189 -15.41 25.28 -6.60
N TYR A 190 -15.06 24.94 -7.84
CA TYR A 190 -15.11 25.87 -9.00
C TYR A 190 -15.38 25.10 -10.30
N ASP A 191 -15.91 25.83 -11.29
CA ASP A 191 -15.98 25.45 -12.72
C ASP A 191 -14.89 26.21 -13.46
N LEU A 192 -14.38 25.65 -14.57
CA LEU A 192 -13.33 26.29 -15.40
C LEU A 192 -13.92 26.73 -16.73
N GLU A 193 -13.54 27.93 -17.17
CA GLU A 193 -13.88 28.51 -18.48
C GLU A 193 -12.57 29.00 -19.13
N VAL A 194 -12.26 28.48 -20.33
CA VAL A 194 -11.08 28.92 -21.14
C VAL A 194 -11.40 30.30 -21.71
N ILE A 195 -10.61 31.32 -21.34
CA ILE A 195 -10.73 32.71 -21.89
C ILE A 195 -9.89 32.78 -23.16
N ASP A 196 -8.58 32.54 -23.05
CA ASP A 196 -7.60 32.61 -24.17
C ASP A 196 -6.69 31.39 -24.14
N ILE A 197 -6.29 30.92 -25.32
CA ILE A 197 -5.26 29.85 -25.51
C ILE A 197 -4.09 30.47 -26.27
N PHE A 198 -2.90 30.41 -25.69
CA PHE A 198 -1.63 30.93 -26.29
C PHE A 198 -0.73 29.75 -26.63
N LYS A 199 -0.18 29.76 -27.84
CA LYS A 199 0.94 28.87 -28.26
C LYS A 199 2.25 29.61 -27.94
N ILE A 200 3.15 28.96 -27.19
CA ILE A 200 4.38 29.60 -26.64
C ILE A 200 5.62 28.81 -27.09
N GLU A 201 6.71 29.51 -27.39
CA GLU A 201 8.03 28.93 -27.73
C GLU A 201 9.11 29.69 -26.96
N ARG A 202 9.60 29.13 -25.85
CA ARG A 202 10.70 29.74 -25.06
C ARG A 202 12.00 29.65 -25.86
N GLU A 203 12.73 30.76 -25.98
CA GLU A 203 14.06 30.79 -26.66
C GLU A 203 14.98 29.78 -25.98
N GLY A 204 15.67 28.95 -26.78
CA GLY A 204 16.64 27.95 -26.30
C GLY A 204 16.00 26.63 -25.90
N GLU A 205 14.67 26.56 -25.75
CA GLU A 205 14.03 25.34 -25.17
C GLU A 205 14.05 24.19 -26.18
N CYS A 206 13.83 24.48 -27.47
CA CYS A 206 13.85 23.48 -28.57
C CYS A 206 15.22 22.78 -28.59
N GLN A 207 16.32 23.54 -28.57
CA GLN A 207 17.71 23.00 -28.59
C GLN A 207 17.93 22.15 -27.34
N ARG A 208 17.47 22.64 -26.18
CA ARG A 208 17.62 21.95 -24.86
C ARG A 208 16.82 20.63 -24.87
N TYR A 209 15.62 20.63 -25.46
CA TYR A 209 14.69 19.48 -25.49
C TYR A 209 15.14 18.44 -26.53
N LYS A 210 15.94 18.84 -27.52
CA LYS A 210 16.30 18.05 -28.73
C LYS A 210 16.66 16.61 -28.36
N PRO A 211 17.56 16.35 -27.37
CA PRO A 211 17.96 14.97 -27.05
C PRO A 211 16.78 14.07 -26.63
N PHE A 212 15.78 14.64 -25.94
CA PHE A 212 14.62 13.92 -25.37
C PHE A 212 13.50 13.83 -26.42
N LYS A 213 13.61 14.57 -27.52
CA LYS A 213 12.54 14.73 -28.54
C LYS A 213 12.20 13.39 -29.18
N GLN A 214 13.15 12.45 -29.21
CA GLN A 214 12.93 11.11 -29.84
C GLN A 214 12.70 10.06 -28.76
N LEU A 215 12.60 10.44 -27.49
CA LEU A 215 12.23 9.51 -26.37
C LEU A 215 10.76 9.10 -26.60
N HIS A 216 10.40 7.87 -26.30
CA HIS A 216 9.01 7.35 -26.37
C HIS A 216 8.19 7.95 -25.22
N ASN A 217 6.87 7.80 -25.30
CA ASN A 217 5.94 8.16 -24.21
C ASN A 217 6.07 9.67 -23.92
N ARG A 218 5.94 10.50 -24.96
CA ARG A 218 5.83 11.97 -24.82
C ARG A 218 4.35 12.32 -24.64
N ARG A 219 4.04 13.11 -23.61
CA ARG A 219 2.64 13.36 -23.16
C ARG A 219 2.43 14.86 -22.92
N LEU A 220 1.27 15.37 -23.36
CA LEU A 220 0.84 16.77 -23.12
C LEU A 220 0.12 16.80 -21.77
N LEU A 221 0.75 17.46 -20.79
CA LEU A 221 0.33 17.43 -19.37
C LEU A 221 0.20 18.86 -18.82
N TRP A 222 -0.60 18.99 -17.76
CA TRP A 222 -0.93 20.27 -17.09
C TRP A 222 0.15 20.61 -16.06
N HIS A 223 0.44 21.91 -15.92
CA HIS A 223 1.26 22.47 -14.82
C HIS A 223 0.65 23.82 -14.40
N GLY A 224 0.08 23.84 -13.19
CA GLY A 224 -0.49 25.05 -12.56
C GLY A 224 0.53 25.77 -11.72
N SER A 225 0.44 27.09 -11.65
CA SER A 225 1.30 27.96 -10.79
C SER A 225 0.61 29.30 -10.57
N ARG A 226 0.97 30.01 -9.50
CA ARG A 226 0.51 31.39 -9.22
C ARG A 226 0.89 32.29 -10.40
N THR A 227 0.02 33.24 -10.74
CA THR A 227 0.21 34.21 -11.85
C THR A 227 1.52 34.98 -11.66
N THR A 228 1.88 35.29 -10.41
CA THR A 228 3.10 36.08 -10.05
C THR A 228 4.38 35.27 -10.35
N ASN A 229 4.28 34.01 -10.74
CA ASN A 229 5.44 33.15 -11.08
C ASN A 229 5.74 33.15 -12.58
N PHE A 230 4.82 33.64 -13.43
CA PHE A 230 4.84 33.32 -14.88
C PHE A 230 5.92 34.11 -15.64
N ALA A 231 6.32 35.29 -15.15
CA ALA A 231 7.47 36.03 -15.72
C ALA A 231 8.73 35.17 -15.58
N GLY A 232 8.92 34.59 -14.39
CA GLY A 232 10.02 33.66 -14.08
C GLY A 232 9.92 32.39 -14.91
N ILE A 233 8.73 31.81 -15.01
CA ILE A 233 8.50 30.53 -15.75
C ILE A 233 8.79 30.75 -17.23
N LEU A 234 8.27 31.82 -17.83
CA LEU A 234 8.48 32.07 -19.29
C LEU A 234 9.94 32.43 -19.58
N SER A 235 10.60 33.22 -18.72
CA SER A 235 11.99 33.68 -18.99
C SER A 235 12.99 32.55 -18.68
N GLN A 236 12.75 31.71 -17.67
CA GLN A 236 13.74 30.69 -17.19
C GLN A 236 13.23 29.25 -17.35
N GLY A 237 11.95 29.05 -17.67
CA GLY A 237 11.35 27.71 -17.82
C GLY A 237 11.01 27.09 -16.47
N LEU A 238 10.40 25.92 -16.44
CA LEU A 238 10.11 25.18 -15.19
C LEU A 238 11.46 24.71 -14.61
N ARG A 239 11.64 24.88 -13.30
CA ARG A 239 12.92 24.63 -12.59
C ARG A 239 12.67 23.68 -11.43
N ILE A 240 13.74 23.06 -10.94
CA ILE A 240 13.71 22.09 -9.80
C ILE A 240 14.13 22.82 -8.53
N ALA A 241 13.48 22.52 -7.41
CA ALA A 241 13.79 23.08 -6.08
C ALA A 241 15.28 22.85 -5.79
N PRO A 242 15.98 23.84 -5.20
CA PRO A 242 17.39 23.66 -4.83
C PRO A 242 17.59 22.67 -3.68
N PRO A 243 18.81 22.11 -3.54
CA PRO A 243 19.14 21.19 -2.45
C PRO A 243 18.81 21.71 -1.04
N GLU A 244 19.00 23.01 -0.80
CA GLU A 244 18.87 23.65 0.53
C GLU A 244 17.39 23.70 0.95
N ALA A 245 16.45 23.62 -0.01
CA ALA A 245 14.99 23.61 0.28
C ALA A 245 14.66 22.38 1.13
N PRO A 246 13.75 22.51 2.13
CA PRO A 246 13.34 21.37 2.94
C PRO A 246 12.56 20.34 2.11
N VAL A 247 12.56 19.10 2.59
CA VAL A 247 12.02 17.90 1.85
C VAL A 247 10.50 17.83 2.00
N THR A 248 9.90 18.58 2.95
CA THR A 248 8.46 18.47 3.32
C THR A 248 7.56 18.79 2.12
N GLY A 249 6.60 17.90 1.82
CA GLY A 249 5.61 18.06 0.74
C GLY A 249 6.11 17.67 -0.64
N TYR A 250 7.38 17.25 -0.82
CA TYR A 250 7.84 16.65 -2.10
C TYR A 250 7.60 15.13 -2.07
N MET A 251 6.40 14.70 -2.42
CA MET A 251 5.94 13.29 -2.36
C MET A 251 6.91 12.37 -3.13
N PHE A 252 7.43 12.81 -4.28
CA PHE A 252 8.34 12.05 -5.15
C PHE A 252 9.67 12.80 -5.34
N GLY A 253 10.06 13.58 -4.34
CA GLY A 253 11.34 14.31 -4.30
C GLY A 253 11.31 15.57 -5.16
N LYS A 254 12.48 16.15 -5.36
CA LYS A 254 12.63 17.46 -6.05
C LYS A 254 12.68 17.21 -7.56
N GLY A 255 11.56 17.46 -8.23
CA GLY A 255 11.44 17.39 -9.69
C GLY A 255 10.40 18.36 -10.19
N ILE A 256 10.03 18.27 -11.45
CA ILE A 256 8.93 19.06 -12.06
C ILE A 256 7.70 18.14 -12.12
N TYR A 257 6.60 18.58 -11.48
CA TYR A 257 5.33 17.83 -11.30
C TYR A 257 4.31 18.28 -12.34
N PHE A 258 3.60 17.32 -12.93
CA PHE A 258 2.52 17.53 -13.92
C PHE A 258 1.33 16.63 -13.59
N ALA A 259 0.13 17.05 -14.01
CA ALA A 259 -1.13 16.30 -13.88
C ALA A 259 -1.68 15.97 -15.27
N ASP A 260 -2.50 14.91 -15.37
CA ASP A 260 -3.31 14.64 -16.58
C ASP A 260 -4.77 15.10 -16.31
N MET A 261 -5.08 15.53 -15.09
CA MET A 261 -6.39 16.14 -14.71
C MET A 261 -6.21 17.65 -14.53
N VAL A 262 -6.90 18.46 -15.33
CA VAL A 262 -6.75 19.95 -15.37
C VAL A 262 -6.97 20.52 -13.96
N SER A 263 -7.92 19.99 -13.19
CA SER A 263 -8.32 20.56 -11.87
C SER A 263 -7.25 20.30 -10.81
N LYS A 264 -6.50 19.20 -10.92
CA LYS A 264 -5.38 18.90 -10.00
C LYS A 264 -4.31 19.99 -10.16
N SER A 265 -4.00 20.36 -11.40
CA SER A 265 -3.04 21.45 -11.72
C SER A 265 -3.65 22.82 -11.42
N ALA A 266 -4.93 23.04 -11.75
CA ALA A 266 -5.62 24.34 -11.59
C ALA A 266 -5.63 24.77 -10.12
N ASN A 267 -5.68 23.81 -9.20
CA ASN A 267 -5.63 24.04 -7.73
C ASN A 267 -4.34 24.80 -7.36
N TYR A 268 -3.24 24.58 -8.09
CA TYR A 268 -1.91 25.20 -7.79
C TYR A 268 -1.82 26.62 -8.39
N CYS A 269 -2.83 27.09 -9.10
CA CYS A 269 -2.98 28.51 -9.53
C CYS A 269 -3.25 29.39 -8.30
N HIS A 270 -3.76 28.81 -7.21
CA HIS A 270 -4.14 29.49 -5.94
C HIS A 270 -4.99 30.72 -6.28
N THR A 271 -5.99 30.56 -7.15
CA THR A 271 -6.98 31.60 -7.48
C THR A 271 -8.02 31.63 -6.35
N SER A 272 -8.74 32.75 -6.25
CA SER A 272 -9.79 32.99 -5.23
C SER A 272 -10.92 33.81 -5.87
N GLN A 273 -12.04 33.96 -5.17
CA GLN A 273 -13.22 34.73 -5.65
C GLN A 273 -12.79 36.16 -5.99
N GLY A 274 -11.83 36.71 -5.23
CA GLY A 274 -11.29 38.07 -5.39
C GLY A 274 -10.41 38.22 -6.63
N ASP A 275 -9.78 37.12 -7.06
CA ASP A 275 -8.84 37.08 -8.22
C ASP A 275 -9.06 35.77 -8.97
N PRO A 276 -10.20 35.60 -9.68
CA PRO A 276 -10.59 34.30 -10.23
C PRO A 276 -9.99 33.95 -11.60
N ILE A 277 -8.97 34.69 -12.05
CA ILE A 277 -8.27 34.47 -13.35
C ILE A 277 -6.91 33.83 -13.05
N GLY A 278 -6.66 32.65 -13.63
CA GLY A 278 -5.41 31.88 -13.44
C GLY A 278 -4.75 31.54 -14.76
N LEU A 279 -3.46 31.22 -14.70
CA LEU A 279 -2.65 30.76 -15.86
C LEU A 279 -2.23 29.32 -15.61
N ILE A 280 -2.36 28.48 -16.64
CA ILE A 280 -1.99 27.04 -16.57
C ILE A 280 -1.25 26.68 -17.85
N LEU A 281 -0.23 25.84 -17.73
CA LEU A 281 0.63 25.43 -18.87
C LEU A 281 0.18 24.06 -19.37
N LEU A 282 0.30 23.84 -20.68
CA LEU A 282 0.41 22.49 -21.28
C LEU A 282 1.85 22.32 -21.75
N GLY A 283 2.56 21.37 -21.15
CA GLY A 283 3.94 21.01 -21.51
C GLY A 283 3.97 19.65 -22.17
N GLU A 284 4.78 19.52 -23.22
CA GLU A 284 5.19 18.20 -23.75
C GLU A 284 6.28 17.67 -22.81
N VAL A 285 6.00 16.56 -22.12
CA VAL A 285 6.95 15.94 -21.15
C VAL A 285 7.43 14.62 -21.75
N ALA A 286 8.74 14.47 -21.92
CA ALA A 286 9.39 13.22 -22.39
C ALA A 286 9.49 12.26 -21.20
N LEU A 287 8.47 11.43 -20.99
CA LEU A 287 8.33 10.54 -19.82
C LEU A 287 9.20 9.28 -20.01
N GLY A 288 9.31 8.79 -21.25
CA GLY A 288 10.01 7.53 -21.56
C GLY A 288 9.54 6.39 -20.66
N ASN A 289 10.47 5.62 -20.11
CA ASN A 289 10.21 4.50 -19.17
C ASN A 289 9.85 5.06 -17.79
N MET A 290 8.58 4.94 -17.41
CA MET A 290 8.02 5.50 -16.16
C MET A 290 8.28 4.53 -15.00
N TYR A 291 8.86 5.04 -13.91
CA TYR A 291 8.93 4.39 -12.58
C TYR A 291 7.57 4.61 -11.90
N GLU A 292 6.75 3.56 -11.86
CA GLU A 292 5.34 3.62 -11.41
C GLU A 292 5.30 3.37 -9.90
N LEU A 293 4.78 4.33 -9.14
CA LEU A 293 4.75 4.31 -7.66
C LEU A 293 3.33 4.61 -7.18
N LYS A 294 2.91 3.93 -6.11
CA LYS A 294 1.57 4.10 -5.47
C LYS A 294 1.70 4.99 -4.22
N HIS A 295 2.91 5.17 -3.69
CA HIS A 295 3.17 5.80 -2.37
C HIS A 295 4.40 6.70 -2.42
N ALA A 296 4.52 7.65 -1.49
CA ALA A 296 5.61 8.64 -1.39
C ALA A 296 6.96 7.91 -1.41
N SER A 297 7.91 8.43 -2.21
CA SER A 297 9.32 8.00 -2.26
C SER A 297 10.14 9.21 -2.70
N HIS A 298 11.07 9.68 -1.86
CA HIS A 298 11.87 10.90 -2.15
C HIS A 298 13.02 10.51 -3.08
N ILE A 299 12.81 10.65 -4.39
CA ILE A 299 13.73 10.18 -5.47
C ILE A 299 14.94 11.12 -5.51
N SER A 300 16.13 10.62 -5.17
CA SER A 300 17.44 11.29 -5.37
C SER A 300 17.96 10.91 -6.75
N LYS A 301 17.86 9.61 -7.09
CA LYS A 301 18.25 9.09 -8.43
C LYS A 301 17.27 8.00 -8.91
N LEU A 302 16.76 8.17 -10.12
CA LEU A 302 15.85 7.20 -10.78
C LEU A 302 16.60 5.87 -10.92
N PRO A 303 15.90 4.72 -10.90
CA PRO A 303 16.51 3.47 -11.34
C PRO A 303 17.08 3.63 -12.76
N LYS A 304 18.21 2.96 -13.05
CA LYS A 304 18.84 3.01 -14.39
C LYS A 304 17.83 2.54 -15.42
N GLY A 305 17.63 3.32 -16.48
CA GLY A 305 16.72 2.99 -17.60
C GLY A 305 15.34 3.62 -17.42
N LYS A 306 15.09 4.29 -16.29
CA LYS A 306 13.84 5.05 -16.03
C LYS A 306 14.10 6.54 -16.28
N HIS A 307 13.11 7.25 -16.84
CA HIS A 307 13.25 8.68 -17.24
C HIS A 307 12.29 9.57 -16.45
N SER A 308 11.35 8.99 -15.70
CA SER A 308 10.28 9.74 -15.01
C SER A 308 9.65 8.87 -13.92
N VAL A 309 8.91 9.51 -13.01
CA VAL A 309 8.00 8.82 -12.06
C VAL A 309 6.56 9.10 -12.49
N LYS A 310 5.73 8.08 -12.47
CA LYS A 310 4.24 8.21 -12.50
C LYS A 310 3.70 7.80 -11.14
N GLY A 311 3.13 8.75 -10.39
CA GLY A 311 2.27 8.46 -9.23
C GLY A 311 0.93 7.94 -9.72
N LEU A 312 0.53 6.73 -9.32
CA LEU A 312 -0.67 6.04 -9.85
C LEU A 312 -1.90 6.47 -9.04
N GLY A 313 -2.84 7.13 -9.71
CA GLY A 313 -4.15 7.53 -9.13
C GLY A 313 -5.18 6.39 -9.20
N LYS A 314 -6.21 6.47 -8.38
CA LYS A 314 -7.39 5.57 -8.42
C LYS A 314 -8.18 5.86 -9.70
N THR A 315 -8.11 7.10 -10.20
CA THR A 315 -8.83 7.58 -11.40
C THR A 315 -7.81 8.03 -12.45
N THR A 316 -8.05 7.63 -13.71
CA THR A 316 -7.16 7.91 -14.86
C THR A 316 -8.02 8.28 -16.07
N PRO A 317 -7.58 9.23 -16.92
CA PRO A 317 -8.27 9.52 -18.18
C PRO A 317 -8.45 8.25 -19.01
N ASP A 318 -9.66 8.03 -19.55
CA ASP A 318 -9.99 6.82 -20.36
C ASP A 318 -8.96 6.69 -21.47
N PRO A 319 -8.05 5.68 -21.42
CA PRO A 319 -7.01 5.54 -22.44
C PRO A 319 -7.54 5.34 -23.86
N SER A 320 -8.75 4.81 -24.03
CA SER A 320 -9.40 4.58 -25.35
C SER A 320 -9.71 5.92 -26.04
N ALA A 321 -9.77 7.02 -25.27
CA ALA A 321 -10.02 8.39 -25.77
C ALA A 321 -8.71 9.17 -25.97
N ASN A 322 -7.55 8.53 -25.73
CA ASN A 322 -6.22 9.14 -25.98
C ASN A 322 -6.13 9.54 -27.46
N ILE A 323 -5.62 10.75 -27.72
CA ILE A 323 -5.48 11.38 -29.06
C ILE A 323 -4.02 11.78 -29.27
N SER A 324 -3.61 11.91 -30.52
CA SER A 324 -2.27 12.37 -30.94
C SER A 324 -2.39 13.80 -31.48
N LEU A 325 -1.75 14.76 -30.82
CA LEU A 325 -1.65 16.19 -31.27
C LEU A 325 -0.18 16.47 -31.63
N ASP A 326 0.13 16.59 -32.92
CA ASP A 326 1.49 16.89 -33.43
C ASP A 326 2.49 15.87 -32.84
N GLY A 327 2.14 14.59 -32.90
CA GLY A 327 3.01 13.46 -32.52
C GLY A 327 3.10 13.25 -31.01
N VAL A 328 2.28 13.95 -30.22
CA VAL A 328 2.31 13.90 -28.72
C VAL A 328 0.96 13.36 -28.21
N ASP A 329 0.97 12.46 -27.22
CA ASP A 329 -0.26 11.87 -26.63
C ASP A 329 -0.95 12.90 -25.72
N VAL A 330 -2.26 13.09 -25.94
CA VAL A 330 -3.14 13.99 -25.14
C VAL A 330 -4.17 13.11 -24.45
N PRO A 331 -4.04 12.87 -23.12
CA PRO A 331 -4.97 12.00 -22.39
C PRO A 331 -6.22 12.79 -21.96
N LEU A 332 -7.08 13.13 -22.93
CA LEU A 332 -8.26 14.00 -22.71
C LEU A 332 -9.51 13.15 -22.47
N GLY A 333 -9.35 11.84 -22.21
CA GLY A 333 -10.47 10.94 -21.85
C GLY A 333 -11.06 11.31 -20.51
N THR A 334 -12.37 11.07 -20.32
CA THR A 334 -13.06 11.23 -19.02
C THR A 334 -12.43 10.29 -18.00
N GLY A 335 -12.38 10.72 -16.73
CA GLY A 335 -11.83 9.93 -15.62
C GLY A 335 -12.60 8.65 -15.43
N ILE A 336 -11.90 7.51 -15.48
CA ILE A 336 -12.43 6.16 -15.16
C ILE A 336 -11.55 5.54 -14.07
N SER A 337 -12.03 4.47 -13.46
CA SER A 337 -11.25 3.65 -12.50
C SER A 337 -10.00 3.10 -13.20
N SER A 338 -8.82 3.34 -12.63
CA SER A 338 -7.57 2.63 -13.00
C SER A 338 -7.70 1.21 -12.43
N GLY A 339 -6.67 0.38 -12.46
CA GLY A 339 -6.73 -0.95 -11.80
C GLY A 339 -6.51 -0.85 -10.29
N VAL A 340 -6.10 0.33 -9.80
CA VAL A 340 -5.29 0.50 -8.57
C VAL A 340 -6.19 0.99 -7.44
N ASN A 341 -6.42 0.17 -6.41
CA ASN A 341 -7.14 0.56 -5.17
C ASN A 341 -6.13 0.93 -4.07
N ASP A 342 -4.94 0.32 -4.09
CA ASP A 342 -3.94 0.38 -2.98
C ASP A 342 -2.95 1.53 -3.24
N THR A 343 -3.46 2.76 -3.39
CA THR A 343 -2.66 3.96 -3.73
C THR A 343 -2.98 5.13 -2.79
N SER A 344 -1.99 5.99 -2.56
CA SER A 344 -2.08 7.23 -1.77
C SER A 344 -2.78 8.33 -2.57
N LEU A 345 -2.87 8.20 -3.89
CA LEU A 345 -3.30 9.28 -4.82
C LEU A 345 -4.70 8.99 -5.38
N LEU A 346 -5.54 10.03 -5.46
CA LEU A 346 -6.85 9.98 -6.16
C LEU A 346 -6.61 10.04 -7.67
N TYR A 347 -5.63 10.83 -8.11
CA TYR A 347 -5.35 11.16 -9.52
C TYR A 347 -3.85 10.97 -9.81
N ASN A 348 -3.53 10.70 -11.06
CA ASN A 348 -2.14 10.48 -11.52
C ASN A 348 -1.30 11.75 -11.24
N GLU A 349 0.01 11.57 -11.18
CA GLU A 349 0.99 12.67 -11.27
C GLU A 349 2.24 12.14 -11.95
N TYR A 350 2.95 13.05 -12.61
CA TYR A 350 4.15 12.75 -13.44
C TYR A 350 5.27 13.69 -13.02
N ILE A 351 6.46 13.13 -12.77
CA ILE A 351 7.63 13.90 -12.29
C ILE A 351 8.83 13.58 -13.18
N VAL A 352 9.52 14.61 -13.66
CA VAL A 352 10.86 14.49 -14.33
C VAL A 352 11.88 15.24 -13.47
N TYR A 353 13.13 14.80 -13.51
CA TYR A 353 14.22 15.26 -12.61
C TYR A 353 15.31 15.94 -13.44
N ASP A 354 15.03 16.20 -14.73
CA ASP A 354 15.91 16.96 -15.65
C ASP A 354 15.02 18.00 -16.35
N ILE A 355 15.38 19.29 -16.20
CA ILE A 355 14.62 20.45 -16.74
C ILE A 355 14.51 20.34 -18.27
N ALA A 356 15.46 19.65 -18.93
CA ALA A 356 15.53 19.51 -20.40
C ALA A 356 14.44 18.57 -20.93
N GLN A 357 13.74 17.83 -20.06
CA GLN A 357 12.70 16.83 -20.47
C GLN A 357 11.34 17.50 -20.66
N VAL A 358 11.26 18.82 -20.52
CA VAL A 358 10.00 19.60 -20.67
C VAL A 358 10.11 20.56 -21.86
N ASN A 359 9.12 20.55 -22.74
CA ASN A 359 8.94 21.56 -23.82
C ASN A 359 7.56 22.21 -23.65
N LEU A 360 7.50 23.45 -23.14
CA LEU A 360 6.21 24.17 -22.92
C LEU A 360 5.58 24.48 -24.28
N LYS A 361 4.30 24.16 -24.47
CA LYS A 361 3.58 24.26 -25.77
C LYS A 361 2.49 25.35 -25.70
N TYR A 362 1.65 25.32 -24.67
CA TYR A 362 0.49 26.24 -24.53
C TYR A 362 0.43 26.84 -23.13
N LEU A 363 -0.11 28.06 -23.06
CA LEU A 363 -0.47 28.79 -21.83
C LEU A 363 -1.95 29.15 -21.96
N LEU A 364 -2.78 28.71 -21.01
CA LEU A 364 -4.24 28.98 -20.98
C LEU A 364 -4.51 30.04 -19.91
N LYS A 365 -5.28 31.06 -20.26
CA LYS A 365 -5.93 31.97 -19.27
C LYS A 365 -7.30 31.36 -18.95
N LEU A 366 -7.48 30.90 -17.71
CA LEU A 366 -8.73 30.26 -17.23
C LEU A 366 -9.49 31.22 -16.30
N LYS A 367 -10.81 31.30 -16.48
CA LYS A 367 -11.76 31.88 -15.49
C LYS A 367 -12.15 30.75 -14.52
N PHE A 368 -11.98 30.98 -13.23
CA PHE A 368 -12.48 30.11 -12.13
C PHE A 368 -13.82 30.66 -11.65
N ASN A 369 -14.91 29.94 -11.91
CA ASN A 369 -16.28 30.27 -11.44
C ASN A 369 -16.55 29.47 -10.16
N PHE A 370 -16.38 30.11 -8.99
CA PHE A 370 -16.58 29.48 -7.65
C PHE A 370 -18.07 29.39 -7.36
N LYS A 371 -18.47 28.32 -6.66
CA LYS A 371 -19.91 27.90 -6.52
C LYS A 371 -20.53 28.60 -5.32
N THR A 372 -19.72 29.05 -4.36
CA THR A 372 -20.16 29.72 -3.09
C THR A 372 -21.12 28.80 -2.33
N LYS B 23 -37.67 29.14 36.05
CA LYS B 23 -37.97 27.91 36.84
C LYS B 23 -36.88 26.86 36.59
N SER B 24 -36.40 26.73 35.35
CA SER B 24 -35.33 25.80 34.92
C SER B 24 -34.11 25.93 35.85
N LYS B 25 -33.74 24.84 36.52
CA LYS B 25 -32.61 24.77 37.49
C LYS B 25 -31.34 24.29 36.79
N LEU B 26 -31.40 24.00 35.48
CA LEU B 26 -30.23 23.55 34.67
C LEU B 26 -29.21 24.68 34.59
N PRO B 27 -27.90 24.37 34.63
CA PRO B 27 -26.86 25.39 34.44
C PRO B 27 -27.00 26.08 33.08
N LYS B 28 -26.61 27.35 33.00
CA LYS B 28 -26.75 28.21 31.80
C LYS B 28 -26.15 27.51 30.57
N PRO B 29 -24.90 26.99 30.61
CA PRO B 29 -24.31 26.33 29.44
C PRO B 29 -25.15 25.17 28.89
N VAL B 30 -25.82 24.43 29.77
CA VAL B 30 -26.71 23.27 29.39
C VAL B 30 -27.96 23.83 28.72
N GLN B 31 -28.54 24.92 29.24
CA GLN B 31 -29.73 25.59 28.65
C GLN B 31 -29.35 26.05 27.23
N ASP B 32 -28.20 26.71 27.07
CA ASP B 32 -27.67 27.20 25.77
C ASP B 32 -27.51 26.02 24.80
N LEU B 33 -27.02 24.87 25.28
CA LEU B 33 -26.84 23.65 24.46
C LEU B 33 -28.20 23.16 23.95
N ILE B 34 -29.22 23.11 24.82
CA ILE B 34 -30.60 22.65 24.48
C ILE B 34 -31.18 23.56 23.38
N LYS B 35 -31.07 24.89 23.56
CA LYS B 35 -31.56 25.89 22.57
C LYS B 35 -30.87 25.67 21.22
N MET B 36 -29.55 25.47 21.24
CA MET B 36 -28.68 25.25 20.06
C MET B 36 -29.16 24.03 19.26
N ILE B 37 -29.46 22.91 19.94
CA ILE B 37 -29.74 21.61 19.26
C ILE B 37 -31.23 21.51 18.85
N PHE B 38 -32.13 22.27 19.47
CA PHE B 38 -33.58 22.29 19.09
C PHE B 38 -33.93 23.59 18.36
N ASP B 39 -32.95 24.23 17.72
CA ASP B 39 -33.11 25.51 16.99
C ASP B 39 -33.83 25.26 15.65
N VAL B 40 -35.11 25.61 15.56
CA VAL B 40 -35.95 25.38 14.35
C VAL B 40 -35.42 26.21 13.17
N GLU B 41 -34.90 27.41 13.44
CA GLU B 41 -34.36 28.33 12.40
C GLU B 41 -33.12 27.69 11.75
N SER B 42 -32.26 27.02 12.53
CA SER B 42 -31.08 26.26 12.05
C SER B 42 -31.53 25.11 11.13
N MET B 43 -32.64 24.45 11.46
CA MET B 43 -33.23 23.34 10.66
C MET B 43 -33.64 23.88 9.28
N LYS B 44 -34.38 24.98 9.24
CA LYS B 44 -34.87 25.62 7.99
C LYS B 44 -33.68 26.12 7.17
N LYS B 45 -32.69 26.73 7.82
CA LYS B 45 -31.45 27.27 7.18
C LYS B 45 -30.70 26.12 6.49
N ALA B 46 -30.55 24.97 7.16
CA ALA B 46 -29.91 23.76 6.60
C ALA B 46 -30.63 23.35 5.31
N MET B 47 -31.97 23.30 5.34
CA MET B 47 -32.79 22.86 4.19
C MET B 47 -32.66 23.87 3.03
N VAL B 48 -32.62 25.17 3.33
CA VAL B 48 -32.42 26.26 2.33
C VAL B 48 -31.04 26.07 1.68
N GLU B 49 -29.99 25.82 2.48
CA GLU B 49 -28.60 25.60 2.00
C GLU B 49 -28.58 24.42 1.02
N TYR B 50 -29.32 23.35 1.31
CA TYR B 50 -29.46 22.14 0.45
C TYR B 50 -30.29 22.44 -0.80
N GLU B 51 -30.93 23.62 -0.85
CA GLU B 51 -31.78 24.09 -1.98
C GLU B 51 -33.04 23.23 -2.06
N ILE B 52 -33.54 22.76 -0.90
CA ILE B 52 -34.87 22.10 -0.78
C ILE B 52 -35.95 23.17 -0.96
N ASP B 53 -37.02 22.81 -1.67
CA ASP B 53 -38.21 23.67 -1.85
C ASP B 53 -39.04 23.59 -0.56
N LEU B 54 -38.94 24.61 0.30
CA LEU B 54 -39.58 24.61 1.64
C LEU B 54 -41.11 24.76 1.52
N GLN B 55 -41.63 25.20 0.38
CA GLN B 55 -43.10 25.32 0.15
C GLN B 55 -43.66 23.95 -0.25
N LYS B 56 -42.92 23.17 -1.06
CA LYS B 56 -43.34 21.82 -1.51
C LYS B 56 -43.07 20.79 -0.39
N MET B 57 -41.94 20.93 0.32
CA MET B 57 -41.55 20.02 1.43
C MET B 57 -41.17 20.83 2.65
N PRO B 58 -42.16 21.33 3.43
CA PRO B 58 -41.86 22.02 4.69
C PRO B 58 -41.24 21.07 5.72
N LEU B 59 -40.63 21.64 6.76
CA LEU B 59 -39.96 20.93 7.87
C LEU B 59 -40.91 19.88 8.48
N GLY B 60 -42.17 20.23 8.65
CA GLY B 60 -43.21 19.38 9.28
C GLY B 60 -43.65 18.22 8.40
N LYS B 61 -43.29 18.20 7.11
CA LYS B 61 -43.71 17.17 6.13
C LYS B 61 -42.56 16.17 5.85
N LEU B 62 -41.36 16.42 6.36
CA LEU B 62 -40.23 15.44 6.32
C LEU B 62 -40.71 14.11 6.92
N SER B 63 -40.50 12.99 6.23
CA SER B 63 -41.03 11.66 6.60
C SER B 63 -39.95 10.58 6.38
N LYS B 64 -39.83 9.63 7.30
CA LYS B 64 -38.82 8.54 7.26
C LYS B 64 -39.01 7.69 6.00
N ARG B 65 -40.25 7.36 5.66
CA ARG B 65 -40.60 6.45 4.53
C ARG B 65 -40.19 7.09 3.19
N GLN B 66 -40.35 8.40 3.04
CA GLN B 66 -40.00 9.12 1.79
C GLN B 66 -38.47 9.21 1.67
N ILE B 67 -37.76 9.45 2.79
CA ILE B 67 -36.28 9.52 2.84
C ILE B 67 -35.71 8.12 2.56
N GLN B 68 -36.33 7.08 3.12
CA GLN B 68 -35.97 5.66 2.86
C GLN B 68 -36.06 5.38 1.34
N ALA B 69 -37.19 5.77 0.72
CA ALA B 69 -37.43 5.60 -0.73
C ALA B 69 -36.40 6.39 -1.54
N ALA B 70 -36.01 7.58 -1.05
CA ALA B 70 -34.99 8.45 -1.69
C ALA B 70 -33.62 7.77 -1.66
N TYR B 71 -33.24 7.14 -0.54
CA TYR B 71 -31.99 6.36 -0.38
C TYR B 71 -31.92 5.27 -1.46
N SER B 72 -33.00 4.49 -1.60
CA SER B 72 -33.13 3.37 -2.56
C SER B 72 -32.89 3.88 -3.99
N ILE B 73 -33.49 5.01 -4.34
CA ILE B 73 -33.33 5.65 -5.69
C ILE B 73 -31.85 6.03 -5.88
N LEU B 74 -31.19 6.61 -4.87
CA LEU B 74 -29.76 7.02 -4.94
C LEU B 74 -28.88 5.78 -5.15
N SER B 75 -29.25 4.63 -4.56
CA SER B 75 -28.55 3.34 -4.73
C SER B 75 -28.69 2.87 -6.19
N GLU B 76 -29.89 3.01 -6.78
CA GLU B 76 -30.15 2.68 -8.20
C GLU B 76 -29.30 3.61 -9.09
N VAL B 77 -29.19 4.89 -8.74
CA VAL B 77 -28.40 5.89 -9.51
C VAL B 77 -26.92 5.46 -9.46
N GLN B 78 -26.41 5.20 -8.26
CA GLN B 78 -25.01 4.74 -8.02
C GLN B 78 -24.74 3.51 -8.89
N GLN B 79 -25.66 2.54 -8.90
CA GLN B 79 -25.54 1.28 -9.68
C GLN B 79 -25.56 1.60 -11.18
N ALA B 80 -26.48 2.46 -11.62
CA ALA B 80 -26.63 2.88 -13.04
C ALA B 80 -25.35 3.56 -13.53
N VAL B 81 -24.75 4.44 -12.72
CA VAL B 81 -23.55 5.25 -13.10
C VAL B 81 -22.32 4.33 -13.27
N SER B 82 -22.03 3.47 -12.28
CA SER B 82 -20.85 2.57 -12.28
C SER B 82 -21.03 1.49 -13.35
N GLN B 83 -22.26 1.08 -13.64
CA GLN B 83 -22.61 0.07 -14.67
C GLN B 83 -22.53 0.68 -16.07
N GLY B 84 -22.49 2.00 -16.19
CA GLY B 84 -22.42 2.72 -17.48
C GLY B 84 -23.74 2.64 -18.22
N SER B 85 -24.86 2.78 -17.49
CA SER B 85 -26.25 2.76 -18.02
C SER B 85 -26.47 3.94 -18.97
N SER B 86 -27.54 3.88 -19.78
CA SER B 86 -27.95 4.94 -20.74
C SER B 86 -28.25 6.24 -19.98
N ASP B 87 -28.15 7.39 -20.66
CA ASP B 87 -28.44 8.73 -20.10
C ASP B 87 -29.92 8.82 -19.74
N SER B 88 -30.78 8.13 -20.51
CA SER B 88 -32.26 8.08 -20.35
C SER B 88 -32.61 7.53 -18.97
N GLN B 89 -32.04 6.36 -18.59
CA GLN B 89 -32.39 5.69 -17.32
C GLN B 89 -31.76 6.43 -16.14
N ILE B 90 -30.59 7.06 -16.34
CA ILE B 90 -29.94 7.94 -15.30
C ILE B 90 -30.81 9.18 -15.10
N LEU B 91 -31.23 9.84 -16.18
CA LEU B 91 -32.11 11.04 -16.14
C LEU B 91 -33.43 10.68 -15.43
N ASP B 92 -34.03 9.52 -15.78
CA ASP B 92 -35.28 9.00 -15.17
C ASP B 92 -35.09 8.91 -13.65
N LEU B 93 -34.06 8.21 -13.18
CA LEU B 93 -33.79 7.99 -11.74
C LEU B 93 -33.52 9.35 -11.06
N SER B 94 -32.74 10.23 -11.72
CA SER B 94 -32.40 11.58 -11.22
C SER B 94 -33.68 12.40 -11.01
N ASN B 95 -34.63 12.32 -11.95
CA ASN B 95 -35.94 13.01 -11.89
C ASN B 95 -36.81 12.39 -10.78
N ARG B 96 -36.73 11.07 -10.59
CA ARG B 96 -37.50 10.34 -9.54
C ARG B 96 -37.04 10.82 -8.16
N PHE B 97 -35.72 10.99 -7.97
CA PHE B 97 -35.15 11.51 -6.70
C PHE B 97 -35.74 12.90 -6.41
N TYR B 98 -35.69 13.81 -7.39
CA TYR B 98 -36.12 15.23 -7.26
C TYR B 98 -37.64 15.31 -7.08
N THR B 99 -38.39 14.30 -7.52
CA THR B 99 -39.85 14.19 -7.28
C THR B 99 -40.09 13.88 -5.80
N LEU B 100 -39.35 12.91 -5.23
CA LEU B 100 -39.45 12.51 -3.80
C LEU B 100 -38.98 13.65 -2.90
N ILE B 101 -37.89 14.34 -3.26
CA ILE B 101 -37.25 15.40 -2.44
C ILE B 101 -37.22 16.69 -3.27
N PRO B 102 -38.31 17.49 -3.26
CA PRO B 102 -38.40 18.69 -4.10
C PRO B 102 -37.30 19.71 -3.81
N HIS B 103 -36.63 20.18 -4.86
CA HIS B 103 -35.52 21.17 -4.83
C HIS B 103 -35.97 22.45 -5.54
N PRO B 110 -31.96 21.61 -12.56
CA PRO B 110 -31.61 20.65 -11.49
C PRO B 110 -30.37 19.84 -11.84
N PRO B 111 -29.30 19.88 -11.01
CA PRO B 111 -28.07 19.13 -11.28
C PRO B 111 -28.30 17.63 -11.49
N LEU B 112 -27.84 17.09 -12.63
CA LEU B 112 -28.02 15.67 -13.02
C LEU B 112 -27.17 14.79 -12.08
N LEU B 113 -27.79 13.80 -11.45
CA LEU B 113 -27.11 12.81 -10.56
C LEU B 113 -26.53 11.69 -11.42
N ASN B 114 -25.33 11.92 -11.98
CA ASN B 114 -24.69 11.01 -12.97
C ASN B 114 -23.24 10.70 -12.59
N ASN B 115 -22.84 10.92 -11.33
CA ASN B 115 -21.50 10.55 -10.80
C ASN B 115 -21.63 10.19 -9.31
N ALA B 116 -20.61 9.48 -8.80
CA ALA B 116 -20.56 8.93 -7.43
C ALA B 116 -20.56 10.08 -6.40
N ASP B 117 -19.79 11.14 -6.66
CA ASP B 117 -19.63 12.30 -5.73
C ASP B 117 -20.98 12.99 -5.52
N SER B 118 -21.74 13.23 -6.60
CA SER B 118 -23.09 13.83 -6.57
C SER B 118 -24.05 12.93 -5.78
N VAL B 119 -23.99 11.61 -5.99
CA VAL B 119 -24.84 10.62 -5.28
C VAL B 119 -24.49 10.65 -3.78
N GLN B 120 -23.21 10.70 -3.44
CA GLN B 120 -22.74 10.71 -2.02
C GLN B 120 -23.20 12.01 -1.34
N ALA B 121 -23.11 13.15 -2.02
CA ALA B 121 -23.55 14.47 -1.51
C ALA B 121 -25.05 14.42 -1.16
N LYS B 122 -25.87 13.79 -1.99
CA LYS B 122 -27.34 13.67 -1.77
C LYS B 122 -27.63 12.66 -0.66
N ALA B 123 -26.84 11.60 -0.54
CA ALA B 123 -26.98 10.57 0.53
C ALA B 123 -26.70 11.24 1.88
N GLU B 124 -25.65 12.05 1.97
CA GLU B 124 -25.25 12.78 3.19
C GLU B 124 -26.30 13.84 3.53
N MET B 125 -26.92 14.48 2.54
CA MET B 125 -28.08 15.39 2.76
C MET B 125 -29.21 14.60 3.44
N LEU B 126 -29.56 13.42 2.92
CA LEU B 126 -30.65 12.57 3.47
C LEU B 126 -30.32 12.18 4.92
N ASP B 127 -29.06 11.80 5.21
CA ASP B 127 -28.59 11.47 6.57
C ASP B 127 -28.96 12.62 7.52
N ASN B 128 -28.66 13.86 7.10
CA ASN B 128 -28.87 15.09 7.92
C ASN B 128 -30.38 15.35 8.05
N LEU B 129 -31.14 15.18 6.96
CA LEU B 129 -32.62 15.40 6.94
C LEU B 129 -33.32 14.47 7.94
N LEU B 130 -32.90 13.21 8.01
CA LEU B 130 -33.49 12.18 8.90
C LEU B 130 -33.34 12.62 10.37
N ASP B 131 -32.16 13.14 10.75
CA ASP B 131 -31.88 13.61 12.13
C ASP B 131 -32.62 14.92 12.39
N ILE B 132 -32.80 15.78 11.38
CA ILE B 132 -33.62 17.02 11.50
C ILE B 132 -35.08 16.62 11.76
N GLU B 133 -35.58 15.59 11.07
CA GLU B 133 -36.96 15.05 11.27
C GLU B 133 -37.11 14.57 12.72
N VAL B 134 -36.11 13.82 13.23
CA VAL B 134 -36.10 13.31 14.63
C VAL B 134 -36.18 14.50 15.60
N ALA B 135 -35.38 15.55 15.37
CA ALA B 135 -35.31 16.75 16.24
C ALA B 135 -36.68 17.45 16.27
N TYR B 136 -37.29 17.65 15.09
CA TYR B 136 -38.58 18.36 14.94
C TYR B 136 -39.72 17.53 15.55
N SER B 137 -39.72 16.21 15.35
CA SER B 137 -40.76 15.28 15.89
C SER B 137 -40.72 15.28 17.42
N LEU B 138 -39.52 15.21 18.02
CA LEU B 138 -39.32 15.35 19.50
C LEU B 138 -39.91 16.69 19.96
N LEU B 139 -39.51 17.77 19.30
CA LEU B 139 -39.82 19.17 19.71
C LEU B 139 -41.34 19.42 19.71
N ARG B 140 -42.10 18.75 18.82
CA ARG B 140 -43.57 18.94 18.70
C ARG B 140 -44.32 17.73 19.29
N GLY B 141 -43.62 16.77 19.87
CA GLY B 141 -44.20 15.55 20.47
C GLY B 141 -44.96 15.86 21.75
N SER B 147 -46.58 23.81 33.11
CA SER B 147 -46.09 23.43 34.46
C SER B 147 -44.56 23.53 34.53
N LYS B 148 -43.85 22.91 33.58
CA LYS B 148 -42.36 22.90 33.50
C LYS B 148 -41.89 23.91 32.45
N ASP B 149 -40.68 24.45 32.65
CA ASP B 149 -39.99 25.35 31.69
C ASP B 149 -39.79 24.60 30.38
N PRO B 150 -40.16 25.17 29.21
CA PRO B 150 -39.90 24.53 27.91
C PRO B 150 -38.48 23.96 27.72
N ILE B 151 -37.47 24.61 28.30
CA ILE B 151 -36.04 24.18 28.24
C ILE B 151 -35.90 22.82 28.95
N ASP B 152 -36.49 22.70 30.15
CA ASP B 152 -36.51 21.47 30.97
C ASP B 152 -37.27 20.36 30.24
N VAL B 153 -38.40 20.69 29.60
CA VAL B 153 -39.26 19.73 28.84
C VAL B 153 -38.41 19.11 27.72
N ASN B 154 -37.71 19.94 26.95
CA ASN B 154 -36.92 19.51 25.77
C ASN B 154 -35.67 18.77 26.23
N TYR B 155 -35.08 19.17 27.36
CA TYR B 155 -33.94 18.45 28.01
C TYR B 155 -34.33 16.98 28.24
N GLU B 156 -35.50 16.75 28.83
CA GLU B 156 -35.99 15.38 29.21
C GLU B 156 -36.19 14.53 27.95
N LYS B 157 -36.56 15.13 26.83
CA LYS B 157 -36.82 14.44 25.53
C LYS B 157 -35.51 13.85 24.97
N LEU B 158 -34.35 14.37 25.36
CA LEU B 158 -33.02 13.85 24.92
C LEU B 158 -32.69 12.53 25.66
N LYS B 159 -33.40 12.23 26.75
CA LYS B 159 -33.17 11.04 27.61
C LYS B 159 -31.67 10.89 27.88
N THR B 160 -31.01 12.00 28.22
CA THR B 160 -29.54 12.08 28.46
C THR B 160 -29.28 12.96 29.68
N ASP B 161 -28.51 12.46 30.65
CA ASP B 161 -27.95 13.27 31.76
C ASP B 161 -26.82 14.13 31.19
N ILE B 162 -26.89 15.45 31.33
CA ILE B 162 -25.87 16.41 30.83
C ILE B 162 -25.37 17.26 32.01
N LYS B 163 -24.09 17.12 32.36
CA LYS B 163 -23.42 17.89 33.43
C LYS B 163 -22.27 18.70 32.82
N VAL B 164 -22.04 19.92 33.31
CA VAL B 164 -20.88 20.77 32.94
C VAL B 164 -19.65 20.22 33.65
N VAL B 165 -18.56 19.99 32.91
CA VAL B 165 -17.22 19.65 33.48
C VAL B 165 -16.53 20.97 33.88
N ASP B 166 -16.11 21.08 35.14
CA ASP B 166 -15.46 22.29 35.70
C ASP B 166 -14.16 22.55 34.94
N ARG B 167 -13.96 23.80 34.49
CA ARG B 167 -12.78 24.26 33.71
C ARG B 167 -11.48 23.96 34.47
N ASP B 168 -11.50 24.01 35.81
CA ASP B 168 -10.27 23.89 36.66
C ASP B 168 -9.98 22.42 36.99
N SER B 169 -10.88 21.49 36.63
CA SER B 169 -10.74 20.04 36.92
C SER B 169 -9.61 19.44 36.06
N GLU B 170 -8.99 18.36 36.56
CA GLU B 170 -7.98 17.56 35.82
C GLU B 170 -8.65 16.97 34.57
N GLU B 171 -9.96 16.68 34.66
CA GLU B 171 -10.80 16.15 33.57
C GLU B 171 -10.77 17.10 32.37
N ALA B 172 -11.04 18.39 32.62
CA ALA B 172 -11.03 19.47 31.60
C ALA B 172 -9.62 19.65 31.02
N GLU B 173 -8.59 19.59 31.87
CA GLU B 173 -7.16 19.75 31.47
C GLU B 173 -6.80 18.67 30.44
N ILE B 174 -7.20 17.42 30.69
CA ILE B 174 -6.91 16.26 29.81
C ILE B 174 -7.58 16.49 28.45
N ILE B 175 -8.85 16.90 28.46
CA ILE B 175 -9.68 17.10 27.22
C ILE B 175 -9.12 18.27 26.43
N ARG B 176 -8.78 19.40 27.08
CA ARG B 176 -8.19 20.59 26.41
C ARG B 176 -6.87 20.18 25.73
N LYS B 177 -6.06 19.35 26.41
CA LYS B 177 -4.75 18.87 25.89
C LYS B 177 -4.97 17.97 24.66
N TYR B 178 -5.99 17.12 24.69
CA TYR B 178 -6.38 16.21 23.58
C TYR B 178 -6.70 17.07 22.35
N VAL B 179 -7.50 18.12 22.53
CA VAL B 179 -7.88 19.09 21.46
C VAL B 179 -6.61 19.79 20.93
N LYS B 180 -5.78 20.33 21.82
CA LYS B 180 -4.57 21.12 21.44
C LYS B 180 -3.57 20.23 20.69
N ASN B 181 -3.31 19.02 21.18
CA ASN B 181 -2.20 18.16 20.71
C ASN B 181 -2.54 17.48 19.37
N THR B 182 -3.81 17.17 19.10
CA THR B 182 -4.20 16.27 17.97
C THR B 182 -4.85 17.07 16.84
N HIS B 183 -4.61 18.38 16.77
CA HIS B 183 -4.98 19.21 15.60
C HIS B 183 -3.98 18.92 14.48
N ALA B 184 -4.44 18.37 13.35
CA ALA B 184 -3.59 17.91 12.23
C ALA B 184 -2.95 19.11 11.54
N THR B 185 -1.70 18.92 11.06
CA THR B 185 -0.84 19.95 10.41
C THR B 185 -1.50 20.44 9.11
N THR B 186 -2.23 19.57 8.40
CA THR B 186 -2.82 19.84 7.05
C THR B 186 -4.24 20.41 7.18
N HIS B 187 -4.80 20.48 8.40
CA HIS B 187 -6.11 21.12 8.68
C HIS B 187 -5.87 22.52 9.27
N ASN B 188 -5.27 23.42 8.48
CA ASN B 188 -4.78 24.75 8.96
C ASN B 188 -5.75 25.87 8.54
N ALA B 189 -6.98 25.52 8.15
CA ALA B 189 -8.06 26.46 7.76
C ALA B 189 -8.67 27.12 9.00
N TYR B 190 -8.55 26.49 10.18
CA TYR B 190 -9.10 27.02 11.46
C TYR B 190 -8.24 26.56 12.65
N ASP B 191 -8.34 27.31 13.76
CA ASP B 191 -7.88 26.95 15.13
C ASP B 191 -9.10 26.57 15.94
N LEU B 192 -8.94 25.71 16.96
CA LEU B 192 -10.06 25.24 17.82
C LEU B 192 -9.89 25.80 19.24
N GLU B 193 -10.99 26.25 19.83
CA GLU B 193 -11.07 26.76 21.23
C GLU B 193 -12.26 26.06 21.91
N VAL B 194 -12.00 25.38 23.03
CA VAL B 194 -13.05 24.71 23.86
C VAL B 194 -13.83 25.80 24.61
N ILE B 195 -15.13 25.92 24.35
CA ILE B 195 -16.04 26.85 25.08
C ILE B 195 -16.56 26.12 26.32
N ASP B 196 -17.26 24.99 26.13
CA ASP B 196 -17.85 24.19 27.22
C ASP B 196 -17.52 22.71 27.02
N ILE B 197 -17.32 21.99 28.12
CA ILE B 197 -17.19 20.51 28.16
C ILE B 197 -18.36 19.96 28.97
N PHE B 198 -19.15 19.08 28.35
CA PHE B 198 -20.31 18.40 28.99
C PHE B 198 -19.97 16.91 29.17
N LYS B 199 -20.22 16.37 30.36
CA LYS B 199 -20.24 14.91 30.64
C LYS B 199 -21.68 14.44 30.39
N ILE B 200 -21.86 13.42 29.54
CA ILE B 200 -23.19 12.95 29.07
C ILE B 200 -23.35 11.46 29.40
N GLU B 201 -24.57 11.05 29.77
CA GLU B 201 -24.96 9.64 30.00
C GLU B 201 -26.31 9.41 29.32
N ARG B 202 -26.31 8.79 28.14
CA ARG B 202 -27.57 8.44 27.43
C ARG B 202 -28.27 7.30 28.19
N GLU B 203 -29.56 7.44 28.45
CA GLU B 203 -30.40 6.39 29.09
C GLU B 203 -30.31 5.11 28.25
N GLY B 204 -30.07 3.98 28.91
CA GLY B 204 -29.99 2.65 28.28
C GLY B 204 -28.60 2.31 27.76
N GLU B 205 -27.70 3.29 27.63
CA GLU B 205 -26.42 3.05 26.92
C GLU B 205 -25.46 2.23 27.78
N CYS B 206 -25.43 2.45 29.10
CA CYS B 206 -24.59 1.69 30.06
C CYS B 206 -24.94 0.19 29.97
N GLN B 207 -26.23 -0.15 30.02
CA GLN B 207 -26.73 -1.56 29.96
C GLN B 207 -26.34 -2.16 28.62
N ARG B 208 -26.52 -1.38 27.53
CA ARG B 208 -26.23 -1.81 26.14
C ARG B 208 -24.73 -2.04 25.97
N TYR B 209 -23.89 -1.20 26.57
CA TYR B 209 -22.41 -1.22 26.46
C TYR B 209 -21.82 -2.33 27.33
N LYS B 210 -22.54 -2.77 28.37
CA LYS B 210 -22.04 -3.67 29.44
C LYS B 210 -21.23 -4.83 28.88
N PRO B 211 -21.72 -5.59 27.86
CA PRO B 211 -20.97 -6.75 27.36
C PRO B 211 -19.58 -6.39 26.82
N PHE B 212 -19.44 -5.21 26.22
CA PHE B 212 -18.20 -4.74 25.54
C PHE B 212 -17.29 -4.03 26.56
N LYS B 213 -17.81 -3.71 27.74
CA LYS B 213 -17.09 -2.98 28.81
C LYS B 213 -15.85 -3.76 29.25
N GLN B 214 -15.86 -5.09 29.09
CA GLN B 214 -14.75 -6.00 29.51
C GLN B 214 -13.81 -6.28 28.34
N LEU B 215 -14.12 -5.80 27.13
CA LEU B 215 -13.23 -5.92 25.95
C LEU B 215 -11.97 -5.09 26.19
N HIS B 216 -10.81 -5.57 25.74
CA HIS B 216 -9.53 -4.81 25.82
C HIS B 216 -9.53 -3.70 24.77
N ASN B 217 -8.56 -2.79 24.86
CA ASN B 217 -8.31 -1.75 23.83
C ASN B 217 -9.55 -0.85 23.73
N ARG B 218 -10.01 -0.32 24.87
CA ARG B 218 -11.07 0.71 24.94
C ARG B 218 -10.40 2.07 24.83
N ARG B 219 -10.88 2.92 23.92
CA ARG B 219 -10.19 4.17 23.51
C ARG B 219 -11.18 5.33 23.47
N LEU B 220 -10.76 6.49 23.98
CA LEU B 220 -11.56 7.75 23.93
C LEU B 220 -11.26 8.44 22.59
N LEU B 221 -12.25 8.48 21.70
CA LEU B 221 -12.10 8.90 20.29
C LEU B 221 -13.13 9.97 19.93
N TRP B 222 -12.81 10.75 18.91
CA TRP B 222 -13.60 11.91 18.42
C TRP B 222 -14.66 11.42 17.44
N HIS B 223 -15.85 12.05 17.48
CA HIS B 223 -16.91 11.92 16.44
C HIS B 223 -17.55 13.29 16.21
N GLY B 224 -17.32 13.86 15.03
CA GLY B 224 -17.88 15.14 14.59
C GLY B 224 -19.18 14.94 13.83
N SER B 225 -20.08 15.92 13.91
CA SER B 225 -21.36 15.93 13.18
C SER B 225 -21.92 17.35 13.17
N ARG B 226 -22.81 17.65 12.22
CA ARG B 226 -23.55 18.93 12.15
C ARG B 226 -24.39 19.09 13.42
N THR B 227 -24.50 20.32 13.92
CA THR B 227 -25.27 20.68 15.14
C THR B 227 -26.71 20.18 15.02
N THR B 228 -27.29 20.23 13.81
CA THR B 228 -28.71 19.86 13.54
C THR B 228 -28.91 18.34 13.69
N ASN B 229 -27.84 17.55 13.90
CA ASN B 229 -27.93 16.08 14.09
C ASN B 229 -27.99 15.71 15.58
N PHE B 230 -27.69 16.63 16.50
CA PHE B 230 -27.33 16.27 17.90
C PHE B 230 -28.57 15.89 18.73
N ALA B 231 -29.76 16.40 18.40
CA ALA B 231 -31.03 15.95 19.04
C ALA B 231 -31.20 14.45 18.75
N GLY B 232 -30.99 14.05 17.49
CA GLY B 232 -31.02 12.65 17.04
C GLY B 232 -29.94 11.83 17.73
N ILE B 233 -28.71 12.33 17.77
CA ILE B 233 -27.53 11.62 18.34
C ILE B 233 -27.77 11.41 19.84
N LEU B 234 -28.19 12.42 20.59
CA LEU B 234 -28.38 12.29 22.06
C LEU B 234 -29.60 11.39 22.36
N SER B 235 -30.69 11.48 21.61
CA SER B 235 -31.92 10.69 21.89
C SER B 235 -31.76 9.23 21.42
N GLN B 236 -31.06 8.97 20.32
CA GLN B 236 -30.99 7.62 19.70
C GLN B 236 -29.56 7.05 19.68
N GLY B 237 -28.54 7.85 20.01
CA GLY B 237 -27.13 7.42 19.99
C GLY B 237 -26.58 7.40 18.57
N LEU B 238 -25.29 7.08 18.44
CA LEU B 238 -24.67 6.93 17.10
C LEU B 238 -25.24 5.67 16.45
N ARG B 239 -25.61 5.76 15.18
CA ARG B 239 -26.33 4.71 14.43
C ARG B 239 -25.55 4.39 13.16
N ILE B 240 -25.83 3.22 12.59
CA ILE B 240 -25.22 2.72 11.34
C ILE B 240 -26.18 3.04 10.17
N ALA B 241 -25.62 3.46 9.04
CA ALA B 241 -26.37 3.75 7.81
C ALA B 241 -27.25 2.56 7.46
N PRO B 242 -28.51 2.79 7.00
CA PRO B 242 -29.39 1.69 6.61
C PRO B 242 -28.94 0.99 5.33
N PRO B 243 -29.37 -0.27 5.10
CA PRO B 243 -29.04 -1.02 3.89
C PRO B 243 -29.34 -0.28 2.58
N GLU B 244 -30.45 0.47 2.53
CA GLU B 244 -30.95 1.16 1.30
C GLU B 244 -30.01 2.31 0.90
N ALA B 245 -29.22 2.83 1.85
CA ALA B 245 -28.22 3.91 1.58
C ALA B 245 -27.20 3.40 0.57
N PRO B 246 -26.75 4.23 -0.39
CA PRO B 246 -25.71 3.81 -1.34
C PRO B 246 -24.37 3.58 -0.64
N VAL B 247 -23.51 2.75 -1.24
CA VAL B 247 -22.24 2.26 -0.63
C VAL B 247 -21.13 3.31 -0.82
N THR B 248 -21.32 4.28 -1.72
CA THR B 248 -20.29 5.29 -2.12
C THR B 248 -19.82 6.11 -0.91
N GLY B 249 -18.49 6.19 -0.72
CA GLY B 249 -17.83 6.97 0.33
C GLY B 249 -17.76 6.29 1.68
N TYR B 250 -18.30 5.06 1.83
CA TYR B 250 -18.05 4.22 3.03
C TYR B 250 -16.78 3.40 2.78
N MET B 251 -15.63 4.02 3.07
CA MET B 251 -14.28 3.45 2.82
C MET B 251 -14.16 2.07 3.47
N PHE B 252 -14.73 1.88 4.68
CA PHE B 252 -14.66 0.60 5.43
C PHE B 252 -16.07 0.06 5.71
N GLY B 253 -17.01 0.36 4.81
CA GLY B 253 -18.40 -0.13 4.88
C GLY B 253 -19.25 0.65 5.88
N LYS B 254 -20.46 0.17 6.13
CA LYS B 254 -21.46 0.85 6.99
C LYS B 254 -21.17 0.51 8.46
N GLY B 255 -20.53 1.45 9.17
CA GLY B 255 -20.26 1.36 10.61
C GLY B 255 -20.27 2.74 11.22
N ILE B 256 -19.83 2.85 12.47
CA ILE B 256 -19.64 4.15 13.17
C ILE B 256 -18.15 4.49 13.12
N TYR B 257 -17.81 5.66 12.56
CA TYR B 257 -16.44 6.14 12.28
C TYR B 257 -16.00 7.11 13.38
N PHE B 258 -14.76 6.98 13.85
CA PHE B 258 -14.12 7.84 14.89
C PHE B 258 -12.69 8.19 14.46
N ALA B 259 -12.18 9.33 14.94
CA ALA B 259 -10.81 9.81 14.72
C ALA B 259 -10.07 9.87 16.06
N ASP B 260 -8.74 9.79 16.03
CA ASP B 260 -7.88 10.11 17.20
C ASP B 260 -7.28 11.51 17.02
N MET B 261 -7.52 12.16 15.88
CA MET B 261 -7.14 13.58 15.61
C MET B 261 -8.41 14.43 15.64
N VAL B 262 -8.48 15.41 16.55
CA VAL B 262 -9.69 16.25 16.78
C VAL B 262 -10.12 16.92 15.46
N SER B 263 -9.17 17.37 14.64
CA SER B 263 -9.46 18.18 13.42
C SER B 263 -10.07 17.30 12.31
N LYS B 264 -9.74 16.01 12.26
CA LYS B 264 -10.35 15.07 11.28
C LYS B 264 -11.86 14.97 11.58
N SER B 265 -12.22 14.86 12.86
CA SER B 265 -13.64 14.84 13.31
C SER B 265 -14.28 16.23 13.21
N ALA B 266 -13.55 17.28 13.59
CA ALA B 266 -14.06 18.68 13.62
C ALA B 266 -14.51 19.11 12.22
N ASN B 267 -13.85 18.60 11.17
CA ASN B 267 -14.19 18.89 9.75
C ASN B 267 -15.64 18.48 9.46
N TYR B 268 -16.17 17.44 10.14
CA TYR B 268 -17.53 16.90 9.90
C TYR B 268 -18.59 17.72 10.66
N CYS B 269 -18.19 18.71 11.46
CA CYS B 269 -19.11 19.71 12.08
C CYS B 269 -19.68 20.64 10.99
N HIS B 270 -18.99 20.76 9.85
CA HIS B 270 -19.35 21.63 8.70
C HIS B 270 -19.69 23.04 9.21
N THR B 271 -18.84 23.60 10.07
CA THR B 271 -18.91 24.99 10.56
C THR B 271 -18.34 25.92 9.48
N SER B 272 -18.68 27.21 9.56
CA SER B 272 -18.24 28.27 8.61
C SER B 272 -18.02 29.57 9.39
N GLN B 273 -17.43 30.58 8.73
CA GLN B 273 -17.14 31.91 9.36
C GLN B 273 -18.45 32.52 9.88
N GLY B 274 -19.57 32.26 9.19
CA GLY B 274 -20.91 32.78 9.54
C GLY B 274 -21.49 32.08 10.77
N ASP B 275 -21.10 30.82 11.02
CA ASP B 275 -21.61 29.96 12.12
C ASP B 275 -20.45 29.14 12.67
N PRO B 276 -19.48 29.77 13.38
CA PRO B 276 -18.22 29.10 13.74
C PRO B 276 -18.26 28.26 15.03
N ILE B 277 -19.45 27.95 15.54
CA ILE B 277 -19.65 27.13 16.78
C ILE B 277 -20.11 25.74 16.38
N GLY B 278 -19.36 24.71 16.78
CA GLY B 278 -19.65 23.29 16.47
C GLY B 278 -19.74 22.44 17.72
N LEU B 279 -20.34 21.25 17.58
CA LEU B 279 -20.43 20.22 18.64
C LEU B 279 -19.64 18.98 18.19
N ILE B 280 -18.86 18.39 19.09
CA ILE B 280 -18.05 17.18 18.82
C ILE B 280 -18.16 16.25 20.04
N LEU B 281 -18.20 14.94 19.80
CA LEU B 281 -18.34 13.92 20.86
C LEU B 281 -16.97 13.32 21.18
N LEU B 282 -16.76 12.96 22.44
CA LEU B 282 -15.76 11.94 22.86
C LEU B 282 -16.54 10.69 23.27
N GLY B 283 -16.34 9.60 22.53
CA GLY B 283 -16.92 8.27 22.83
C GLY B 283 -15.86 7.33 23.32
N GLU B 284 -16.19 6.52 24.32
CA GLU B 284 -15.41 5.31 24.68
C GLU B 284 -15.81 4.24 23.67
N VAL B 285 -14.87 3.80 22.84
CA VAL B 285 -15.11 2.78 21.79
C VAL B 285 -14.37 1.51 22.20
N ALA B 286 -15.11 0.39 22.33
CA ALA B 286 -14.54 -0.94 22.63
C ALA B 286 -13.99 -1.53 21.33
N LEU B 287 -12.71 -1.27 21.04
CA LEU B 287 -12.07 -1.63 19.76
C LEU B 287 -11.65 -3.10 19.77
N GLY B 288 -11.24 -3.63 20.93
CA GLY B 288 -10.72 -5.01 21.06
C GLY B 288 -9.63 -5.28 20.04
N ASN B 289 -9.69 -6.43 19.38
CA ASN B 289 -8.75 -6.86 18.31
C ASN B 289 -9.10 -6.09 17.02
N MET B 290 -8.23 -5.16 16.62
CA MET B 290 -8.43 -4.26 15.46
C MET B 290 -7.98 -4.98 14.19
N TYR B 291 -8.86 -5.00 13.18
CA TYR B 291 -8.56 -5.39 11.78
C TYR B 291 -7.91 -4.16 11.12
N GLU B 292 -6.59 -4.21 10.94
CA GLU B 292 -5.77 -3.04 10.50
C GLU B 292 -5.70 -3.03 8.97
N LEU B 293 -6.18 -1.97 8.34
CA LEU B 293 -6.29 -1.84 6.87
C LEU B 293 -5.68 -0.51 6.43
N LYS B 294 -5.00 -0.50 5.28
CA LYS B 294 -4.33 0.69 4.70
C LYS B 294 -5.19 1.29 3.58
N HIS B 295 -6.16 0.52 3.07
CA HIS B 295 -6.94 0.86 1.83
C HIS B 295 -8.40 0.44 2.00
N ALA B 296 -9.29 1.03 1.20
CA ALA B 296 -10.76 0.82 1.21
C ALA B 296 -11.07 -0.69 1.15
N SER B 297 -11.98 -1.15 1.99
CA SER B 297 -12.56 -2.51 2.02
C SER B 297 -13.97 -2.40 2.61
N HIS B 298 -15.00 -2.76 1.86
CA HIS B 298 -16.41 -2.61 2.30
C HIS B 298 -16.77 -3.80 3.20
N ILE B 299 -16.62 -3.64 4.50
CA ILE B 299 -16.75 -4.72 5.52
C ILE B 299 -18.24 -4.99 5.70
N SER B 300 -18.72 -6.19 5.31
CA SER B 300 -20.06 -6.73 5.64
C SER B 300 -19.99 -7.47 6.96
N LYS B 301 -18.93 -8.28 7.13
CA LYS B 301 -18.66 -9.01 8.40
C LYS B 301 -17.15 -9.05 8.70
N LEU B 302 -16.80 -8.64 9.92
CA LEU B 302 -15.41 -8.65 10.42
C LEU B 302 -14.89 -10.08 10.39
N PRO B 303 -13.56 -10.31 10.20
CA PRO B 303 -12.98 -11.61 10.47
C PRO B 303 -13.31 -12.07 11.91
N LYS B 304 -13.55 -13.35 12.11
CA LYS B 304 -13.86 -13.90 13.46
C LYS B 304 -12.71 -13.55 14.40
N GLY B 305 -13.01 -12.98 15.56
CA GLY B 305 -12.01 -12.61 16.59
C GLY B 305 -11.58 -11.15 16.47
N LYS B 306 -12.05 -10.43 15.44
CA LYS B 306 -11.84 -8.97 15.26
C LYS B 306 -13.11 -8.24 15.70
N HIS B 307 -12.96 -7.08 16.35
CA HIS B 307 -14.08 -6.32 16.96
C HIS B 307 -14.23 -4.94 16.31
N SER B 308 -13.27 -4.52 15.49
CA SER B 308 -13.22 -3.16 14.90
C SER B 308 -12.27 -3.15 13.70
N VAL B 309 -12.37 -2.11 12.88
CA VAL B 309 -11.36 -1.78 11.84
C VAL B 309 -10.59 -0.55 12.31
N LYS B 310 -9.27 -0.58 12.15
CA LYS B 310 -8.41 0.63 12.20
C LYS B 310 -7.88 0.90 10.79
N GLY B 311 -8.31 2.01 10.19
CA GLY B 311 -7.64 2.60 9.01
C GLY B 311 -6.33 3.22 9.45
N LEU B 312 -5.21 2.78 8.86
CA LEU B 312 -3.85 3.19 9.29
C LEU B 312 -3.47 4.50 8.58
N GLY B 313 -3.27 5.57 9.34
CA GLY B 313 -2.78 6.87 8.82
C GLY B 313 -1.26 6.89 8.77
N LYS B 314 -0.71 7.82 7.97
CA LYS B 314 0.74 8.12 7.91
C LYS B 314 1.17 8.77 9.23
N THR B 315 0.24 9.47 9.88
CA THR B 315 0.46 10.20 11.14
C THR B 315 -0.43 9.61 12.24
N THR B 316 0.15 9.40 13.42
CA THR B 316 -0.52 8.82 14.61
C THR B 316 -0.11 9.61 15.85
N PRO B 317 -1.03 9.83 16.82
CA PRO B 317 -0.65 10.41 18.10
C PRO B 317 0.50 9.63 18.75
N ASP B 318 1.52 10.34 19.26
CA ASP B 318 2.72 9.73 19.88
C ASP B 318 2.26 8.74 20.95
N PRO B 319 2.41 7.41 20.74
CA PRO B 319 1.94 6.42 21.71
C PRO B 319 2.59 6.55 23.10
N SER B 320 3.79 7.09 23.20
CA SER B 320 4.52 7.30 24.49
C SER B 320 3.80 8.34 25.36
N ALA B 321 2.94 9.17 24.76
CA ALA B 321 2.13 10.20 25.46
C ALA B 321 0.71 9.69 25.75
N ASN B 322 0.39 8.44 25.38
CA ASN B 322 -0.91 7.79 25.72
C ASN B 322 -1.07 7.78 27.24
N ILE B 323 -2.26 8.13 27.74
CA ILE B 323 -2.60 8.04 29.18
C ILE B 323 -3.87 7.20 29.33
N SER B 324 -4.05 6.61 30.52
CA SER B 324 -5.26 5.87 30.94
C SER B 324 -6.10 6.76 31.88
N LEU B 325 -7.31 7.10 31.45
CA LEU B 325 -8.32 7.89 32.21
C LEU B 325 -9.50 6.97 32.52
N ASP B 326 -9.66 6.57 33.79
CA ASP B 326 -10.75 5.69 34.25
C ASP B 326 -10.79 4.41 33.39
N GLY B 327 -9.61 3.80 33.17
CA GLY B 327 -9.47 2.50 32.50
C GLY B 327 -9.57 2.60 30.97
N VAL B 328 -9.61 3.81 30.42
CA VAL B 328 -9.77 4.06 28.95
C VAL B 328 -8.52 4.78 28.43
N ASP B 329 -7.98 4.36 27.29
CA ASP B 329 -6.78 4.99 26.67
C ASP B 329 -7.19 6.30 25.98
N VAL B 330 -6.45 7.37 26.26
CA VAL B 330 -6.61 8.72 25.62
C VAL B 330 -5.35 8.98 24.80
N PRO B 331 -5.41 8.87 23.45
CA PRO B 331 -4.23 9.09 22.61
C PRO B 331 -4.03 10.58 22.31
N LEU B 332 -3.63 11.36 23.33
CA LEU B 332 -3.53 12.84 23.25
C LEU B 332 -2.08 13.25 22.92
N GLY B 333 -1.25 12.31 22.47
CA GLY B 333 0.12 12.60 21.97
C GLY B 333 0.09 13.43 20.70
N THR B 334 1.11 14.27 20.48
CA THR B 334 1.30 15.02 19.21
C THR B 334 1.48 14.03 18.05
N GLY B 335 0.97 14.37 16.87
CA GLY B 335 1.11 13.58 15.64
C GLY B 335 2.56 13.34 15.28
N ILE B 336 2.96 12.07 15.16
CA ILE B 336 4.28 11.63 14.65
C ILE B 336 4.06 10.64 13.50
N SER B 337 5.12 10.31 12.76
CA SER B 337 5.12 9.27 11.71
C SER B 337 4.75 7.92 12.34
N SER B 338 3.74 7.26 11.78
CA SER B 338 3.37 5.86 12.13
C SER B 338 4.39 4.87 11.58
N GLY B 339 5.17 5.23 10.55
CA GLY B 339 6.07 4.28 9.87
C GLY B 339 5.33 3.46 8.83
N VAL B 340 4.05 3.76 8.59
CA VAL B 340 3.27 3.28 7.41
C VAL B 340 3.30 4.37 6.33
N ASN B 341 3.95 4.10 5.20
CA ASN B 341 4.02 5.01 4.03
C ASN B 341 2.97 4.59 2.99
N ASP B 342 2.64 3.29 2.91
CA ASP B 342 1.85 2.67 1.82
C ASP B 342 0.36 2.66 2.20
N THR B 343 -0.21 3.82 2.52
CA THR B 343 -1.61 3.97 3.01
C THR B 343 -2.36 5.05 2.24
N SER B 344 -3.67 4.88 2.11
CA SER B 344 -4.62 5.83 1.49
C SER B 344 -4.93 6.99 2.44
N LEU B 345 -4.63 6.85 3.74
CA LEU B 345 -5.08 7.78 4.81
C LEU B 345 -3.89 8.60 5.32
N LEU B 346 -4.10 9.90 5.56
CA LEU B 346 -3.13 10.79 6.26
C LEU B 346 -3.19 10.50 7.76
N TYR B 347 -4.39 10.22 8.29
CA TYR B 347 -4.67 10.08 9.74
C TYR B 347 -5.48 8.80 9.99
N ASN B 348 -5.34 8.26 11.19
CA ASN B 348 -6.04 7.02 11.61
C ASN B 348 -7.55 7.24 11.52
N GLU B 349 -8.27 6.13 11.51
CA GLU B 349 -9.74 6.04 11.46
C GLU B 349 -10.13 4.75 12.17
N TYR B 350 -11.19 4.74 12.97
CA TYR B 350 -11.66 3.56 13.74
C TYR B 350 -13.13 3.36 13.45
N ILE B 351 -13.52 2.12 13.12
CA ILE B 351 -14.91 1.77 12.74
C ILE B 351 -15.37 0.57 13.57
N VAL B 352 -16.55 0.67 14.17
CA VAL B 352 -17.25 -0.48 14.82
C VAL B 352 -18.58 -0.70 14.06
N TYR B 353 -19.06 -1.93 14.04
CA TYR B 353 -20.19 -2.39 13.19
C TYR B 353 -21.35 -2.85 14.08
N ASP B 354 -21.23 -2.60 15.40
CA ASP B 354 -22.28 -2.85 16.41
C ASP B 354 -22.43 -1.55 17.23
N ILE B 355 -23.63 -0.97 17.25
CA ILE B 355 -23.94 0.30 17.95
C ILE B 355 -23.64 0.17 19.45
N ALA B 356 -23.69 -1.05 20.00
CA ALA B 356 -23.47 -1.33 21.44
C ALA B 356 -22.00 -1.18 21.85
N GLN B 357 -21.07 -1.04 20.90
CA GLN B 357 -19.61 -0.94 21.18
C GLN B 357 -19.20 0.51 21.46
N VAL B 358 -20.16 1.44 21.50
CA VAL B 358 -19.91 2.88 21.76
C VAL B 358 -20.59 3.29 23.06
N ASN B 359 -19.85 3.95 23.96
CA ASN B 359 -20.41 4.63 25.15
C ASN B 359 -19.99 6.11 25.07
N LEU B 360 -20.93 7.00 24.73
CA LEU B 360 -20.65 8.47 24.63
C LEU B 360 -20.34 8.98 26.05
N LYS B 361 -19.25 9.74 26.19
CA LYS B 361 -18.73 10.22 27.51
C LYS B 361 -18.85 11.75 27.59
N TYR B 362 -18.38 12.47 26.58
CA TYR B 362 -18.32 13.96 26.59
C TYR B 362 -18.87 14.52 25.28
N LEU B 363 -19.43 15.73 25.38
CA LEU B 363 -19.85 16.60 24.27
C LEU B 363 -19.14 17.94 24.46
N LEU B 364 -18.35 18.37 23.48
CA LEU B 364 -17.60 19.65 23.51
C LEU B 364 -18.31 20.66 22.60
N LYS B 365 -18.53 21.88 23.10
CA LYS B 365 -18.87 23.06 22.27
C LYS B 365 -17.56 23.74 21.90
N LEU B 366 -17.20 23.71 20.60
CA LEU B 366 -15.92 24.26 20.07
C LEU B 366 -16.20 25.57 19.32
N LYS B 367 -15.34 26.57 19.53
CA LYS B 367 -15.21 27.76 18.66
C LYS B 367 -14.21 27.42 17.56
N PHE B 368 -14.60 27.60 16.30
CA PHE B 368 -13.71 27.51 15.11
C PHE B 368 -13.25 28.93 14.74
N ASN B 369 -11.96 29.22 14.93
CA ASN B 369 -11.32 30.52 14.55
C ASN B 369 -10.66 30.33 13.17
N PHE B 370 -11.34 30.76 12.11
CA PHE B 370 -10.87 30.65 10.70
C PHE B 370 -9.77 31.69 10.43
N LYS B 371 -8.81 31.34 9.56
CA LYS B 371 -7.59 32.12 9.25
C LYS B 371 -7.88 33.26 8.26
N THR B 372 -8.93 33.13 7.42
CA THR B 372 -9.27 34.07 6.32
C THR B 372 -8.10 34.14 5.34
N LYS C 23 -32.49 -46.14 6.52
CA LYS C 23 -31.57 -46.08 7.70
C LYS C 23 -30.76 -44.77 7.66
N SER C 24 -30.30 -44.37 6.47
CA SER C 24 -29.52 -43.14 6.20
C SER C 24 -30.24 -41.92 6.82
N LYS C 25 -29.57 -41.23 7.74
CA LYS C 25 -30.09 -40.04 8.48
C LYS C 25 -29.66 -38.75 7.79
N LEU C 26 -28.92 -38.84 6.67
CA LEU C 26 -28.47 -37.66 5.87
C LEU C 26 -29.68 -36.97 5.27
N PRO C 27 -29.69 -35.62 5.18
CA PRO C 27 -30.77 -34.90 4.49
C PRO C 27 -30.90 -35.35 3.03
N LYS C 28 -32.13 -35.30 2.49
CA LYS C 28 -32.46 -35.80 1.13
C LYS C 28 -31.54 -35.15 0.09
N PRO C 29 -31.36 -33.81 0.08
CA PRO C 29 -30.49 -33.15 -0.90
C PRO C 29 -29.06 -33.70 -0.92
N VAL C 30 -28.52 -34.07 0.25
CA VAL C 30 -27.15 -34.64 0.40
C VAL C 30 -27.14 -36.06 -0.17
N GLN C 31 -28.20 -36.85 0.07
CA GLN C 31 -28.34 -38.22 -0.49
C GLN C 31 -28.36 -38.12 -2.03
N ASP C 32 -29.14 -37.20 -2.57
CA ASP C 32 -29.26 -36.94 -4.03
C ASP C 32 -27.89 -36.55 -4.60
N LEU C 33 -27.11 -35.73 -3.87
CA LEU C 33 -25.75 -35.31 -4.29
C LEU C 33 -24.84 -36.55 -4.38
N ILE C 34 -24.88 -37.43 -3.37
CA ILE C 34 -24.03 -38.65 -3.30
C ILE C 34 -24.36 -39.56 -4.50
N LYS C 35 -25.64 -39.79 -4.78
CA LYS C 35 -26.12 -40.62 -5.92
C LYS C 35 -25.59 -40.03 -7.23
N MET C 36 -25.71 -38.71 -7.38
CA MET C 36 -25.30 -37.93 -8.58
C MET C 36 -23.80 -38.13 -8.85
N ILE C 37 -22.94 -38.06 -7.82
CA ILE C 37 -21.46 -38.05 -8.00
C ILE C 37 -20.90 -39.48 -8.09
N PHE C 38 -21.61 -40.49 -7.58
CA PHE C 38 -21.18 -41.92 -7.67
C PHE C 38 -22.02 -42.68 -8.71
N ASP C 39 -22.60 -41.96 -9.67
CA ASP C 39 -23.47 -42.53 -10.74
C ASP C 39 -22.59 -43.25 -11.78
N VAL C 40 -22.57 -44.58 -11.76
CA VAL C 40 -21.72 -45.43 -12.65
C VAL C 40 -22.17 -45.24 -14.11
N GLU C 41 -23.47 -45.05 -14.35
CA GLU C 41 -24.04 -44.89 -15.72
C GLU C 41 -23.54 -43.58 -16.33
N SER C 42 -23.41 -42.50 -15.54
CA SER C 42 -22.82 -41.21 -15.96
C SER C 42 -21.35 -41.41 -16.37
N MET C 43 -20.61 -42.25 -15.63
CA MET C 43 -19.19 -42.57 -15.90
C MET C 43 -19.08 -43.26 -17.27
N LYS C 44 -19.90 -44.28 -17.52
CA LYS C 44 -19.91 -45.04 -18.80
C LYS C 44 -20.32 -44.13 -19.96
N LYS C 45 -21.33 -43.27 -19.74
CA LYS C 45 -21.84 -42.31 -20.76
C LYS C 45 -20.71 -41.35 -21.17
N ALA C 46 -19.96 -40.82 -20.20
CA ALA C 46 -18.78 -39.95 -20.46
C ALA C 46 -17.78 -40.69 -21.37
N MET C 47 -17.47 -41.95 -21.04
CA MET C 47 -16.48 -42.76 -21.79
C MET C 47 -16.99 -43.04 -23.21
N VAL C 48 -18.30 -43.31 -23.38
CA VAL C 48 -18.93 -43.52 -24.71
C VAL C 48 -18.82 -42.23 -25.53
N GLU C 49 -19.09 -41.07 -24.92
CA GLU C 49 -18.98 -39.74 -25.59
C GLU C 49 -17.56 -39.54 -26.11
N TYR C 50 -16.55 -39.93 -25.33
CA TYR C 50 -15.11 -39.87 -25.70
C TYR C 50 -14.76 -40.91 -26.77
N GLU C 51 -15.68 -41.83 -27.08
CA GLU C 51 -15.52 -42.90 -28.10
C GLU C 51 -14.47 -43.90 -27.62
N ILE C 52 -14.39 -44.12 -26.30
CA ILE C 52 -13.60 -45.21 -25.68
C ILE C 52 -14.32 -46.53 -25.97
N ASP C 53 -13.55 -47.58 -26.28
CA ASP C 53 -14.05 -48.96 -26.49
C ASP C 53 -14.29 -49.57 -25.10
N LEU C 54 -15.55 -49.61 -24.66
CA LEU C 54 -15.93 -50.06 -23.29
C LEU C 54 -15.75 -51.58 -23.15
N GLN C 55 -15.65 -52.32 -24.26
CA GLN C 55 -15.42 -53.79 -24.24
C GLN C 55 -13.93 -54.06 -24.02
N LYS C 56 -13.05 -53.28 -24.65
CA LYS C 56 -11.57 -53.42 -24.52
C LYS C 56 -11.09 -52.77 -23.22
N MET C 57 -11.68 -51.65 -22.83
CA MET C 57 -11.32 -50.92 -21.58
C MET C 57 -12.57 -50.58 -20.79
N PRO C 58 -13.15 -51.56 -20.05
CA PRO C 58 -14.29 -51.28 -19.17
C PRO C 58 -13.90 -50.34 -18.03
N LEU C 59 -14.91 -49.77 -17.36
CA LEU C 59 -14.79 -48.88 -16.17
C LEU C 59 -13.87 -49.53 -15.13
N GLY C 60 -14.03 -50.84 -14.90
CA GLY C 60 -13.30 -51.62 -13.88
C GLY C 60 -11.83 -51.84 -14.21
N LYS C 61 -11.41 -51.58 -15.44
CA LYS C 61 -10.01 -51.80 -15.91
C LYS C 61 -9.22 -50.49 -15.96
N LEU C 62 -9.88 -49.33 -15.82
CA LEU C 62 -9.20 -48.01 -15.73
C LEU C 62 -8.18 -48.07 -14.58
N SER C 63 -6.94 -47.64 -14.84
CA SER C 63 -5.80 -47.70 -13.89
C SER C 63 -4.99 -46.40 -13.96
N LYS C 64 -4.54 -45.89 -12.81
CA LYS C 64 -3.75 -44.63 -12.68
C LYS C 64 -2.46 -44.74 -13.51
N ARG C 65 -1.77 -45.88 -13.43
CA ARG C 65 -0.45 -46.14 -14.05
C ARG C 65 -0.56 -46.07 -15.58
N GLN C 66 -1.66 -46.59 -16.15
CA GLN C 66 -1.87 -46.62 -17.62
C GLN C 66 -2.22 -45.21 -18.11
N ILE C 67 -3.02 -44.46 -17.34
CA ILE C 67 -3.41 -43.05 -17.65
C ILE C 67 -2.16 -42.16 -17.54
N GLN C 68 -1.33 -42.39 -16.52
CA GLN C 68 -0.01 -41.71 -16.34
C GLN C 68 0.85 -41.93 -17.59
N ALA C 69 0.97 -43.19 -18.05
CA ALA C 69 1.74 -43.58 -19.26
C ALA C 69 1.14 -42.93 -20.51
N ALA C 70 -0.19 -42.78 -20.57
CA ALA C 70 -0.91 -42.14 -21.69
C ALA C 70 -0.56 -40.64 -21.73
N TYR C 71 -0.51 -39.98 -20.57
CA TYR C 71 -0.10 -38.55 -20.45
C TYR C 71 1.30 -38.37 -21.05
N SER C 72 2.24 -39.21 -20.63
CA SER C 72 3.67 -39.21 -21.07
C SER C 72 3.74 -39.31 -22.59
N ILE C 73 2.96 -40.22 -23.20
CA ILE C 73 2.90 -40.40 -24.68
C ILE C 73 2.39 -39.10 -25.33
N LEU C 74 1.36 -38.47 -24.77
CA LEU C 74 0.80 -37.19 -25.32
C LEU C 74 1.85 -36.08 -25.24
N SER C 75 2.69 -36.09 -24.19
CA SER C 75 3.82 -35.13 -24.02
C SER C 75 4.88 -35.38 -25.11
N GLU C 76 5.18 -36.64 -25.42
CA GLU C 76 6.11 -37.02 -26.52
C GLU C 76 5.52 -36.55 -27.86
N VAL C 77 4.19 -36.67 -28.04
CA VAL C 77 3.50 -36.20 -29.28
C VAL C 77 3.67 -34.69 -29.39
N GLN C 78 3.35 -33.96 -28.32
CA GLN C 78 3.47 -32.47 -28.23
C GLN C 78 4.91 -32.07 -28.61
N GLN C 79 5.91 -32.76 -28.05
CA GLN C 79 7.35 -32.51 -28.30
C GLN C 79 7.69 -32.83 -29.77
N ALA C 80 7.19 -33.96 -30.29
CA ALA C 80 7.41 -34.43 -31.68
C ALA C 80 6.84 -33.40 -32.67
N VAL C 81 5.64 -32.86 -32.40
CA VAL C 81 4.92 -31.93 -33.32
C VAL C 81 5.67 -30.59 -33.41
N SER C 82 6.00 -29.98 -32.27
CA SER C 82 6.69 -28.66 -32.20
C SER C 82 8.13 -28.78 -32.73
N GLN C 83 8.76 -29.95 -32.57
CA GLN C 83 10.13 -30.25 -33.03
C GLN C 83 10.14 -30.51 -34.55
N GLY C 84 8.97 -30.77 -35.15
CA GLY C 84 8.83 -31.08 -36.59
C GLY C 84 9.37 -32.46 -36.91
N SER C 85 9.11 -33.43 -36.04
CA SER C 85 9.54 -34.85 -36.15
C SER C 85 8.84 -35.50 -37.35
N SER C 86 9.38 -36.63 -37.81
CA SER C 86 8.87 -37.41 -38.97
C SER C 86 7.45 -37.90 -38.68
N ASP C 87 6.68 -38.17 -39.75
CA ASP C 87 5.29 -38.68 -39.68
C ASP C 87 5.32 -40.10 -39.08
N SER C 88 6.40 -40.86 -39.31
CA SER C 88 6.62 -42.24 -38.81
C SER C 88 6.60 -42.25 -37.27
N GLN C 89 7.37 -41.37 -36.64
CA GLN C 89 7.52 -41.32 -35.15
C GLN C 89 6.23 -40.76 -34.53
N ILE C 90 5.54 -39.83 -35.21
CA ILE C 90 4.23 -39.28 -34.79
C ILE C 90 3.18 -40.40 -34.87
N LEU C 91 3.11 -41.12 -36.00
CA LEU C 91 2.20 -42.27 -36.21
C LEU C 91 2.43 -43.32 -35.12
N ASP C 92 3.70 -43.66 -34.86
CA ASP C 92 4.12 -44.63 -33.81
C ASP C 92 3.53 -44.21 -32.46
N LEU C 93 3.79 -42.97 -32.03
CA LEU C 93 3.31 -42.42 -30.72
C LEU C 93 1.78 -42.42 -30.70
N SER C 94 1.14 -42.01 -31.80
CA SER C 94 -0.34 -41.96 -31.95
C SER C 94 -0.93 -43.36 -31.77
N ASN C 95 -0.31 -44.39 -32.35
CA ASN C 95 -0.74 -45.82 -32.24
C ASN C 95 -0.50 -46.31 -30.80
N ARG C 96 0.60 -45.88 -30.16
CA ARG C 96 0.93 -46.28 -28.77
C ARG C 96 -0.14 -45.72 -27.82
N PHE C 97 -0.59 -44.48 -28.03
CA PHE C 97 -1.66 -43.86 -27.22
C PHE C 97 -2.93 -44.71 -27.32
N TYR C 98 -3.36 -45.05 -28.54
CA TYR C 98 -4.61 -45.79 -28.83
C TYR C 98 -4.51 -47.24 -28.34
N THR C 99 -3.29 -47.77 -28.19
CA THR C 99 -3.04 -49.10 -27.57
C THR C 99 -3.34 -49.02 -26.06
N LEU C 100 -2.82 -47.99 -25.38
CA LEU C 100 -3.04 -47.74 -23.93
C LEU C 100 -4.52 -47.44 -23.66
N ILE C 101 -5.15 -46.62 -24.50
CA ILE C 101 -6.55 -46.13 -24.30
C ILE C 101 -7.37 -46.53 -25.53
N PRO C 102 -7.91 -47.77 -25.59
CA PRO C 102 -8.64 -48.26 -26.76
C PRO C 102 -9.86 -47.39 -27.10
N HIS C 103 -9.99 -47.00 -28.37
CA HIS C 103 -11.11 -46.19 -28.92
C HIS C 103 -11.91 -47.01 -29.93
N ASP C 104 -13.17 -46.64 -30.15
CA ASP C 104 -14.05 -47.22 -31.20
C ASP C 104 -14.73 -46.07 -31.95
N PRO C 110 -9.09 -43.82 -37.27
CA PRO C 110 -8.68 -43.23 -35.98
C PRO C 110 -7.89 -41.93 -36.16
N PRO C 111 -8.37 -40.80 -35.60
CA PRO C 111 -7.71 -39.50 -35.82
C PRO C 111 -6.23 -39.49 -35.41
N LEU C 112 -5.35 -39.11 -36.34
CA LEU C 112 -3.89 -38.98 -36.11
C LEU C 112 -3.63 -37.82 -35.14
N LEU C 113 -2.91 -38.08 -34.04
CA LEU C 113 -2.53 -37.06 -33.02
C LEU C 113 -1.27 -36.33 -33.50
N ASN C 114 -1.43 -35.33 -34.37
CA ASN C 114 -0.30 -34.62 -35.04
C ASN C 114 -0.49 -33.09 -34.96
N ASN C 115 -1.34 -32.60 -34.04
CA ASN C 115 -1.54 -31.14 -33.82
C ASN C 115 -1.85 -30.89 -32.34
N ALA C 116 -1.68 -29.64 -31.90
CA ALA C 116 -1.83 -29.17 -30.51
C ALA C 116 -3.28 -29.40 -30.03
N ASP C 117 -4.27 -29.06 -30.85
CA ASP C 117 -5.72 -29.15 -30.50
C ASP C 117 -6.09 -30.60 -30.20
N SER C 118 -5.66 -31.54 -31.06
CA SER C 118 -5.90 -32.99 -30.89
C SER C 118 -5.24 -33.49 -29.59
N VAL C 119 -4.00 -33.07 -29.32
CA VAL C 119 -3.24 -33.44 -28.09
C VAL C 119 -3.98 -32.91 -26.87
N GLN C 120 -4.44 -31.65 -26.91
CA GLN C 120 -5.15 -30.99 -25.78
C GLN C 120 -6.46 -31.72 -25.50
N ALA C 121 -7.21 -32.08 -26.55
CA ALA C 121 -8.51 -32.79 -26.44
C ALA C 121 -8.31 -34.13 -25.71
N LYS C 122 -7.23 -34.86 -26.03
CA LYS C 122 -6.92 -36.18 -25.42
C LYS C 122 -6.43 -35.98 -23.98
N ALA C 123 -5.67 -34.92 -23.70
CA ALA C 123 -5.16 -34.59 -22.34
C ALA C 123 -6.35 -34.29 -21.42
N GLU C 124 -7.33 -33.52 -21.91
CA GLU C 124 -8.55 -33.14 -21.15
C GLU C 124 -9.41 -34.39 -20.92
N MET C 125 -9.47 -35.29 -21.89
CA MET C 125 -10.16 -36.60 -21.71
C MET C 125 -9.50 -37.38 -20.56
N LEU C 126 -8.16 -37.46 -20.56
CA LEU C 126 -7.37 -38.16 -19.50
C LEU C 126 -7.65 -37.54 -18.13
N ASP C 127 -7.70 -36.21 -18.04
CA ASP C 127 -8.02 -35.48 -16.79
C ASP C 127 -9.33 -36.03 -16.23
N ASN C 128 -10.36 -36.16 -17.08
CA ASN C 128 -11.72 -36.62 -16.68
C ASN C 128 -11.66 -38.12 -16.34
N LEU C 129 -10.93 -38.93 -17.11
CA LEU C 129 -10.79 -40.40 -16.89
C LEU C 129 -10.15 -40.67 -15.52
N LEU C 130 -9.14 -39.90 -15.14
CA LEU C 130 -8.40 -40.08 -13.86
C LEU C 130 -9.37 -39.89 -12.69
N ASP C 131 -10.25 -38.88 -12.75
CA ASP C 131 -11.24 -38.60 -11.69
C ASP C 131 -12.34 -39.68 -11.71
N ILE C 132 -12.71 -40.18 -12.88
CA ILE C 132 -13.67 -41.32 -13.01
C ILE C 132 -13.07 -42.57 -12.36
N GLU C 133 -11.78 -42.82 -12.57
CA GLU C 133 -11.03 -43.95 -11.94
C GLU C 133 -11.08 -43.81 -10.41
N VAL C 134 -10.83 -42.59 -9.89
CA VAL C 134 -10.87 -42.29 -8.43
C VAL C 134 -12.28 -42.62 -7.91
N ALA C 135 -13.33 -42.17 -8.61
CA ALA C 135 -14.75 -42.36 -8.22
C ALA C 135 -15.08 -43.86 -8.13
N TYR C 136 -14.68 -44.61 -9.17
CA TYR C 136 -14.97 -46.06 -9.29
C TYR C 136 -14.19 -46.85 -8.24
N SER C 137 -12.91 -46.51 -8.00
CA SER C 137 -12.03 -47.16 -7.00
C SER C 137 -12.59 -46.99 -5.59
N LEU C 138 -13.02 -45.77 -5.24
CA LEU C 138 -13.72 -45.46 -3.96
C LEU C 138 -14.96 -46.34 -3.84
N LEU C 139 -15.81 -46.34 -4.88
CA LEU C 139 -17.15 -46.97 -4.88
C LEU C 139 -17.03 -48.49 -4.65
N ARG C 140 -15.95 -49.12 -5.13
CA ARG C 140 -15.75 -50.59 -5.03
C ARG C 140 -14.70 -50.93 -3.95
N GLY C 141 -14.18 -49.92 -3.24
CA GLY C 141 -13.16 -50.08 -2.19
C GLY C 141 -13.71 -50.77 -0.95
N SER C 147 -24.72 -53.54 6.81
CA SER C 147 -24.89 -52.98 8.17
C SER C 147 -25.30 -51.50 8.09
N LYS C 148 -24.54 -50.69 7.34
CA LYS C 148 -24.84 -49.26 7.07
C LYS C 148 -25.45 -49.11 5.67
N ASP C 149 -26.28 -48.07 5.48
CA ASP C 149 -26.89 -47.72 4.17
C ASP C 149 -25.77 -47.41 3.18
N PRO C 150 -25.77 -48.02 1.97
CA PRO C 150 -24.78 -47.71 0.93
C PRO C 150 -24.52 -46.22 0.70
N ILE C 151 -25.54 -45.38 0.85
CA ILE C 151 -25.45 -43.89 0.68
C ILE C 151 -24.51 -43.33 1.76
N ASP C 152 -24.71 -43.75 3.02
CA ASP C 152 -23.89 -43.34 4.19
C ASP C 152 -22.44 -43.84 4.01
N VAL C 153 -22.27 -45.06 3.52
CA VAL C 153 -20.93 -45.69 3.28
C VAL C 153 -20.15 -44.82 2.28
N ASN C 154 -20.79 -44.45 1.17
CA ASN C 154 -20.15 -43.70 0.06
C ASN C 154 -19.91 -42.24 0.49
N TYR C 155 -20.82 -41.68 1.30
CA TYR C 155 -20.66 -40.33 1.93
C TYR C 155 -19.32 -40.27 2.68
N GLU C 156 -19.05 -41.27 3.53
CA GLU C 156 -17.85 -41.32 4.41
C GLU C 156 -16.58 -41.39 3.55
N LYS C 157 -16.64 -42.04 2.39
CA LYS C 157 -15.48 -42.20 1.46
C LYS C 157 -15.04 -40.86 0.87
N LEU C 158 -15.92 -39.86 0.84
CA LEU C 158 -15.59 -38.49 0.33
C LEU C 158 -14.74 -37.73 1.37
N LYS C 159 -14.69 -38.20 2.61
CA LYS C 159 -13.93 -37.57 3.73
C LYS C 159 -14.22 -36.05 3.73
N THR C 160 -15.49 -35.69 3.60
CA THR C 160 -15.98 -34.29 3.51
C THR C 160 -17.26 -34.16 4.33
N ASP C 161 -17.31 -33.18 5.25
CA ASP C 161 -18.56 -32.77 5.92
C ASP C 161 -19.40 -31.98 4.91
N ILE C 162 -20.63 -32.40 4.65
CA ILE C 162 -21.56 -31.74 3.69
C ILE C 162 -22.84 -31.36 4.45
N LYS C 163 -23.11 -30.06 4.57
CA LYS C 163 -24.33 -29.52 5.22
C LYS C 163 -25.11 -28.69 4.20
N VAL C 164 -26.44 -28.77 4.25
CA VAL C 164 -27.36 -27.94 3.43
C VAL C 164 -27.39 -26.53 4.02
N VAL C 165 -27.18 -25.51 3.20
CA VAL C 165 -27.36 -24.07 3.57
C VAL C 165 -28.84 -23.75 3.40
N ASP C 166 -29.47 -23.22 4.45
CA ASP C 166 -30.91 -22.83 4.48
C ASP C 166 -31.17 -21.78 3.40
N ARG C 167 -32.19 -22.01 2.57
CA ARG C 167 -32.59 -21.13 1.43
C ARG C 167 -32.89 -19.70 1.94
N ASP C 168 -33.43 -19.56 3.17
CA ASP C 168 -33.89 -18.26 3.72
C ASP C 168 -32.75 -17.53 4.43
N SER C 169 -31.58 -18.17 4.59
CA SER C 169 -30.40 -17.60 5.30
C SER C 169 -29.80 -16.44 4.48
N GLU C 170 -29.14 -15.49 5.16
CA GLU C 170 -28.40 -14.39 4.50
C GLU C 170 -27.25 -15.00 3.67
N GLU C 171 -26.72 -16.14 4.11
CA GLU C 171 -25.66 -16.93 3.44
C GLU C 171 -26.11 -17.28 2.02
N ALA C 172 -27.30 -17.88 1.89
CA ALA C 172 -27.92 -18.29 0.61
C ALA C 172 -28.21 -17.06 -0.26
N GLU C 173 -28.69 -15.97 0.34
CA GLU C 173 -29.04 -14.70 -0.37
C GLU C 173 -27.78 -14.14 -1.05
N ILE C 174 -26.64 -14.14 -0.34
CA ILE C 174 -25.35 -13.61 -0.86
C ILE C 174 -24.92 -14.46 -2.07
N ILE C 175 -24.99 -15.79 -1.94
CA ILE C 175 -24.56 -16.75 -2.99
C ILE C 175 -25.49 -16.63 -4.22
N ARG C 176 -26.81 -16.56 -4.01
CA ARG C 176 -27.79 -16.39 -5.11
C ARG C 176 -27.51 -15.08 -5.85
N LYS C 177 -27.17 -14.00 -5.13
CA LYS C 177 -26.85 -12.67 -5.71
C LYS C 177 -25.57 -12.77 -6.56
N TYR C 178 -24.55 -13.50 -6.08
CA TYR C 178 -23.27 -13.75 -6.79
C TYR C 178 -23.58 -14.43 -8.13
N VAL C 179 -24.43 -15.46 -8.11
CA VAL C 179 -24.88 -16.22 -9.32
C VAL C 179 -25.63 -15.26 -10.27
N LYS C 180 -26.62 -14.50 -9.75
CA LYS C 180 -27.48 -13.61 -10.58
C LYS C 180 -26.65 -12.50 -11.21
N ASN C 181 -25.75 -11.86 -10.45
CA ASN C 181 -25.05 -10.62 -10.87
C ASN C 181 -23.92 -10.91 -11.86
N THR C 182 -23.25 -12.07 -11.78
CA THR C 182 -21.97 -12.31 -12.49
C THR C 182 -22.18 -13.29 -13.66
N HIS C 183 -23.41 -13.43 -14.15
CA HIS C 183 -23.70 -14.13 -15.43
C HIS C 183 -23.29 -13.22 -16.59
N ALA C 184 -22.32 -13.65 -17.39
CA ALA C 184 -21.72 -12.87 -18.50
C ALA C 184 -22.75 -12.65 -19.62
N THR C 185 -22.69 -11.48 -20.26
CA THR C 185 -23.60 -11.02 -21.36
C THR C 185 -23.49 -11.96 -22.57
N THR C 186 -22.30 -12.51 -22.84
CA THR C 186 -22.00 -13.31 -24.06
C THR C 186 -22.27 -14.80 -23.82
N HIS C 187 -22.60 -15.19 -22.58
CA HIS C 187 -23.00 -16.58 -22.22
C HIS C 187 -24.54 -16.64 -22.12
N ASN C 188 -25.24 -16.41 -23.23
CA ASN C 188 -26.73 -16.24 -23.26
C ASN C 188 -27.41 -17.52 -23.78
N ALA C 189 -26.69 -18.64 -23.80
CA ALA C 189 -27.20 -19.97 -24.23
C ALA C 189 -28.05 -20.59 -23.12
N TYR C 190 -27.88 -20.18 -21.87
CA TYR C 190 -28.64 -20.71 -20.70
C TYR C 190 -28.81 -19.64 -19.61
N ASP C 191 -29.84 -19.83 -18.78
CA ASP C 191 -30.05 -19.14 -17.48
C ASP C 191 -29.68 -20.11 -16.36
N LEU C 192 -29.25 -19.61 -15.21
CA LEU C 192 -28.85 -20.45 -14.05
C LEU C 192 -29.86 -20.29 -12.91
N GLU C 193 -30.22 -21.41 -12.29
CA GLU C 193 -31.11 -21.48 -11.11
C GLU C 193 -30.43 -22.35 -10.05
N VAL C 194 -30.22 -21.78 -8.86
CA VAL C 194 -29.66 -22.51 -7.68
C VAL C 194 -30.73 -23.47 -7.15
N ILE C 195 -30.47 -24.77 -7.18
CA ILE C 195 -31.38 -25.83 -6.61
C ILE C 195 -31.01 -25.99 -5.13
N ASP C 196 -29.76 -26.37 -4.84
CA ASP C 196 -29.27 -26.61 -3.46
C ASP C 196 -27.92 -25.90 -3.28
N ILE C 197 -27.67 -25.39 -2.08
CA ILE C 197 -26.35 -24.85 -1.64
C ILE C 197 -25.85 -25.73 -0.50
N PHE C 198 -24.66 -26.32 -0.67
CA PHE C 198 -23.99 -27.16 0.35
C PHE C 198 -22.77 -26.40 0.88
N LYS C 199 -22.62 -26.36 2.21
CA LYS C 199 -21.38 -25.95 2.90
C LYS C 199 -20.52 -27.20 3.09
N ILE C 200 -19.27 -27.18 2.62
CA ILE C 200 -18.40 -28.38 2.57
C ILE C 200 -17.10 -28.09 3.34
N GLU C 201 -16.62 -29.09 4.06
CA GLU C 201 -15.33 -29.06 4.80
C GLU C 201 -14.59 -30.37 4.50
N ARG C 202 -13.62 -30.32 3.59
CA ARG C 202 -12.78 -31.49 3.26
C ARG C 202 -11.84 -31.76 4.43
N GLU C 203 -11.74 -33.02 4.88
CA GLU C 203 -10.86 -33.40 6.02
C GLU C 203 -9.41 -33.00 5.68
N GLY C 204 -8.74 -32.32 6.60
CA GLY C 204 -7.33 -31.88 6.46
C GLY C 204 -7.16 -30.58 5.70
N GLU C 205 -8.20 -30.03 5.05
CA GLU C 205 -8.02 -28.87 4.14
C GLU C 205 -7.79 -27.59 4.95
N CYS C 206 -8.48 -27.42 6.07
CA CYS C 206 -8.32 -26.25 6.98
C CYS C 206 -6.86 -26.16 7.44
N GLN C 207 -6.29 -27.27 7.92
CA GLN C 207 -4.89 -27.34 8.41
C GLN C 207 -3.92 -27.03 7.25
N ARG C 208 -4.19 -27.59 6.06
CA ARG C 208 -3.39 -27.41 4.83
C ARG C 208 -3.43 -25.94 4.39
N TYR C 209 -4.59 -25.29 4.50
CA TYR C 209 -4.82 -23.89 4.06
C TYR C 209 -4.24 -22.90 5.08
N LYS C 210 -4.08 -23.31 6.33
CA LYS C 210 -3.75 -22.43 7.50
C LYS C 210 -2.62 -21.46 7.14
N PRO C 211 -1.48 -21.91 6.58
CA PRO C 211 -0.36 -21.00 6.31
C PRO C 211 -0.71 -19.86 5.33
N PHE C 212 -1.59 -20.13 4.36
CA PHE C 212 -2.01 -19.16 3.31
C PHE C 212 -3.16 -18.29 3.80
N LYS C 213 -3.78 -18.66 4.91
CA LYS C 213 -4.87 -17.87 5.56
C LYS C 213 -4.34 -16.50 5.99
N GLN C 214 -3.01 -16.36 6.17
CA GLN C 214 -2.27 -15.13 6.55
C GLN C 214 -1.96 -14.25 5.33
N LEU C 215 -2.06 -14.82 4.13
CA LEU C 215 -1.86 -14.07 2.86
C LEU C 215 -3.02 -13.09 2.69
N HIS C 216 -2.74 -11.89 2.17
CA HIS C 216 -3.76 -10.85 1.86
C HIS C 216 -4.50 -11.25 0.59
N ASN C 217 -5.58 -10.53 0.24
CA ASN C 217 -6.28 -10.67 -1.06
C ASN C 217 -6.82 -12.09 -1.18
N ARG C 218 -7.57 -12.54 -0.17
CA ARG C 218 -8.32 -13.82 -0.20
C ARG C 218 -9.69 -13.55 -0.81
N ARG C 219 -10.11 -14.35 -1.78
CA ARG C 219 -11.28 -14.07 -2.65
C ARG C 219 -12.13 -15.34 -2.81
N LEU C 220 -13.45 -15.20 -2.74
CA LEU C 220 -14.43 -16.28 -3.00
C LEU C 220 -14.70 -16.34 -4.52
N LEU C 221 -14.24 -17.40 -5.17
CA LEU C 221 -14.20 -17.55 -6.65
C LEU C 221 -14.85 -18.86 -7.07
N TRP C 222 -15.30 -18.91 -8.32
CA TRP C 222 -16.02 -20.04 -8.94
C TRP C 222 -15.02 -21.04 -9.51
N HIS C 223 -15.34 -22.34 -9.43
CA HIS C 223 -14.65 -23.43 -10.15
C HIS C 223 -15.68 -24.44 -10.64
N GLY C 224 -15.87 -24.50 -11.96
CA GLY C 224 -16.77 -25.45 -12.63
C GLY C 224 -16.03 -26.70 -13.05
N SER C 225 -16.73 -27.84 -13.05
CA SER C 225 -16.17 -29.15 -13.49
C SER C 225 -17.33 -30.09 -13.83
N ARG C 226 -17.05 -31.10 -14.64
CA ARG C 226 -18.01 -32.19 -14.96
C ARG C 226 -18.40 -32.90 -13.66
N THR C 227 -19.66 -33.31 -13.56
CA THR C 227 -20.23 -34.02 -12.38
C THR C 227 -19.40 -35.28 -12.07
N THR C 228 -18.89 -35.96 -13.09
CA THR C 228 -18.10 -37.22 -12.97
C THR C 228 -16.74 -36.97 -12.30
N ASN C 229 -16.37 -35.70 -12.06
CA ASN C 229 -15.08 -35.34 -11.42
C ASN C 229 -15.24 -35.16 -9.91
N PHE C 230 -16.47 -35.04 -9.39
CA PHE C 230 -16.71 -34.44 -8.05
C PHE C 230 -16.38 -35.43 -6.92
N ALA C 231 -16.45 -36.74 -7.15
CA ALA C 231 -15.97 -37.76 -6.18
C ALA C 231 -14.47 -37.54 -5.95
N GLY C 232 -13.72 -37.34 -7.04
CA GLY C 232 -12.28 -37.04 -7.02
C GLY C 232 -12.01 -35.72 -6.34
N ILE C 233 -12.77 -34.68 -6.71
CA ILE C 233 -12.59 -33.30 -6.18
C ILE C 233 -12.85 -33.30 -4.67
N LEU C 234 -13.94 -33.90 -4.20
CA LEU C 234 -14.28 -33.90 -2.75
C LEU C 234 -13.28 -34.77 -1.97
N SER C 235 -12.86 -35.92 -2.48
CA SER C 235 -11.96 -36.84 -1.75
C SER C 235 -10.51 -36.33 -1.77
N GLN C 236 -10.05 -35.70 -2.85
CA GLN C 236 -8.62 -35.33 -3.03
C GLN C 236 -8.42 -33.81 -3.16
N GLY C 237 -9.50 -33.03 -3.30
CA GLY C 237 -9.42 -31.56 -3.46
C GLY C 237 -9.07 -31.18 -4.89
N LEU C 238 -9.06 -29.89 -5.20
CA LEU C 238 -8.61 -29.40 -6.53
C LEU C 238 -7.12 -29.68 -6.67
N ARG C 239 -6.72 -30.19 -7.83
CA ARG C 239 -5.33 -30.64 -8.09
C ARG C 239 -4.82 -29.92 -9.33
N ILE C 240 -3.51 -29.89 -9.45
CA ILE C 240 -2.77 -29.37 -10.63
C ILE C 240 -2.48 -30.57 -11.54
N ALA C 241 -2.55 -30.37 -12.86
CA ALA C 241 -2.15 -31.35 -13.88
C ALA C 241 -0.78 -31.93 -13.51
N PRO C 242 -0.58 -33.26 -13.64
CA PRO C 242 0.69 -33.88 -13.25
C PRO C 242 1.84 -33.47 -14.19
N PRO C 243 3.11 -33.62 -13.77
CA PRO C 243 4.25 -33.29 -14.65
C PRO C 243 4.21 -33.95 -16.03
N GLU C 244 3.71 -35.21 -16.11
CA GLU C 244 3.69 -36.03 -17.35
C GLU C 244 2.66 -35.46 -18.34
N ALA C 245 1.68 -34.67 -17.89
CA ALA C 245 0.66 -34.04 -18.76
C ALA C 245 1.36 -33.06 -19.70
N PRO C 246 0.92 -32.95 -20.97
CA PRO C 246 1.52 -31.98 -21.90
C PRO C 246 1.20 -30.53 -21.47
N VAL C 247 2.08 -29.58 -21.85
CA VAL C 247 2.00 -28.16 -21.40
C VAL C 247 1.05 -27.38 -22.30
N THR C 248 0.67 -27.95 -23.46
CA THR C 248 -0.18 -27.29 -24.49
C THR C 248 -1.57 -26.96 -23.91
N GLY C 249 -2.07 -25.76 -24.19
CA GLY C 249 -3.48 -25.38 -23.98
C GLY C 249 -3.72 -24.75 -22.62
N TYR C 250 -2.74 -24.77 -21.73
CA TYR C 250 -2.72 -24.10 -20.41
C TYR C 250 -2.24 -22.65 -20.60
N MET C 251 -3.19 -21.73 -20.77
CA MET C 251 -2.94 -20.29 -21.06
C MET C 251 -1.93 -19.69 -20.08
N PHE C 252 -2.02 -20.02 -18.80
CA PHE C 252 -1.14 -19.50 -17.72
C PHE C 252 -0.44 -20.66 -17.00
N GLY C 253 -0.18 -21.75 -17.71
CA GLY C 253 0.58 -22.91 -17.20
C GLY C 253 -0.29 -23.82 -16.35
N LYS C 254 0.33 -24.86 -15.79
CA LYS C 254 -0.33 -25.89 -14.93
C LYS C 254 -0.59 -25.31 -13.55
N GLY C 255 -1.83 -24.93 -13.29
CA GLY C 255 -2.30 -24.46 -11.98
C GLY C 255 -3.77 -24.78 -11.79
N ILE C 256 -4.37 -24.23 -10.74
CA ILE C 256 -5.84 -24.32 -10.48
C ILE C 256 -6.46 -23.00 -10.94
N TYR C 257 -7.42 -23.08 -11.86
CA TYR C 257 -8.08 -21.92 -12.53
C TYR C 257 -9.43 -21.64 -11.87
N PHE C 258 -9.73 -20.35 -11.64
CA PHE C 258 -11.00 -19.86 -11.04
C PHE C 258 -11.50 -18.64 -11.83
N ALA C 259 -12.82 -18.42 -11.80
CA ALA C 259 -13.51 -17.26 -12.40
C ALA C 259 -14.15 -16.41 -11.29
N ASP C 260 -14.36 -15.12 -11.56
CA ASP C 260 -15.22 -14.24 -10.72
C ASP C 260 -16.59 -14.08 -11.41
N MET C 261 -16.76 -14.61 -12.62
CA MET C 261 -18.06 -14.66 -13.35
C MET C 261 -18.58 -16.10 -13.33
N VAL C 262 -19.75 -16.33 -12.72
CA VAL C 262 -20.33 -17.69 -12.52
C VAL C 262 -20.42 -18.44 -13.85
N SER C 263 -20.78 -17.75 -14.95
CA SER C 263 -21.06 -18.39 -16.27
C SER C 263 -19.77 -18.85 -16.93
N LYS C 264 -18.63 -18.18 -16.69
CA LYS C 264 -17.32 -18.62 -17.21
C LYS C 264 -16.99 -20.00 -16.60
N SER C 265 -17.22 -20.17 -15.29
CA SER C 265 -17.02 -21.45 -14.58
C SER C 265 -18.12 -22.46 -14.95
N ALA C 266 -19.38 -22.03 -15.03
CA ALA C 266 -20.54 -22.90 -15.31
C ALA C 266 -20.36 -23.61 -16.66
N ASN C 267 -19.71 -22.96 -17.63
CA ASN C 267 -19.42 -23.53 -18.98
C ASN C 267 -18.58 -24.81 -18.83
N TYR C 268 -17.74 -24.92 -17.80
CA TYR C 268 -16.85 -26.09 -17.58
C TYR C 268 -17.59 -27.25 -16.90
N CYS C 269 -18.86 -27.08 -16.53
CA CYS C 269 -19.76 -28.17 -16.07
C CYS C 269 -20.09 -29.10 -17.25
N HIS C 270 -19.97 -28.60 -18.49
CA HIS C 270 -20.30 -29.34 -19.75
CA HIS C 270 -20.31 -29.33 -19.75
C HIS C 270 -21.70 -29.96 -19.63
N THR C 271 -22.68 -29.19 -19.16
CA THR C 271 -24.11 -29.60 -19.09
C THR C 271 -24.74 -29.42 -20.48
N SER C 272 -25.85 -30.09 -20.73
CA SER C 272 -26.60 -30.07 -22.01
C SER C 272 -28.10 -30.13 -21.72
N GLN C 273 -28.93 -29.93 -22.73
CA GLN C 273 -30.43 -29.96 -22.62
C GLN C 273 -30.85 -31.31 -22.06
N GLY C 274 -30.14 -32.39 -22.42
CA GLY C 274 -30.44 -33.78 -21.98
C GLY C 274 -30.09 -34.01 -20.52
N ASP C 275 -29.11 -33.26 -19.99
CA ASP C 275 -28.58 -33.39 -18.60
C ASP C 275 -28.28 -32.00 -18.06
N PRO C 276 -29.31 -31.18 -17.76
CA PRO C 276 -29.12 -29.76 -17.46
C PRO C 276 -28.79 -29.42 -16.00
N ILE C 277 -28.39 -30.42 -15.21
CA ILE C 277 -28.01 -30.27 -13.77
C ILE C 277 -26.48 -30.34 -13.66
N GLY C 278 -25.86 -29.30 -13.11
CA GLY C 278 -24.40 -29.18 -12.94
C GLY C 278 -24.02 -28.91 -11.50
N LEU C 279 -22.75 -29.17 -11.16
CA LEU C 279 -22.15 -28.85 -9.84
C LEU C 279 -21.06 -27.80 -10.04
N ILE C 280 -21.01 -26.79 -9.19
CA ILE C 280 -19.99 -25.70 -9.24
C ILE C 280 -19.52 -25.41 -7.81
N LEU C 281 -18.23 -25.12 -7.65
CA LEU C 281 -17.62 -24.84 -6.33
C LEU C 281 -17.49 -23.33 -6.12
N LEU C 282 -17.63 -22.88 -4.87
CA LEU C 282 -17.05 -21.61 -4.38
C LEU C 282 -15.86 -21.95 -3.48
N GLY C 283 -14.67 -21.55 -3.90
CA GLY C 283 -13.42 -21.71 -3.16
C GLY C 283 -12.94 -20.36 -2.62
N GLU C 284 -12.46 -20.34 -1.39
CA GLU C 284 -11.62 -19.24 -0.86
C GLU C 284 -10.21 -19.45 -1.42
N VAL C 285 -9.74 -18.53 -2.27
CA VAL C 285 -8.40 -18.61 -2.91
C VAL C 285 -7.51 -17.51 -2.32
N ALA C 286 -6.37 -17.89 -1.76
CA ALA C 286 -5.35 -16.97 -1.21
C ALA C 286 -4.50 -16.44 -2.37
N LEU C 287 -4.92 -15.33 -2.97
CA LEU C 287 -4.31 -14.76 -4.21
C LEU C 287 -3.03 -13.98 -3.86
N GLY C 288 -3.00 -13.31 -2.71
CA GLY C 288 -1.89 -12.42 -2.32
C GLY C 288 -1.58 -11.41 -3.41
N ASN C 289 -0.29 -11.22 -3.71
CA ASN C 289 0.20 -10.31 -4.77
C ASN C 289 0.00 -11.00 -6.12
N MET C 290 -0.94 -10.48 -6.92
CA MET C 290 -1.34 -11.07 -8.23
C MET C 290 -0.39 -10.57 -9.31
N TYR C 291 0.16 -11.51 -10.08
CA TYR C 291 0.90 -11.26 -11.35
C TYR C 291 -0.16 -11.07 -12.45
N GLU C 292 -0.38 -9.82 -12.86
CA GLU C 292 -1.50 -9.42 -13.75
C GLU C 292 -1.02 -9.51 -15.21
N LEU C 293 -1.67 -10.35 -16.02
CA LEU C 293 -1.27 -10.65 -17.42
C LEU C 293 -2.49 -10.49 -18.34
N LYS C 294 -2.25 -10.00 -19.56
CA LYS C 294 -3.31 -9.76 -20.59
C LYS C 294 -3.30 -10.89 -21.62
N HIS C 295 -2.21 -11.67 -21.70
CA HIS C 295 -1.96 -12.64 -22.79
C HIS C 295 -1.38 -13.95 -22.22
N ALA C 296 -1.52 -15.04 -22.98
CA ALA C 296 -0.96 -16.37 -22.66
C ALA C 296 0.53 -16.23 -22.37
N SER C 297 1.02 -16.90 -21.32
CA SER C 297 2.42 -16.78 -20.85
C SER C 297 2.96 -18.10 -20.33
N HIS C 298 4.22 -18.39 -20.65
CA HIS C 298 5.13 -19.29 -19.91
C HIS C 298 5.40 -18.73 -18.51
N ILE C 299 4.67 -19.24 -17.52
CA ILE C 299 5.13 -19.30 -16.11
C ILE C 299 6.16 -20.42 -16.01
N SER C 300 7.43 -20.08 -15.75
CA SER C 300 8.53 -21.02 -15.38
C SER C 300 8.51 -21.21 -13.85
N LYS C 301 8.37 -20.09 -13.14
CA LYS C 301 8.07 -19.94 -11.70
C LYS C 301 7.38 -18.56 -11.63
N LEU C 302 6.47 -18.30 -10.70
CA LEU C 302 5.98 -16.92 -10.41
C LEU C 302 7.17 -16.03 -10.08
N PRO C 303 7.14 -14.72 -10.43
CA PRO C 303 8.14 -13.79 -9.92
C PRO C 303 8.15 -13.83 -8.38
N LYS C 304 9.32 -13.67 -7.76
CA LYS C 304 9.46 -13.55 -6.29
C LYS C 304 8.49 -12.47 -5.78
N GLY C 305 7.66 -12.82 -4.78
CA GLY C 305 6.71 -11.88 -4.14
C GLY C 305 5.33 -11.94 -4.77
N LYS C 306 5.15 -12.73 -5.84
CA LYS C 306 3.84 -12.98 -6.49
C LYS C 306 3.33 -14.35 -6.05
N HIS C 307 2.04 -14.48 -5.76
CA HIS C 307 1.42 -15.70 -5.17
C HIS C 307 0.38 -16.31 -6.12
N SER C 308 0.03 -15.61 -7.18
CA SER C 308 -1.05 -16.01 -8.14
C SER C 308 -0.91 -15.22 -9.44
N VAL C 309 -1.58 -15.70 -10.48
CA VAL C 309 -1.77 -14.95 -11.75
C VAL C 309 -3.23 -14.50 -11.82
N LYS C 310 -3.46 -13.26 -12.23
CA LYS C 310 -4.79 -12.76 -12.68
C LYS C 310 -4.69 -12.50 -14.19
N GLY C 311 -5.42 -13.28 -14.98
CA GLY C 311 -5.73 -12.94 -16.39
C GLY C 311 -6.74 -11.81 -16.43
N LEU C 312 -6.41 -10.69 -17.07
CA LEU C 312 -7.23 -9.46 -17.07
C LEU C 312 -8.27 -9.52 -18.19
N GLY C 313 -9.56 -9.58 -17.82
CA GLY C 313 -10.70 -9.53 -18.76
C GLY C 313 -11.08 -8.11 -19.15
N LYS C 314 -11.78 -7.97 -20.27
CA LYS C 314 -12.39 -6.69 -20.72
C LYS C 314 -13.55 -6.33 -19.76
N THR C 315 -14.16 -7.34 -19.14
CA THR C 315 -15.32 -7.22 -18.22
C THR C 315 -14.93 -7.75 -16.83
N THR C 316 -15.31 -7.03 -15.79
CA THR C 316 -14.97 -7.32 -14.37
C THR C 316 -16.19 -7.02 -13.51
N PRO C 317 -16.47 -7.81 -12.44
CA PRO C 317 -17.51 -7.46 -11.47
C PRO C 317 -17.31 -6.04 -10.93
N ASP C 318 -18.37 -5.24 -10.86
CA ASP C 318 -18.35 -3.85 -10.37
C ASP C 318 -17.66 -3.83 -9.01
N PRO C 319 -16.42 -3.29 -8.90
CA PRO C 319 -15.69 -3.29 -7.64
C PRO C 319 -16.40 -2.55 -6.50
N SER C 320 -17.26 -1.58 -6.80
CA SER C 320 -18.03 -0.80 -5.79
C SER C 320 -19.04 -1.71 -5.07
N ALA C 321 -19.39 -2.85 -5.65
CA ALA C 321 -20.32 -3.85 -5.08
C ALA C 321 -19.56 -4.98 -4.37
N ASN C 322 -18.22 -4.95 -4.36
CA ASN C 322 -17.38 -5.92 -3.61
C ASN C 322 -17.75 -5.83 -2.13
N ILE C 323 -17.93 -6.98 -1.46
CA ILE C 323 -18.14 -7.05 0.01
C ILE C 323 -17.05 -7.95 0.61
N SER C 324 -16.63 -7.64 1.85
CA SER C 324 -15.67 -8.43 2.65
C SER C 324 -16.45 -9.17 3.75
N LEU C 325 -16.49 -10.50 3.68
CA LEU C 325 -17.16 -11.42 4.64
C LEU C 325 -16.09 -12.25 5.32
N ASP C 326 -15.85 -11.99 6.61
CA ASP C 326 -14.84 -12.73 7.44
C ASP C 326 -13.48 -12.66 6.72
N GLY C 327 -13.09 -11.46 6.24
CA GLY C 327 -11.77 -11.20 5.65
C GLY C 327 -11.62 -11.74 4.23
N VAL C 328 -12.71 -12.20 3.61
CA VAL C 328 -12.72 -12.75 2.23
C VAL C 328 -13.58 -11.84 1.35
N ASP C 329 -13.02 -11.41 0.22
CA ASP C 329 -13.70 -10.57 -0.80
C ASP C 329 -14.66 -11.46 -1.59
N VAL C 330 -15.92 -11.01 -1.74
CA VAL C 330 -16.93 -11.60 -2.65
C VAL C 330 -17.23 -10.59 -3.76
N PRO C 331 -16.70 -10.79 -4.99
CA PRO C 331 -16.90 -9.83 -6.07
C PRO C 331 -18.23 -10.09 -6.79
N LEU C 332 -19.35 -9.82 -6.13
CA LEU C 332 -20.71 -10.17 -6.64
C LEU C 332 -21.34 -8.98 -7.38
N GLY C 333 -20.54 -7.98 -7.75
CA GLY C 333 -20.98 -6.86 -8.61
C GLY C 333 -21.31 -7.33 -10.02
N THR C 334 -22.26 -6.67 -10.68
CA THR C 334 -22.60 -6.86 -12.12
C THR C 334 -21.35 -6.60 -12.97
N GLY C 335 -21.17 -7.36 -14.05
CA GLY C 335 -20.06 -7.19 -15.02
C GLY C 335 -20.10 -5.80 -15.65
N ILE C 336 -19.02 -5.04 -15.51
CA ILE C 336 -18.82 -3.71 -16.16
C ILE C 336 -17.49 -3.75 -16.91
N SER C 337 -17.24 -2.75 -17.76
CA SER C 337 -15.95 -2.54 -18.46
C SER C 337 -14.84 -2.36 -17.42
N SER C 338 -13.77 -3.16 -17.51
CA SER C 338 -12.48 -2.91 -16.82
C SER C 338 -11.81 -1.75 -17.55
N GLY C 339 -10.57 -1.40 -17.26
CA GLY C 339 -9.85 -0.36 -18.04
C GLY C 339 -9.28 -0.93 -19.35
N VAL C 340 -9.30 -2.25 -19.50
CA VAL C 340 -8.35 -3.03 -20.33
C VAL C 340 -9.00 -3.41 -21.65
N ASN C 341 -8.54 -2.85 -22.77
CA ASN C 341 -9.01 -3.18 -24.14
C ASN C 341 -8.04 -4.16 -24.81
N ASP C 342 -6.75 -4.09 -24.46
CA ASP C 342 -5.64 -4.81 -25.15
C ASP C 342 -5.39 -6.17 -24.48
N THR C 343 -6.43 -7.01 -24.39
CA THR C 343 -6.39 -8.31 -23.66
C THR C 343 -6.97 -9.43 -24.53
N SER C 344 -6.46 -10.65 -24.33
CA SER C 344 -6.91 -11.90 -24.98
C SER C 344 -8.22 -12.41 -24.34
N LEU C 345 -8.56 -11.92 -23.15
CA LEU C 345 -9.66 -12.47 -22.31
C LEU C 345 -10.87 -11.53 -22.30
N LEU C 346 -12.08 -12.08 -22.40
CA LEU C 346 -13.34 -11.34 -22.22
C LEU C 346 -13.57 -11.13 -20.71
N TYR C 347 -13.21 -12.11 -19.89
CA TYR C 347 -13.49 -12.16 -18.43
C TYR C 347 -12.21 -12.52 -17.68
N ASN C 348 -12.14 -12.10 -16.42
CA ASN C 348 -10.99 -12.35 -15.52
C ASN C 348 -10.81 -13.85 -15.36
N GLU C 349 -9.62 -14.23 -14.90
CA GLU C 349 -9.20 -15.62 -14.63
C GLU C 349 -8.16 -15.53 -13.52
N TYR C 350 -8.18 -16.45 -12.55
CA TYR C 350 -7.24 -16.48 -11.41
C TYR C 350 -6.62 -17.88 -11.33
N ILE C 351 -5.30 -17.93 -11.20
CA ILE C 351 -4.53 -19.21 -11.18
C ILE C 351 -3.61 -19.21 -9.97
N VAL C 352 -3.65 -20.28 -9.18
CA VAL C 352 -2.65 -20.58 -8.11
C VAL C 352 -1.92 -21.87 -8.49
N TYR C 353 -0.69 -22.01 -8.04
CA TYR C 353 0.27 -23.07 -8.46
C TYR C 353 0.65 -23.92 -7.25
N ASP C 354 -0.07 -23.76 -6.13
CA ASP C 354 0.05 -24.58 -4.90
C ASP C 354 -1.36 -24.97 -4.47
N ILE C 355 -1.65 -26.28 -4.38
CA ILE C 355 -2.98 -26.84 -4.02
C ILE C 355 -3.41 -26.33 -2.64
N ALA C 356 -2.47 -25.98 -1.76
CA ALA C 356 -2.72 -25.53 -0.37
C ALA C 356 -3.31 -24.10 -0.34
N GLN C 357 -3.30 -23.37 -1.46
CA GLN C 357 -3.80 -21.97 -1.55
C GLN C 357 -5.33 -21.94 -1.77
N VAL C 358 -5.98 -23.10 -1.79
CA VAL C 358 -7.46 -23.22 -2.02
C VAL C 358 -8.13 -23.83 -0.78
N ASN C 359 -9.19 -23.20 -0.30
CA ASN C 359 -10.10 -23.77 0.74
C ASN C 359 -11.52 -23.79 0.15
N LEU C 360 -12.00 -24.97 -0.22
CA LEU C 360 -13.37 -25.13 -0.79
C LEU C 360 -14.38 -24.82 0.34
N LYS C 361 -15.37 -23.98 0.05
CA LYS C 361 -16.36 -23.47 1.04
C LYS C 361 -17.76 -24.02 0.70
N TYR C 362 -18.19 -23.88 -0.55
CA TYR C 362 -19.56 -24.25 -0.99
C TYR C 362 -19.52 -25.07 -2.28
N LEU C 363 -20.53 -25.95 -2.41
CA LEU C 363 -20.86 -26.70 -3.65
C LEU C 363 -22.33 -26.38 -3.98
N LEU C 364 -22.57 -25.85 -5.18
CA LEU C 364 -23.92 -25.48 -5.66
C LEU C 364 -24.38 -26.53 -6.67
N LYS C 365 -25.60 -27.06 -6.51
CA LYS C 365 -26.32 -27.80 -7.57
C LYS C 365 -27.12 -26.76 -8.38
N LEU C 366 -26.74 -26.55 -9.65
CA LEU C 366 -27.36 -25.55 -10.55
C LEU C 366 -28.25 -26.26 -11.58
N LYS C 367 -29.42 -25.70 -11.84
CA LYS C 367 -30.26 -25.99 -13.03
C LYS C 367 -29.80 -25.04 -14.14
N PHE C 368 -29.44 -25.60 -15.30
CA PHE C 368 -29.18 -24.86 -16.56
C PHE C 368 -30.47 -24.87 -17.39
N ASN C 369 -31.11 -23.70 -17.55
CA ASN C 369 -32.31 -23.50 -18.39
C ASN C 369 -31.86 -22.97 -19.76
N PHE C 370 -31.73 -23.86 -20.76
CA PHE C 370 -31.29 -23.52 -22.13
C PHE C 370 -32.42 -22.83 -22.89
N LYS C 371 -32.08 -21.88 -23.76
CA LYS C 371 -33.02 -20.88 -24.34
C LYS C 371 -33.69 -21.45 -25.59
N THR C 372 -35.02 -21.39 -25.63
CA THR C 372 -35.90 -21.86 -26.74
C THR C 372 -35.64 -23.36 -27.00
N LYS D 23 54.36 -3.11 -10.05
CA LYS D 23 53.72 -3.65 -11.30
C LYS D 23 52.20 -3.61 -11.16
N SER D 24 51.67 -3.90 -9.96
CA SER D 24 50.23 -3.79 -9.57
C SER D 24 49.67 -2.44 -10.01
N LYS D 25 48.65 -2.45 -10.88
CA LYS D 25 47.99 -1.25 -11.44
C LYS D 25 46.75 -0.87 -10.61
N LEU D 26 46.46 -1.63 -9.54
CA LEU D 26 45.33 -1.35 -8.63
C LEU D 26 45.59 -0.04 -7.89
N PRO D 27 44.55 0.79 -7.63
CA PRO D 27 44.72 1.99 -6.81
C PRO D 27 45.25 1.65 -5.41
N LYS D 28 46.02 2.57 -4.81
CA LYS D 28 46.70 2.37 -3.51
C LYS D 28 45.69 1.93 -2.44
N PRO D 29 44.53 2.62 -2.27
CA PRO D 29 43.55 2.23 -1.26
C PRO D 29 43.08 0.77 -1.38
N VAL D 30 42.97 0.26 -2.60
CA VAL D 30 42.54 -1.15 -2.90
C VAL D 30 43.69 -2.09 -2.49
N GLN D 31 44.94 -1.72 -2.78
CA GLN D 31 46.13 -2.51 -2.38
C GLN D 31 46.16 -2.62 -0.85
N ASP D 32 45.96 -1.49 -0.16
CA ASP D 32 45.94 -1.41 1.34
C ASP D 32 44.81 -2.30 1.88
N LEU D 33 43.65 -2.32 1.21
CA LEU D 33 42.49 -3.18 1.61
C LEU D 33 42.89 -4.66 1.50
N ILE D 34 43.55 -5.06 0.41
CA ILE D 34 43.98 -6.47 0.16
C ILE D 34 44.96 -6.89 1.25
N LYS D 35 45.96 -6.05 1.56
CA LYS D 35 46.98 -6.32 2.63
C LYS D 35 46.26 -6.51 3.98
N MET D 36 45.31 -5.63 4.28
CA MET D 36 44.51 -5.62 5.54
C MET D 36 43.76 -6.95 5.70
N ILE D 37 43.12 -7.46 4.65
CA ILE D 37 42.20 -8.63 4.75
C ILE D 37 42.97 -9.95 4.65
N PHE D 38 44.18 -9.96 4.06
CA PHE D 38 45.02 -11.18 3.97
C PHE D 38 46.21 -11.11 4.95
N ASP D 39 46.05 -10.34 6.04
CA ASP D 39 47.12 -10.11 7.07
C ASP D 39 47.23 -11.36 7.96
N VAL D 40 48.28 -12.16 7.76
CA VAL D 40 48.51 -13.45 8.49
C VAL D 40 48.72 -13.17 9.99
N GLU D 41 49.38 -12.05 10.32
CA GLU D 41 49.68 -11.68 11.73
C GLU D 41 48.37 -11.39 12.48
N SER D 42 47.41 -10.73 11.82
CA SER D 42 46.05 -10.47 12.37
C SER D 42 45.34 -11.81 12.65
N MET D 43 45.50 -12.81 11.77
CA MET D 43 44.90 -14.15 11.92
C MET D 43 45.44 -14.82 13.19
N LYS D 44 46.77 -14.82 13.38
CA LYS D 44 47.43 -15.42 14.57
C LYS D 44 47.00 -14.68 15.83
N LYS D 45 46.96 -13.34 15.77
CA LYS D 45 46.57 -12.47 16.91
C LYS D 45 45.12 -12.80 17.34
N ALA D 46 44.20 -12.96 16.39
CA ALA D 46 42.80 -13.36 16.66
C ALA D 46 42.78 -14.70 17.42
N MET D 47 43.56 -15.68 16.97
CA MET D 47 43.59 -17.03 17.58
C MET D 47 44.20 -16.95 19.00
N VAL D 48 45.22 -16.13 19.21
CA VAL D 48 45.83 -15.88 20.55
C VAL D 48 44.77 -15.25 21.47
N GLU D 49 44.01 -14.27 20.99
CA GLU D 49 42.94 -13.59 21.76
C GLU D 49 41.91 -14.62 22.23
N TYR D 50 41.56 -15.59 21.37
CA TYR D 50 40.63 -16.71 21.65
C TYR D 50 41.25 -17.73 22.61
N GLU D 51 42.55 -17.61 22.89
CA GLU D 51 43.34 -18.49 23.79
C GLU D 51 43.43 -19.89 23.17
N ILE D 52 43.50 -19.95 21.84
CA ILE D 52 43.84 -21.19 21.08
C ILE D 52 45.31 -21.50 21.30
N ASP D 53 45.63 -22.78 21.49
CA ASP D 53 47.03 -23.28 21.58
C ASP D 53 47.61 -23.33 20.16
N LEU D 54 48.41 -22.34 19.80
CA LEU D 54 48.97 -22.19 18.43
C LEU D 54 50.04 -23.26 18.15
N GLN D 55 50.58 -23.91 19.18
CA GLN D 55 51.56 -25.01 19.03
C GLN D 55 50.82 -26.32 18.67
N LYS D 56 49.66 -26.57 19.29
CA LYS D 56 48.84 -27.79 19.05
C LYS D 56 48.02 -27.60 17.77
N MET D 57 47.50 -26.40 17.52
CA MET D 57 46.66 -26.08 16.34
C MET D 57 47.19 -24.80 15.68
N PRO D 58 48.29 -24.88 14.89
CA PRO D 58 48.76 -23.72 14.14
C PRO D 58 47.73 -23.29 13.06
N LEU D 59 47.88 -22.07 12.55
CA LEU D 59 47.02 -21.46 11.51
C LEU D 59 46.93 -22.41 10.30
N GLY D 60 48.04 -23.03 9.90
CA GLY D 60 48.14 -23.94 8.74
C GLY D 60 47.44 -25.28 8.94
N LYS D 61 47.02 -25.62 10.16
CA LYS D 61 46.37 -26.92 10.50
C LYS D 61 44.85 -26.74 10.67
N LEU D 62 44.34 -25.50 10.72
CA LEU D 62 42.88 -25.22 10.73
C LEU D 62 42.24 -25.93 9.54
N SER D 63 41.15 -26.66 9.79
CA SER D 63 40.45 -27.49 8.76
C SER D 63 38.93 -27.32 8.89
N LYS D 64 38.22 -27.25 7.77
CA LYS D 64 36.74 -27.05 7.71
C LYS D 64 36.05 -28.21 8.44
N ARG D 65 36.50 -29.44 8.20
CA ARG D 65 35.87 -30.69 8.73
C ARG D 65 35.98 -30.74 10.25
N GLN D 66 37.09 -30.29 10.84
CA GLN D 66 37.30 -30.29 12.31
C GLN D 66 36.43 -29.19 12.94
N ILE D 67 36.31 -28.03 12.30
CA ILE D 67 35.46 -26.89 12.78
C ILE D 67 33.98 -27.32 12.68
N GLN D 68 33.62 -27.99 11.59
CA GLN D 68 32.26 -28.58 11.40
C GLN D 68 31.95 -29.52 12.58
N ALA D 69 32.87 -30.44 12.88
CA ALA D 69 32.76 -31.42 14.00
C ALA D 69 32.67 -30.69 15.34
N ALA D 70 33.38 -29.57 15.50
CA ALA D 70 33.35 -28.73 16.72
C ALA D 70 31.96 -28.10 16.90
N TYR D 71 31.35 -27.60 15.81
CA TYR D 71 29.97 -27.04 15.81
C TYR D 71 28.99 -28.10 16.33
N SER D 72 29.07 -29.30 15.77
CA SER D 72 28.20 -30.46 16.12
C SER D 72 28.31 -30.77 17.61
N ILE D 73 29.52 -30.78 18.16
CA ILE D 73 29.77 -31.01 19.62
C ILE D 73 29.09 -29.90 20.43
N LEU D 74 29.21 -28.63 20.01
CA LEU D 74 28.57 -27.47 20.71
C LEU D 74 27.05 -27.62 20.69
N SER D 75 26.49 -28.17 19.60
CA SER D 75 25.04 -28.46 19.47
C SER D 75 24.63 -29.56 20.45
N GLU D 76 25.46 -30.60 20.63
CA GLU D 76 25.24 -31.68 21.63
C GLU D 76 25.29 -31.07 23.04
N VAL D 77 26.21 -30.13 23.29
CA VAL D 77 26.33 -29.44 24.61
C VAL D 77 25.04 -28.65 24.86
N GLN D 78 24.61 -27.84 23.87
CA GLN D 78 23.37 -27.03 23.94
C GLN D 78 22.19 -27.96 24.26
N GLN D 79 22.09 -29.09 23.59
CA GLN D 79 21.01 -30.10 23.78
C GLN D 79 21.12 -30.71 25.18
N ALA D 80 22.33 -31.07 25.62
CA ALA D 80 22.61 -31.65 26.96
C ALA D 80 22.19 -30.67 28.07
N VAL D 81 22.51 -29.37 27.91
CA VAL D 81 22.24 -28.33 28.95
C VAL D 81 20.73 -28.12 29.11
N SER D 82 20.00 -27.89 28.01
CA SER D 82 18.54 -27.63 28.02
C SER D 82 17.76 -28.90 28.44
N GLN D 83 18.29 -30.08 28.14
CA GLN D 83 17.71 -31.41 28.50
C GLN D 83 17.95 -31.70 29.99
N GLY D 84 18.89 -30.99 30.63
CA GLY D 84 19.24 -31.19 32.05
C GLY D 84 20.01 -32.49 32.24
N SER D 85 20.93 -32.79 31.31
CA SER D 85 21.80 -33.99 31.31
C SER D 85 22.75 -33.95 32.52
N SER D 86 23.34 -35.09 32.87
CA SER D 86 24.29 -35.24 34.01
C SER D 86 25.53 -34.37 33.74
N ASP D 87 26.26 -34.02 34.81
CA ASP D 87 27.51 -33.21 34.74
C ASP D 87 28.58 -34.03 34.01
N SER D 88 28.55 -35.35 34.15
CA SER D 88 29.48 -36.32 33.51
C SER D 88 29.42 -36.19 31.98
N GLN D 89 28.23 -36.23 31.40
CA GLN D 89 28.01 -36.20 29.92
C GLN D 89 28.32 -34.79 29.39
N ILE D 90 28.02 -33.75 30.17
CA ILE D 90 28.36 -32.33 29.84
C ILE D 90 29.89 -32.17 29.85
N LEU D 91 30.55 -32.64 30.92
CA LEU D 91 32.03 -32.61 31.06
C LEU D 91 32.67 -33.35 29.88
N ASP D 92 32.16 -34.54 29.55
CA ASP D 92 32.62 -35.38 28.41
C ASP D 92 32.60 -34.54 27.12
N LEU D 93 31.43 -33.96 26.79
CA LEU D 93 31.24 -33.16 25.55
C LEU D 93 32.16 -31.93 25.59
N SER D 94 32.26 -31.27 26.74
CA SER D 94 33.11 -30.06 26.96
C SER D 94 34.59 -30.42 26.68
N ASN D 95 35.05 -31.58 27.16
CA ASN D 95 36.42 -32.10 26.93
C ASN D 95 36.62 -32.47 25.46
N ARG D 96 35.58 -33.02 24.80
CA ARG D 96 35.63 -33.40 23.37
C ARG D 96 35.83 -32.14 22.52
N PHE D 97 35.13 -31.05 22.86
CA PHE D 97 35.28 -29.75 22.15
C PHE D 97 36.74 -29.28 22.25
N TYR D 98 37.30 -29.26 23.47
CA TYR D 98 38.67 -28.76 23.76
C TYR D 98 39.73 -29.69 23.14
N THR D 99 39.39 -30.95 22.89
CA THR D 99 40.26 -31.91 22.15
C THR D 99 40.32 -31.50 20.68
N LEU D 100 39.17 -31.21 20.06
CA LEU D 100 39.07 -30.78 18.64
C LEU D 100 39.73 -29.41 18.46
N ILE D 101 39.52 -28.47 19.39
CA ILE D 101 40.02 -27.08 19.31
C ILE D 101 40.88 -26.81 20.53
N PRO D 102 42.20 -27.16 20.49
CA PRO D 102 43.06 -27.02 21.66
C PRO D 102 43.18 -25.57 22.14
N HIS D 103 43.01 -25.35 23.44
CA HIS D 103 43.10 -24.02 24.11
C HIS D 103 44.29 -24.04 25.09
N ASP D 104 44.82 -22.85 25.41
CA ASP D 104 45.79 -22.64 26.52
C ASP D 104 45.32 -21.45 27.34
N PHE D 105 44.74 -21.69 28.51
CA PHE D 105 44.12 -20.65 29.37
C PHE D 105 45.12 -20.11 30.41
N GLY D 106 46.37 -20.59 30.39
CA GLY D 106 47.44 -20.10 31.27
C GLY D 106 47.15 -20.43 32.73
N MET D 107 46.96 -19.40 33.56
CA MET D 107 46.67 -19.52 35.02
C MET D 107 45.25 -20.06 35.23
N LYS D 108 44.30 -19.60 34.43
CA LYS D 108 42.86 -20.01 34.46
C LYS D 108 42.76 -21.47 33.99
N LYS D 109 41.85 -22.27 34.56
CA LYS D 109 41.46 -23.60 34.03
C LYS D 109 40.43 -23.39 32.93
N PRO D 110 40.26 -24.37 32.01
CA PRO D 110 39.34 -24.21 30.87
C PRO D 110 37.88 -24.11 31.32
N PRO D 111 37.15 -23.02 30.95
CA PRO D 111 35.73 -22.89 31.27
C PRO D 111 34.89 -24.10 30.83
N LEU D 112 34.14 -24.69 31.76
CA LEU D 112 33.15 -25.77 31.50
C LEU D 112 32.01 -25.20 30.63
N LEU D 113 31.74 -25.85 29.49
CA LEU D 113 30.65 -25.46 28.55
C LEU D 113 29.34 -26.10 29.04
N ASN D 114 28.67 -25.45 29.99
CA ASN D 114 27.43 -25.96 30.66
C ASN D 114 26.35 -24.88 30.70
N ASN D 115 26.46 -23.81 29.89
CA ASN D 115 25.46 -22.72 29.80
C ASN D 115 25.43 -22.17 28.37
N ALA D 116 24.34 -21.48 28.04
CA ALA D 116 24.05 -20.90 26.71
C ALA D 116 25.13 -19.89 26.32
N ASP D 117 25.51 -18.99 27.24
CA ASP D 117 26.47 -17.88 26.98
C ASP D 117 27.83 -18.46 26.59
N SER D 118 28.31 -19.47 27.31
CA SER D 118 29.60 -20.16 27.06
C SER D 118 29.54 -20.84 25.67
N VAL D 119 28.44 -21.50 25.35
CA VAL D 119 28.23 -22.21 24.06
C VAL D 119 28.23 -21.17 22.93
N GLN D 120 27.54 -20.03 23.11
CA GLN D 120 27.42 -18.96 22.09
C GLN D 120 28.81 -18.35 21.84
N ALA D 121 29.59 -18.10 22.89
CA ALA D 121 30.95 -17.52 22.79
C ALA D 121 31.85 -18.43 21.93
N LYS D 122 31.75 -19.75 22.12
CA LYS D 122 32.55 -20.75 21.36
C LYS D 122 32.04 -20.87 19.93
N ALA D 123 30.72 -20.77 19.71
CA ALA D 123 30.09 -20.83 18.36
C ALA D 123 30.58 -19.63 17.54
N GLU D 124 30.59 -18.43 18.14
CA GLU D 124 31.04 -17.17 17.48
C GLU D 124 32.53 -17.25 17.20
N MET D 125 33.32 -17.86 18.09
CA MET D 125 34.76 -18.12 17.82
C MET D 125 34.89 -18.99 16.57
N LEU D 126 34.13 -20.09 16.48
CA LEU D 126 34.16 -21.02 15.32
C LEU D 126 33.78 -20.27 14.04
N ASP D 127 32.77 -19.42 14.08
CA ASP D 127 32.33 -18.59 12.92
C ASP D 127 33.56 -17.84 12.39
N ASN D 128 34.32 -17.21 13.28
CA ASN D 128 35.49 -16.37 12.92
C ASN D 128 36.63 -17.29 12.41
N LEU D 129 36.85 -18.43 13.07
CA LEU D 129 37.91 -19.40 12.69
C LEU D 129 37.69 -19.93 11.28
N LEU D 130 36.43 -20.22 10.91
CA LEU D 130 36.07 -20.78 9.59
C LEU D 130 36.46 -19.78 8.49
N ASP D 131 36.19 -18.50 8.71
CA ASP D 131 36.51 -17.41 7.73
C ASP D 131 38.04 -17.20 7.70
N ILE D 132 38.73 -17.35 8.84
CA ILE D 132 40.22 -17.27 8.90
C ILE D 132 40.81 -18.43 8.09
N GLU D 133 40.24 -19.64 8.21
CA GLU D 133 40.66 -20.84 7.43
C GLU D 133 40.48 -20.54 5.93
N VAL D 134 39.34 -19.97 5.53
CA VAL D 134 39.05 -19.60 4.11
C VAL D 134 40.14 -18.62 3.63
N ALA D 135 40.47 -17.60 4.42
CA ALA D 135 41.46 -16.56 4.08
C ALA D 135 42.84 -17.19 3.87
N TYR D 136 43.26 -18.05 4.80
CA TYR D 136 44.59 -18.71 4.80
C TYR D 136 44.69 -19.70 3.62
N SER D 137 43.62 -20.48 3.36
CA SER D 137 43.56 -21.48 2.26
C SER D 137 43.66 -20.78 0.89
N LEU D 138 42.94 -19.67 0.70
CA LEU D 138 43.05 -18.79 -0.50
C LEU D 138 44.50 -18.34 -0.65
N LEU D 139 45.07 -17.76 0.42
CA LEU D 139 46.40 -17.10 0.42
C LEU D 139 47.50 -18.08 0.02
N ARG D 140 47.37 -19.36 0.37
CA ARG D 140 48.40 -20.40 0.11
C ARG D 140 47.96 -21.32 -1.05
N GLY D 141 46.81 -21.05 -1.67
CA GLY D 141 46.26 -21.83 -2.79
C GLY D 141 47.08 -21.66 -4.07
N SER D 147 55.16 -14.07 -11.66
CA SER D 147 54.66 -13.50 -12.95
C SER D 147 53.85 -12.22 -12.67
N LYS D 148 52.85 -12.30 -11.80
CA LYS D 148 52.00 -11.15 -11.37
C LYS D 148 52.43 -10.71 -9.97
N ASP D 149 52.18 -9.45 -9.62
CA ASP D 149 52.36 -8.89 -8.24
C ASP D 149 51.51 -9.69 -7.26
N PRO D 150 52.07 -10.19 -6.14
CA PRO D 150 51.30 -10.89 -5.11
C PRO D 150 49.97 -10.23 -4.70
N ILE D 151 49.93 -8.88 -4.71
CA ILE D 151 48.72 -8.08 -4.36
C ILE D 151 47.64 -8.36 -5.41
N ASP D 152 48.00 -8.32 -6.69
CA ASP D 152 47.09 -8.60 -7.85
C ASP D 152 46.61 -10.05 -7.79
N VAL D 153 47.49 -11.00 -7.45
CA VAL D 153 47.18 -12.46 -7.34
C VAL D 153 46.07 -12.64 -6.29
N ASN D 154 46.25 -12.03 -5.12
CA ASN D 154 45.34 -12.20 -3.96
C ASN D 154 44.03 -11.45 -4.23
N TYR D 155 44.08 -10.31 -4.93
CA TYR D 155 42.90 -9.55 -5.39
C TYR D 155 41.98 -10.48 -6.21
N GLU D 156 42.55 -11.21 -7.17
CA GLU D 156 41.79 -12.08 -8.11
C GLU D 156 41.11 -13.22 -7.33
N LYS D 157 41.72 -13.69 -6.24
CA LYS D 157 41.19 -14.80 -5.41
C LYS D 157 39.89 -14.39 -4.70
N LEU D 158 39.65 -13.08 -4.51
CA LEU D 158 38.40 -12.56 -3.88
C LEU D 158 37.22 -12.66 -4.86
N LYS D 159 37.49 -12.85 -6.16
CA LYS D 159 36.46 -12.90 -7.24
C LYS D 159 35.46 -11.75 -7.05
N THR D 160 35.99 -10.54 -6.82
CA THR D 160 35.21 -9.30 -6.55
C THR D 160 35.86 -8.14 -7.28
N ASP D 161 35.08 -7.40 -8.08
CA ASP D 161 35.51 -6.10 -8.65
C ASP D 161 35.46 -5.06 -7.52
N ILE D 162 36.58 -4.38 -7.23
CA ILE D 162 36.68 -3.35 -6.16
C ILE D 162 37.15 -2.04 -6.79
N LYS D 163 36.29 -1.02 -6.76
CA LYS D 163 36.60 0.34 -7.28
C LYS D 163 36.50 1.35 -6.13
N VAL D 164 37.38 2.35 -6.13
CA VAL D 164 37.34 3.48 -5.15
C VAL D 164 36.24 4.44 -5.57
N VAL D 165 35.36 4.81 -4.64
CA VAL D 165 34.34 5.88 -4.84
C VAL D 165 35.03 7.22 -4.54
N ASP D 166 34.96 8.15 -5.49
CA ASP D 166 35.58 9.49 -5.41
C ASP D 166 35.01 10.24 -4.19
N ARG D 167 35.87 10.79 -3.35
CA ARG D 167 35.51 11.53 -2.12
C ARG D 167 34.57 12.70 -2.45
N ASP D 168 34.74 13.34 -3.62
CA ASP D 168 34.00 14.58 -4.00
C ASP D 168 32.67 14.22 -4.67
N SER D 169 32.40 12.93 -4.95
CA SER D 169 31.17 12.46 -5.64
C SER D 169 29.95 12.62 -4.72
N GLU D 170 28.76 12.78 -5.30
CA GLU D 170 27.47 12.82 -4.56
C GLU D 170 27.28 11.46 -3.87
N GLU D 171 27.79 10.39 -4.47
CA GLU D 171 27.76 9.00 -3.95
C GLU D 171 28.42 8.97 -2.56
N ALA D 172 29.64 9.50 -2.45
CA ALA D 172 30.42 9.57 -1.19
C ALA D 172 29.70 10.46 -0.16
N GLU D 173 29.14 11.59 -0.61
CA GLU D 173 28.42 12.56 0.27
C GLU D 173 27.24 11.85 0.94
N ILE D 174 26.46 11.06 0.19
CA ILE D 174 25.28 10.32 0.70
C ILE D 174 25.74 9.33 1.77
N ILE D 175 26.80 8.57 1.47
CA ILE D 175 27.33 7.50 2.38
C ILE D 175 27.90 8.14 3.64
N ARG D 176 28.67 9.22 3.52
CA ARG D 176 29.23 9.96 4.70
C ARG D 176 28.07 10.44 5.59
N LYS D 177 26.99 10.95 4.99
CA LYS D 177 25.79 11.44 5.72
C LYS D 177 25.10 10.29 6.45
N TYR D 178 25.01 9.12 5.83
CA TYR D 178 24.42 7.88 6.41
C TYR D 178 25.21 7.52 7.68
N VAL D 179 26.54 7.55 7.60
CA VAL D 179 27.48 7.29 8.73
C VAL D 179 27.27 8.34 9.84
N LYS D 180 27.27 9.62 9.48
CA LYS D 180 27.17 10.74 10.45
C LYS D 180 25.82 10.71 11.17
N ASN D 181 24.72 10.52 10.42
CA ASN D 181 23.34 10.69 10.94
C ASN D 181 22.90 9.51 11.82
N THR D 182 23.37 8.28 11.55
CA THR D 182 22.79 7.05 12.15
C THR D 182 23.72 6.46 13.21
N HIS D 183 24.62 7.27 13.77
CA HIS D 183 25.40 6.89 14.98
C HIS D 183 24.49 6.99 16.21
N ALA D 184 24.25 5.88 16.89
CA ALA D 184 23.33 5.77 18.04
C ALA D 184 23.88 6.53 19.25
N THR D 185 22.99 7.15 20.03
CA THR D 185 23.32 8.01 21.21
C THR D 185 24.00 7.17 22.31
N THR D 186 23.66 5.88 22.43
CA THR D 186 24.14 4.97 23.52
C THR D 186 25.43 4.27 23.10
N HIS D 187 25.90 4.43 21.86
CA HIS D 187 27.20 3.91 21.38
C HIS D 187 28.22 5.06 21.37
N ASN D 188 28.55 5.59 22.54
CA ASN D 188 29.35 6.84 22.70
C ASN D 188 30.80 6.51 23.10
N ALA D 189 31.23 5.25 22.92
CA ALA D 189 32.61 4.78 23.20
C ALA D 189 33.57 5.24 22.11
N TYR D 190 33.06 5.55 20.90
CA TYR D 190 33.88 5.98 19.73
C TYR D 190 33.07 6.91 18.81
N ASP D 191 33.80 7.70 18.02
CA ASP D 191 33.31 8.46 16.84
C ASP D 191 33.79 7.72 15.60
N LEU D 192 33.09 7.87 14.48
CA LEU D 192 33.42 7.18 13.19
C LEU D 192 33.86 8.23 12.16
N GLU D 193 34.90 7.88 11.39
CA GLU D 193 35.44 8.69 10.27
C GLU D 193 35.63 7.76 9.07
N VAL D 194 35.00 8.10 7.93
CA VAL D 194 35.16 7.36 6.65
C VAL D 194 36.55 7.66 6.09
N ILE D 195 37.40 6.65 5.94
CA ILE D 195 38.73 6.76 5.29
C ILE D 195 38.54 6.55 3.78
N ASP D 196 38.03 5.38 3.38
CA ASP D 196 37.82 4.99 1.97
C ASP D 196 36.42 4.39 1.81
N ILE D 197 35.81 4.65 0.66
CA ILE D 197 34.55 3.99 0.20
C ILE D 197 34.88 3.20 -1.06
N PHE D 198 34.59 1.90 -1.03
CA PHE D 198 34.79 0.97 -2.17
C PHE D 198 33.42 0.54 -2.70
N LYS D 199 33.24 0.61 -4.02
CA LYS D 199 32.10 -0.03 -4.73
C LYS D 199 32.55 -1.44 -5.10
N ILE D 200 31.77 -2.45 -4.72
CA ILE D 200 32.16 -3.89 -4.86
C ILE D 200 31.10 -4.63 -5.67
N GLU D 201 31.53 -5.55 -6.51
CA GLU D 201 30.66 -6.46 -7.31
C GLU D 201 31.23 -7.86 -7.19
N ARG D 202 30.63 -8.70 -6.34
CA ARG D 202 31.03 -10.12 -6.17
C ARG D 202 30.59 -10.88 -7.42
N GLU D 203 31.49 -11.68 -8.03
CA GLU D 203 31.18 -12.48 -9.23
C GLU D 203 29.98 -13.40 -8.95
N GLY D 204 28.99 -13.40 -9.84
CA GLY D 204 27.79 -14.25 -9.73
C GLY D 204 26.69 -13.64 -8.88
N GLU D 205 26.94 -12.58 -8.12
CA GLU D 205 25.97 -12.09 -7.10
C GLU D 205 24.79 -11.37 -7.79
N CYS D 206 25.05 -10.61 -8.84
CA CYS D 206 24.00 -9.89 -9.63
C CYS D 206 22.98 -10.92 -10.16
N GLN D 207 23.45 -11.99 -10.80
CA GLN D 207 22.60 -13.07 -11.37
C GLN D 207 21.81 -13.74 -10.26
N ARG D 208 22.47 -14.02 -9.12
CA ARG D 208 21.86 -14.68 -7.93
C ARG D 208 20.77 -13.78 -7.34
N TYR D 209 21.00 -12.46 -7.29
CA TYR D 209 20.09 -11.46 -6.69
C TYR D 209 18.90 -11.17 -7.62
N LYS D 210 19.07 -11.40 -8.93
CA LYS D 210 18.13 -10.95 -10.00
C LYS D 210 16.68 -11.25 -9.62
N PRO D 211 16.32 -12.49 -9.19
CA PRO D 211 14.92 -12.82 -8.89
C PRO D 211 14.31 -11.93 -7.78
N PHE D 212 15.12 -11.56 -6.78
CA PHE D 212 14.69 -10.76 -5.60
C PHE D 212 14.72 -9.26 -5.90
N LYS D 213 15.35 -8.88 -7.01
CA LYS D 213 15.40 -7.47 -7.49
C LYS D 213 13.98 -6.97 -7.78
N GLN D 214 13.03 -7.88 -8.04
CA GLN D 214 11.58 -7.63 -8.31
C GLN D 214 10.77 -7.47 -7.02
N LEU D 215 11.32 -7.90 -5.89
CA LEU D 215 10.69 -7.72 -4.57
C LEU D 215 10.68 -6.23 -4.21
N HIS D 216 9.61 -5.75 -3.58
CA HIS D 216 9.49 -4.33 -3.13
C HIS D 216 10.31 -4.15 -1.86
N ASN D 217 10.47 -2.92 -1.38
CA ASN D 217 11.08 -2.61 -0.06
C ASN D 217 12.53 -3.11 -0.07
N ARG D 218 13.30 -2.70 -1.08
CA ARG D 218 14.76 -2.93 -1.15
C ARG D 218 15.44 -1.77 -0.42
N ARG D 219 16.36 -2.09 0.51
CA ARG D 219 16.92 -1.12 1.48
C ARG D 219 18.44 -1.28 1.56
N LEU D 220 19.17 -0.16 1.60
CA LEU D 220 20.64 -0.13 1.78
C LEU D 220 20.92 -0.14 3.29
N LEU D 221 21.49 -1.24 3.80
CA LEU D 221 21.64 -1.53 5.24
C LEU D 221 23.09 -1.91 5.57
N TRP D 222 23.45 -1.73 6.83
CA TRP D 222 24.82 -1.95 7.37
C TRP D 222 24.98 -3.41 7.77
N HIS D 223 26.18 -3.95 7.56
CA HIS D 223 26.63 -5.27 8.09
C HIS D 223 28.10 -5.15 8.53
N GLY D 224 28.33 -5.20 9.84
CA GLY D 224 29.65 -5.17 10.45
C GLY D 224 30.19 -6.56 10.67
N SER D 225 31.51 -6.71 10.61
CA SER D 225 32.21 -7.99 10.87
C SER D 225 33.70 -7.70 11.14
N ARG D 226 34.36 -8.63 11.83
CA ARG D 226 35.82 -8.58 12.09
C ARG D 226 36.55 -8.55 10.75
N THR D 227 37.65 -7.81 10.67
CA THR D 227 38.48 -7.65 9.45
C THR D 227 38.94 -9.02 8.95
N THR D 228 39.23 -9.96 9.87
CA THR D 228 39.73 -11.33 9.55
C THR D 228 38.64 -12.17 8.86
N ASN D 229 37.41 -11.67 8.75
CA ASN D 229 36.30 -12.39 8.07
C ASN D 229 36.15 -11.97 6.60
N PHE D 230 36.80 -10.88 6.17
CA PHE D 230 36.41 -10.18 4.90
C PHE D 230 36.90 -10.92 3.66
N ALA D 231 37.98 -11.71 3.75
CA ALA D 231 38.42 -12.60 2.64
C ALA D 231 37.29 -13.60 2.36
N GLY D 232 36.74 -14.19 3.42
CA GLY D 232 35.60 -15.13 3.36
C GLY D 232 34.36 -14.44 2.84
N ILE D 233 34.05 -13.25 3.35
CA ILE D 233 32.83 -12.47 2.97
C ILE D 233 32.91 -12.10 1.49
N LEU D 234 34.03 -11.56 1.02
CA LEU D 234 34.17 -11.14 -0.40
C LEU D 234 34.18 -12.35 -1.34
N SER D 235 34.84 -13.46 -0.97
CA SER D 235 34.95 -14.64 -1.86
C SER D 235 33.64 -15.46 -1.87
N GLN D 236 32.92 -15.54 -0.74
CA GLN D 236 31.75 -16.45 -0.61
C GLN D 236 30.45 -15.68 -0.32
N GLY D 237 30.53 -14.38 -0.03
CA GLY D 237 29.34 -13.55 0.28
C GLY D 237 28.89 -13.74 1.70
N LEU D 238 27.86 -12.98 2.12
CA LEU D 238 27.26 -13.18 3.46
C LEU D 238 26.55 -14.54 3.46
N ARG D 239 26.76 -15.29 4.54
CA ARG D 239 26.26 -16.67 4.67
C ARG D 239 25.43 -16.77 5.94
N ILE D 240 24.58 -17.78 5.98
CA ILE D 240 23.77 -18.19 7.16
C ILE D 240 24.57 -19.24 7.91
N ALA D 241 24.53 -19.23 9.25
CA ALA D 241 25.14 -20.25 10.12
C ALA D 241 24.73 -21.63 9.61
N PRO D 242 25.66 -22.62 9.56
CA PRO D 242 25.33 -23.96 9.05
C PRO D 242 24.39 -24.70 9.99
N PRO D 243 23.67 -25.76 9.52
CA PRO D 243 22.77 -26.54 10.38
C PRO D 243 23.42 -27.05 11.67
N GLU D 244 24.70 -27.46 11.61
CA GLU D 244 25.44 -28.08 12.74
C GLU D 244 25.72 -27.05 13.85
N ALA D 245 25.69 -25.75 13.54
CA ALA D 245 25.88 -24.66 14.52
C ALA D 245 24.74 -24.71 15.52
N PRO D 246 24.99 -24.46 16.82
CA PRO D 246 23.91 -24.41 17.82
C PRO D 246 22.95 -23.23 17.58
N VAL D 247 21.70 -23.38 18.02
CA VAL D 247 20.57 -22.43 17.73
C VAL D 247 20.57 -21.28 18.74
N THR D 248 21.33 -21.42 19.83
CA THR D 248 21.45 -20.44 20.94
C THR D 248 21.94 -19.08 20.44
N GLY D 249 21.30 -17.99 20.88
CA GLY D 249 21.83 -16.61 20.77
C GLY D 249 21.35 -15.91 19.51
N TYR D 250 20.67 -16.62 18.62
CA TYR D 250 20.04 -16.09 17.38
C TYR D 250 18.63 -15.60 17.72
N MET D 251 18.50 -14.32 18.06
CA MET D 251 17.23 -13.65 18.49
C MET D 251 16.09 -13.96 17.51
N PHE D 252 16.35 -13.93 16.20
CA PHE D 252 15.36 -14.17 15.13
C PHE D 252 15.80 -15.35 14.24
N GLY D 253 16.51 -16.31 14.82
CA GLY D 253 16.93 -17.55 14.15
C GLY D 253 18.15 -17.35 13.26
N LYS D 254 18.55 -18.41 12.55
CA LYS D 254 19.72 -18.43 11.64
C LYS D 254 19.36 -17.70 10.34
N GLY D 255 19.85 -16.47 10.20
CA GLY D 255 19.67 -15.65 9.00
C GLY D 255 20.84 -14.70 8.85
N ILE D 256 20.74 -13.76 7.92
CA ILE D 256 21.72 -12.66 7.73
C ILE D 256 21.12 -11.41 8.37
N TYR D 257 21.85 -10.81 9.34
CA TYR D 257 21.40 -9.68 10.18
C TYR D 257 22.01 -8.38 9.65
N PHE D 258 21.20 -7.32 9.59
CA PHE D 258 21.59 -5.95 9.14
C PHE D 258 21.01 -4.91 10.10
N ALA D 259 21.67 -3.75 10.18
CA ALA D 259 21.24 -2.56 10.95
C ALA D 259 20.93 -1.41 9.99
N ASP D 260 20.11 -0.46 10.41
CA ASP D 260 19.93 0.85 9.73
C ASP D 260 20.70 1.93 10.51
N MET D 261 21.28 1.58 11.67
CA MET D 261 22.16 2.48 12.47
C MET D 261 23.60 1.98 12.32
N VAL D 262 24.49 2.82 11.78
CA VAL D 262 25.90 2.44 11.45
C VAL D 262 26.59 1.88 12.70
N SER D 263 26.34 2.44 13.88
CA SER D 263 27.07 2.11 15.14
C SER D 263 26.64 0.72 15.66
N LYS D 264 25.41 0.29 15.41
CA LYS D 264 24.94 -1.07 15.80
C LYS D 264 25.78 -2.09 15.02
N SER D 265 25.99 -1.86 13.73
CA SER D 265 26.83 -2.73 12.86
C SER D 265 28.32 -2.54 13.18
N ALA D 266 28.78 -1.30 13.40
CA ALA D 266 30.20 -0.96 13.64
C ALA D 266 30.71 -1.70 14.89
N ASN D 267 29.84 -1.92 15.88
CA ASN D 267 30.17 -2.66 17.13
C ASN D 267 30.65 -4.09 16.79
N TYR D 268 30.15 -4.68 15.70
CA TYR D 268 30.50 -6.07 15.29
C TYR D 268 31.83 -6.13 14.54
N CYS D 269 32.46 -4.98 14.26
CA CYS D 269 33.85 -4.90 13.73
C CYS D 269 34.85 -5.34 14.82
N HIS D 270 34.46 -5.25 16.09
CA HIS D 270 35.31 -5.58 17.28
C HIS D 270 36.68 -4.89 17.15
N THR D 271 36.68 -3.61 16.79
CA THR D 271 37.89 -2.75 16.74
C THR D 271 38.26 -2.32 18.17
N SER D 272 39.50 -1.90 18.37
CA SER D 272 40.04 -1.45 19.69
C SER D 272 41.01 -0.28 19.46
N GLN D 273 41.46 0.38 20.53
CA GLN D 273 42.41 1.51 20.46
C GLN D 273 43.69 1.06 19.75
N GLY D 274 44.09 -0.21 19.93
CA GLY D 274 45.29 -0.81 19.33
C GLY D 274 45.16 -1.03 17.84
N ASP D 275 43.93 -1.26 17.36
CA ASP D 275 43.60 -1.55 15.94
C ASP D 275 42.30 -0.84 15.59
N PRO D 276 42.31 0.51 15.47
CA PRO D 276 41.08 1.29 15.36
C PRO D 276 40.50 1.42 13.94
N ILE D 277 40.97 0.59 13.00
CA ILE D 277 40.51 0.56 11.59
C ILE D 277 39.62 -0.67 11.40
N GLY D 278 38.38 -0.45 10.96
CA GLY D 278 37.37 -1.51 10.74
C GLY D 278 36.79 -1.46 9.34
N LEU D 279 36.20 -2.57 8.92
CA LEU D 279 35.51 -2.72 7.61
C LEU D 279 34.01 -2.96 7.87
N ILE D 280 33.15 -2.26 7.13
CA ILE D 280 31.68 -2.40 7.26
C ILE D 280 31.09 -2.41 5.84
N LEU D 281 30.06 -3.23 5.63
CA LEU D 281 29.39 -3.37 4.32
C LEU D 281 28.13 -2.51 4.29
N LEU D 282 27.82 -1.97 3.11
CA LEU D 282 26.44 -1.57 2.72
C LEU D 282 25.92 -2.59 1.72
N GLY D 283 24.89 -3.33 2.10
CA GLY D 283 24.18 -4.31 1.25
C GLY D 283 22.81 -3.80 0.85
N GLU D 284 22.43 -4.00 -0.41
CA GLU D 284 21.04 -3.89 -0.85
C GLU D 284 20.33 -5.18 -0.41
N VAL D 285 19.37 -5.07 0.49
CA VAL D 285 18.60 -6.22 1.04
C VAL D 285 17.17 -6.14 0.49
N ALA D 286 16.72 -7.19 -0.19
CA ALA D 286 15.33 -7.33 -0.69
C ALA D 286 14.44 -7.79 0.47
N LEU D 287 13.87 -6.83 1.22
CA LEU D 287 13.11 -7.10 2.46
C LEU D 287 11.68 -7.55 2.13
N GLY D 288 11.10 -7.00 1.07
CA GLY D 288 9.68 -7.26 0.70
C GLY D 288 8.77 -6.98 1.88
N ASN D 289 7.81 -7.87 2.12
CA ASN D 289 6.84 -7.80 3.25
C ASN D 289 7.56 -8.24 4.51
N MET D 290 7.80 -7.29 5.43
CA MET D 290 8.57 -7.52 6.68
C MET D 290 7.63 -8.06 7.75
N TYR D 291 8.02 -9.17 8.37
CA TYR D 291 7.41 -9.73 9.61
C TYR D 291 7.99 -8.93 10.78
N GLU D 292 7.19 -8.02 11.35
CA GLU D 292 7.64 -7.03 12.35
C GLU D 292 7.46 -7.62 13.75
N LEU D 293 8.55 -7.74 14.50
CA LEU D 293 8.59 -8.42 15.83
C LEU D 293 9.29 -7.51 16.85
N LYS D 294 8.83 -7.54 18.10
CA LYS D 294 9.36 -6.71 19.21
C LYS D 294 10.26 -7.56 20.11
N HIS D 295 10.19 -8.90 20.02
CA HIS D 295 10.82 -9.84 20.97
C HIS D 295 11.38 -11.06 20.21
N ALA D 296 12.33 -11.76 20.84
CA ALA D 296 12.97 -12.99 20.31
C ALA D 296 11.89 -14.00 19.90
N SER D 297 12.05 -14.63 18.74
CA SER D 297 11.04 -15.57 18.20
C SER D 297 11.71 -16.70 17.43
N HIS D 298 11.31 -17.96 17.67
CA HIS D 298 11.47 -19.06 16.69
C HIS D 298 10.45 -18.87 15.57
N ILE D 299 10.86 -18.25 14.46
CA ILE D 299 10.26 -18.48 13.11
C ILE D 299 10.82 -19.81 12.60
N SER D 300 9.95 -20.81 12.41
CA SER D 300 10.23 -22.14 11.82
C SER D 300 10.18 -22.08 10.28
N LYS D 301 9.22 -21.34 9.75
CA LYS D 301 9.22 -20.80 8.37
C LYS D 301 8.63 -19.40 8.53
N LEU D 302 9.06 -18.39 7.74
CA LEU D 302 8.36 -17.08 7.67
C LEU D 302 6.89 -17.32 7.33
N PRO D 303 5.95 -16.50 7.86
CA PRO D 303 4.55 -16.61 7.45
C PRO D 303 4.46 -16.43 5.93
N LYS D 304 3.51 -17.10 5.28
CA LYS D 304 3.29 -16.98 3.81
C LYS D 304 3.10 -15.50 3.45
N GLY D 305 3.87 -15.01 2.49
CA GLY D 305 3.81 -13.62 1.99
C GLY D 305 4.77 -12.69 2.71
N LYS D 306 5.54 -13.20 3.68
CA LYS D 306 6.61 -12.44 4.40
C LYS D 306 7.96 -12.89 3.85
N HIS D 307 8.89 -11.96 3.65
CA HIS D 307 10.19 -12.19 2.96
C HIS D 307 11.37 -11.92 3.90
N SER D 308 11.11 -11.33 5.06
CA SER D 308 12.16 -10.87 6.01
C SER D 308 11.52 -10.64 7.39
N VAL D 309 12.37 -10.53 8.41
CA VAL D 309 11.97 -10.06 9.76
C VAL D 309 12.56 -8.67 9.98
N LYS D 310 11.77 -7.76 10.53
CA LYS D 310 12.25 -6.49 11.13
C LYS D 310 12.05 -6.58 12.64
N GLY D 311 13.15 -6.60 13.40
CA GLY D 311 13.14 -6.33 14.84
C GLY D 311 12.93 -4.84 15.08
N LEU D 312 11.88 -4.49 15.82
CA LEU D 312 11.45 -3.08 16.01
C LEU D 312 12.21 -2.46 17.19
N GLY D 313 13.04 -1.46 16.92
CA GLY D 313 13.77 -0.69 17.94
C GLY D 313 12.93 0.44 18.51
N LYS D 314 13.31 0.95 19.68
CA LYS D 314 12.72 2.16 20.30
C LYS D 314 13.12 3.39 19.47
N THR D 315 14.27 3.31 18.78
CA THR D 315 14.86 4.38 17.94
C THR D 315 14.96 3.91 16.50
N THR D 316 14.59 4.78 15.55
CA THR D 316 14.56 4.51 14.09
C THR D 316 15.06 5.76 13.35
N PRO D 317 15.81 5.61 12.23
CA PRO D 317 16.16 6.75 11.39
C PRO D 317 14.91 7.54 10.99
N ASP D 318 14.97 8.87 11.08
CA ASP D 318 13.86 9.79 10.72
C ASP D 318 13.38 9.43 9.31
N PRO D 319 12.16 8.85 9.17
CA PRO D 319 11.65 8.44 7.86
C PRO D 319 11.51 9.59 6.85
N SER D 320 11.32 10.83 7.33
CA SER D 320 11.17 12.04 6.47
C SER D 320 12.49 12.33 5.72
N ALA D 321 13.62 11.80 6.20
CA ALA D 321 14.95 11.96 5.59
C ALA D 321 15.30 10.74 4.71
N ASN D 322 14.41 9.75 4.58
CA ASN D 322 14.58 8.61 3.64
CA ASN D 322 14.66 8.61 3.66
C ASN D 322 14.75 9.13 2.22
N ILE D 323 15.72 8.62 1.47
CA ILE D 323 15.89 8.92 0.01
C ILE D 323 15.90 7.60 -0.77
N SER D 324 15.46 7.64 -2.03
CA SER D 324 15.50 6.52 -3.00
C SER D 324 16.62 6.77 -4.01
N LEU D 325 17.63 5.88 -4.01
CA LEU D 325 18.76 5.86 -4.98
C LEU D 325 18.64 4.61 -5.84
N ASP D 326 18.33 4.75 -7.12
CA ASP D 326 18.26 3.61 -8.10
C ASP D 326 17.28 2.56 -7.55
N GLY D 327 16.11 3.00 -7.06
CA GLY D 327 15.02 2.14 -6.58
C GLY D 327 15.28 1.51 -5.22
N VAL D 328 16.33 1.95 -4.50
CA VAL D 328 16.71 1.41 -3.17
C VAL D 328 16.58 2.54 -2.13
N ASP D 329 15.89 2.24 -1.03
CA ASP D 329 15.70 3.19 0.11
C ASP D 329 17.00 3.25 0.92
N VAL D 330 17.45 4.47 1.22
CA VAL D 330 18.60 4.75 2.14
C VAL D 330 18.04 5.48 3.36
N PRO D 331 17.91 4.80 4.53
CA PRO D 331 17.35 5.43 5.73
C PRO D 331 18.43 6.21 6.50
N LEU D 332 18.87 7.34 5.94
CA LEU D 332 20.03 8.09 6.49
C LEU D 332 19.56 9.23 7.42
N GLY D 333 18.31 9.20 7.86
CA GLY D 333 17.78 10.15 8.86
C GLY D 333 18.42 9.92 10.22
N THR D 334 18.54 10.97 11.03
CA THR D 334 18.95 10.94 12.46
C THR D 334 17.98 10.03 13.24
N GLY D 335 18.50 9.28 14.21
CA GLY D 335 17.70 8.42 15.11
C GLY D 335 16.69 9.23 15.89
N ILE D 336 15.41 8.90 15.76
CA ILE D 336 14.27 9.50 16.53
C ILE D 336 13.48 8.37 17.18
N SER D 337 12.58 8.70 18.10
CA SER D 337 11.62 7.75 18.73
C SER D 337 10.74 7.13 17.64
N SER D 338 10.69 5.80 17.58
CA SER D 338 9.74 5.03 16.74
C SER D 338 8.32 5.10 17.31
N GLY D 339 8.16 5.38 18.60
CA GLY D 339 6.84 5.33 19.25
C GLY D 339 6.46 3.92 19.66
N VAL D 340 7.37 2.95 19.49
CA VAL D 340 7.27 1.58 20.07
C VAL D 340 8.09 1.54 21.36
N ASN D 341 7.43 1.38 22.52
CA ASN D 341 8.08 1.35 23.85
C ASN D 341 8.24 -0.10 24.33
N ASP D 342 7.35 -1.01 23.90
CA ASP D 342 7.21 -2.39 24.43
C ASP D 342 8.08 -3.36 23.62
N THR D 343 9.38 -3.09 23.52
CA THR D 343 10.33 -3.83 22.64
C THR D 343 11.60 -4.20 23.41
N SER D 344 12.21 -5.33 23.05
CA SER D 344 13.49 -5.85 23.59
C SER D 344 14.67 -5.08 22.98
N LEU D 345 14.47 -4.36 21.87
CA LEU D 345 15.55 -3.75 21.06
C LEU D 345 15.57 -2.22 21.25
N LEU D 346 16.77 -1.65 21.38
CA LEU D 346 16.98 -0.18 21.34
C LEU D 346 16.89 0.30 19.89
N TYR D 347 17.40 -0.50 18.94
CA TYR D 347 17.56 -0.14 17.52
C TYR D 347 16.99 -1.25 16.63
N ASN D 348 16.57 -0.87 15.42
CA ASN D 348 16.00 -1.81 14.42
C ASN D 348 17.04 -2.88 14.07
N GLU D 349 16.55 -3.97 13.51
CA GLU D 349 17.34 -5.12 13.05
C GLU D 349 16.56 -5.74 11.89
N TYR D 350 17.25 -6.18 10.83
CA TYR D 350 16.63 -6.79 9.63
C TYR D 350 17.30 -8.13 9.35
N ILE D 351 16.49 -9.16 9.14
CA ILE D 351 16.99 -10.55 8.93
C ILE D 351 16.34 -11.12 7.67
N VAL D 352 17.17 -11.69 6.77
CA VAL D 352 16.71 -12.50 5.62
C VAL D 352 17.25 -13.92 5.80
N TYR D 353 16.53 -14.90 5.25
CA TYR D 353 16.77 -16.35 5.49
C TYR D 353 17.18 -17.03 4.18
N ASP D 354 17.45 -16.24 3.14
CA ASP D 354 17.95 -16.70 1.83
C ASP D 354 19.14 -15.81 1.44
N ILE D 355 20.32 -16.40 1.22
CA ILE D 355 21.58 -15.67 0.89
C ILE D 355 21.40 -14.86 -0.41
N ALA D 356 20.48 -15.27 -1.30
CA ALA D 356 20.24 -14.63 -2.61
C ALA D 356 19.50 -13.28 -2.45
N GLN D 357 18.98 -12.96 -1.27
CA GLN D 357 18.22 -11.71 -0.99
C GLN D 357 19.17 -10.54 -0.67
N VAL D 358 20.49 -10.76 -0.73
CA VAL D 358 21.53 -9.73 -0.43
C VAL D 358 22.36 -9.45 -1.68
N ASN D 359 22.54 -8.18 -2.02
CA ASN D 359 23.50 -7.71 -3.06
C ASN D 359 24.43 -6.69 -2.39
N LEU D 360 25.67 -7.08 -2.10
CA LEU D 360 26.68 -6.18 -1.48
C LEU D 360 27.01 -5.08 -2.49
N LYS D 361 26.98 -3.81 -2.05
CA LYS D 361 27.17 -2.61 -2.91
C LYS D 361 28.48 -1.90 -2.56
N TYR D 362 28.70 -1.62 -1.27
CA TYR D 362 29.86 -0.84 -0.79
C TYR D 362 30.54 -1.54 0.39
N LEU D 363 31.85 -1.31 0.49
CA LEU D 363 32.70 -1.65 1.65
C LEU D 363 33.37 -0.36 2.11
N LEU D 364 33.17 0.03 3.36
CA LEU D 364 33.77 1.24 3.97
C LEU D 364 34.93 0.83 4.88
N LYS D 365 36.07 1.49 4.73
CA LYS D 365 37.15 1.48 5.74
C LYS D 365 36.89 2.65 6.69
N LEU D 366 36.56 2.35 7.95
CA LEU D 366 36.22 3.34 9.00
C LEU D 366 37.38 3.46 9.98
N LYS D 367 37.70 4.70 10.37
CA LYS D 367 38.54 5.02 11.56
C LYS D 367 37.59 5.11 12.76
N PHE D 368 37.88 4.34 13.81
CA PHE D 368 37.22 4.42 15.14
C PHE D 368 38.07 5.31 16.04
N ASN D 369 37.56 6.49 16.38
CA ASN D 369 38.20 7.46 17.32
C ASN D 369 37.58 7.25 18.70
N PHE D 370 38.25 6.49 19.58
CA PHE D 370 37.80 6.16 20.95
C PHE D 370 37.98 7.37 21.86
N LYS D 371 37.07 7.55 22.83
CA LYS D 371 36.95 8.78 23.67
C LYS D 371 37.90 8.69 24.87
N THR D 372 38.30 7.47 25.28
CA THR D 372 39.16 7.20 26.46
C THR D 372 38.52 7.78 27.73
#